data_2IAE
#
_entry.id   2IAE
#
_cell.length_a   265.301
_cell.length_b   265.301
_cell.length_c   265.301
_cell.angle_alpha   90.00
_cell.angle_beta   90.00
_cell.angle_gamma   90.00
#
_symmetry.space_group_name_H-M   'P 21 3'
#
loop_
_entity.id
_entity.type
_entity.pdbx_description
1 polymer 'Serine/threonine-protein phosphatase 2A 65 kDa regulatory subunit A alpha isoform'
2 polymer 'Serine/threonine-protein phosphatase 2A 56 kDa regulatory subunit gamma isoform'
3 polymer 'Serine/threonine-protein phosphatase 2A catalytic subunit alpha isoform'
4 polymer microcystin-LR
5 non-polymer 'MANGANESE (II) ION'
#
loop_
_entity_poly.entity_id
_entity_poly.type
_entity_poly.pdbx_seq_one_letter_code
_entity_poly.pdbx_strand_id
1 'polypeptide(L)'
;MAAADGDDSLYPIAVLIDELRNEDVQLRLNSIKKLSTIALALGVERTRSELLPFLTDTIYDEDEVLLALAEQLGTFTTLV
GGPEYVHCLLPPLESLATVEETVVRDKAVESLRAISHEHSPSDLEAHFVPLVKRLAGGDWFTSRTSACGLFSVCYPRVSS
AVKAELRQYFRNLCSDDTPMVRRAAASKLGEFAKVLELDNVKSEIIPMFSNLASDEQDSVRLLAVEACVNIAQLLPQEDL
EALVMPTLRQAAEDKSWRVRYMVADKFTELQKAVGPEITKTDLVPAFQNLMKDCEAEVRAAASHKVKEFCENLSADCREN
VIMTQILPCIKELVSDANQHVKSALASVIMGLSPILGKDNTIEHLLPLFLAQLKDECPEVRLNIISNLDCVNEVIGIRQL
SQSLLPAIVELAEDAKWRVRLAIIEYMPLLAGQLGVEFFDEKLNSLCMAWLVDHVYAIREAATSNLKKLVEKFGKEWAHA
TIIPKVLAMSGDPNYLHRMTTLFCINVLSEVCGQDITTKHMLPTVLRMAGDPVANVRFNVAKSLQKIGPILDNSTLQSEV
KPILEKLTQDQDVDVKYFAQEALTVLSLA
;
A,D
2 'polypeptide(L)'
;IRDVPPADQEKLFIQKLRQCCVLFDFVSDPLSDLKWKEVKRAALSEMVEYITHNRNVITEPIYPEVVHMFAVNMFRTLPP
SSNPTGAEFDPEEDEPTLEAAWPHLQLVYEFFLRFLESPDFQPNIAKKYIDQKFVLQLLELFDSEDPRERDFLKTTLHRI
YGKFLGLRAYIRKQINNIFYRFIYETEHHNGIAELLEILGSIINGFALPLKEEHKIFLLKVLLPLHKVKSLSVYHPQLAY
CVVQFLEKDSTLTEPVVMALLKYWPKTHSPKEVMFLNELEEILDVIEPSEFVKIMEPLFRQLAKCVSSPHFQVAERALYY
WNNEYIMSLISDNAAKILPIMFPSLYRNSKTHWNKTIHGLIYNALKLFMEMNQKLFDDCTQQFKAEKLKEKLKMKEREEA
WVKIENL
;
B,E
3 'polypeptide(L)'
;MDEKVFTKELDQWIEQLNECKQLSESQVKSLCEKAKEILTKESNVQEVRCPVTVCGDVHGQFHDLMELFRIGGKSPDTNY
LFMGDYVNRGYYSVETVTLLVALKVRYRERITILRGNHESRQITQVYGFYDECLRKYGNANVWKYFTDLFDYLPLTALVD
GQIFCLHGGLSPSIDTLDHIRALDRLQEVPHEGPMCDLLWSDPDDRGGWGISPRGAGYTFGQDISETFNHANGLTLVSRA
HQLVMEGYNWCHDRNVVTIFSAPNYCYRCGNQAAIMELDDTLKYSFLQFDPAPRRGEPHVTRRTPDYF(MLL)
;
C,F
4 'polypeptide(L)' (DAL)L(ACB)R(1ZN)(FGA)(DAM) M,N
#
loop_
_chem_comp.id
_chem_comp.type
_chem_comp.name
_chem_comp.formula
1ZN peptide-like '(2S,3S,4E,6E,8S,9S)-3-amino-9-methoxy-2,6,8-trimethyl-10-phenyldeca-4,6-dienoic acid' 'C20 H29 N O3'
ACB D-beta-peptide, C-gamma linking '3-METHYL-BETA-D-ASPARTIC ACID' 'C5 H9 N O4'
FGA D-gamma-peptide, C-delta linking 'GAMMA-D-GLUTAMIC ACID' 'C5 H9 N O4'
MN non-polymer 'MANGANESE (II) ION' 'Mn 2'
#
# COMPACT_ATOMS: atom_id res chain seq x y z
N ASP A 7 17.36 -27.42 -59.44
CA ASP A 7 17.93 -28.74 -59.83
C ASP A 7 18.79 -29.34 -58.71
N ASP A 8 18.26 -30.33 -58.02
CA ASP A 8 18.94 -30.98 -56.91
C ASP A 8 18.54 -32.46 -56.78
N SER A 9 19.50 -33.31 -56.44
CA SER A 9 19.32 -34.77 -56.45
C SER A 9 18.84 -35.36 -55.11
N LEU A 10 19.40 -34.88 -53.99
CA LEU A 10 19.07 -35.40 -52.66
C LEU A 10 17.70 -34.95 -52.14
N TYR A 11 17.39 -35.29 -50.89
CA TYR A 11 16.03 -35.18 -50.33
C TYR A 11 15.79 -34.32 -49.05
N PRO A 12 16.86 -33.72 -48.46
CA PRO A 12 16.78 -33.28 -47.05
C PRO A 12 15.73 -32.23 -46.68
N ILE A 13 15.62 -31.17 -47.47
CA ILE A 13 14.92 -29.93 -47.05
C ILE A 13 13.51 -30.05 -46.41
N ALA A 14 12.43 -29.99 -47.19
CA ALA A 14 11.08 -29.99 -46.64
C ALA A 14 10.01 -30.66 -47.49
N VAL A 15 9.67 -31.90 -47.13
CA VAL A 15 8.64 -32.71 -47.82
C VAL A 15 7.89 -33.57 -46.81
N LEU A 16 8.65 -34.16 -45.88
CA LEU A 16 8.24 -35.30 -45.04
C LEU A 16 6.81 -35.31 -44.45
N ILE A 17 6.33 -34.16 -43.95
CA ILE A 17 5.13 -34.14 -43.10
C ILE A 17 3.78 -33.76 -43.76
N ASP A 18 2.73 -34.48 -43.34
CA ASP A 18 1.33 -34.14 -43.65
C ASP A 18 0.68 -33.55 -42.38
N GLU A 19 1.30 -32.50 -41.82
CA GLU A 19 0.99 -32.07 -40.44
C GLU A 19 0.75 -30.57 -40.18
N LEU A 20 1.08 -29.70 -41.14
CA LEU A 20 0.97 -28.25 -40.92
C LEU A 20 -0.46 -27.74 -40.70
N ARG A 21 -1.41 -28.28 -41.47
CA ARG A 21 -2.83 -28.06 -41.23
C ARG A 21 -3.41 -29.26 -40.47
N ASN A 22 -3.97 -29.00 -39.28
CA ASN A 22 -4.25 -30.05 -38.29
C ASN A 22 -5.73 -30.40 -38.04
N GLU A 23 -5.95 -31.66 -37.68
CA GLU A 23 -7.27 -32.19 -37.32
C GLU A 23 -7.33 -32.59 -35.85
N ASP A 24 -6.23 -33.17 -35.38
CA ASP A 24 -6.12 -33.72 -34.03
C ASP A 24 -5.28 -32.80 -33.13
N VAL A 25 -4.70 -33.37 -32.07
CA VAL A 25 -3.87 -32.62 -31.14
C VAL A 25 -2.39 -32.92 -31.38
N GLN A 26 -2.05 -34.20 -31.46
CA GLN A 26 -0.67 -34.61 -31.71
C GLN A 26 -0.19 -34.32 -33.13
N LEU A 27 -1.14 -34.16 -34.06
CA LEU A 27 -0.83 -33.74 -35.43
C LEU A 27 -0.26 -32.32 -35.44
N ARG A 28 -0.84 -31.47 -34.61
CA ARG A 28 -0.39 -30.08 -34.43
C ARG A 28 0.85 -30.03 -33.53
N LEU A 29 0.86 -30.87 -32.48
CA LEU A 29 1.98 -30.93 -31.54
C LEU A 29 3.28 -31.38 -32.21
N ASN A 30 3.17 -32.34 -33.13
CA ASN A 30 4.33 -32.87 -33.83
C ASN A 30 4.84 -31.91 -34.90
N SER A 31 4.01 -30.93 -35.26
CA SER A 31 4.39 -29.87 -36.19
C SER A 31 5.32 -28.86 -35.52
N ILE A 32 5.02 -28.52 -34.27
CA ILE A 32 5.81 -27.55 -33.51
C ILE A 32 7.04 -28.21 -32.87
N LYS A 33 6.96 -29.51 -32.62
CA LYS A 33 8.10 -30.30 -32.15
C LYS A 33 9.12 -30.46 -33.27
N LYS A 34 8.62 -30.44 -34.51
CA LYS A 34 9.45 -30.51 -35.71
C LYS A 34 9.56 -29.14 -36.40
N LEU A 35 9.33 -28.06 -35.64
CA LEU A 35 9.58 -26.70 -36.12
C LEU A 35 11.09 -26.43 -36.13
N SER A 36 11.80 -27.27 -35.37
CA SER A 36 13.27 -27.29 -35.31
C SER A 36 13.94 -27.37 -36.69
N THR A 37 13.23 -27.94 -37.66
CA THR A 37 13.70 -28.00 -39.04
C THR A 37 12.62 -27.50 -40.02
N ILE A 38 12.21 -26.25 -39.86
CA ILE A 38 11.34 -25.58 -40.84
C ILE A 38 11.95 -24.22 -41.23
N ALA A 39 12.89 -23.74 -40.42
CA ALA A 39 13.67 -22.54 -40.72
C ALA A 39 14.94 -22.89 -41.51
N LEU A 40 15.68 -23.90 -41.05
CA LEU A 40 16.84 -24.42 -41.78
C LEU A 40 16.37 -25.10 -43.06
N ALA A 41 15.16 -25.66 -43.00
CA ALA A 41 14.53 -26.31 -44.15
C ALA A 41 14.10 -25.29 -45.21
N LEU A 42 13.74 -24.08 -44.78
CA LEU A 42 13.34 -23.03 -45.72
C LEU A 42 13.70 -21.63 -45.24
N GLY A 43 14.91 -21.20 -45.59
CA GLY A 43 15.33 -19.79 -45.49
C GLY A 43 15.47 -19.17 -44.12
N VAL A 44 16.72 -18.96 -43.70
CA VAL A 44 17.01 -18.21 -42.47
C VAL A 44 16.78 -16.70 -42.69
N GLU A 45 16.07 -16.38 -43.77
CA GLU A 45 15.78 -15.01 -44.18
C GLU A 45 14.27 -14.76 -44.19
N ARG A 46 13.51 -15.76 -44.62
CA ARG A 46 12.05 -15.67 -44.70
C ARG A 46 11.36 -16.00 -43.37
N THR A 47 12.09 -16.70 -42.50
CA THR A 47 11.65 -17.01 -41.14
C THR A 47 11.25 -15.73 -40.41
N ARG A 48 12.13 -14.74 -40.45
CA ARG A 48 11.89 -13.42 -39.87
C ARG A 48 10.82 -12.64 -40.63
N SER A 49 10.75 -12.88 -41.95
CA SER A 49 9.90 -12.11 -42.87
C SER A 49 8.42 -12.50 -42.80
N GLU A 50 8.15 -13.79 -42.62
CA GLU A 50 6.78 -14.31 -42.68
C GLU A 50 6.39 -15.26 -41.53
N LEU A 51 7.27 -16.20 -41.18
CA LEU A 51 6.96 -17.22 -40.17
C LEU A 51 6.70 -16.66 -38.76
N LEU A 52 7.56 -15.75 -38.32
CA LEU A 52 7.44 -15.17 -36.98
C LEU A 52 6.21 -14.26 -36.80
N PRO A 53 5.97 -13.30 -37.74
CA PRO A 53 4.73 -12.53 -37.65
C PRO A 53 3.47 -13.37 -37.89
N PHE A 54 3.67 -14.65 -38.20
CA PHE A 54 2.58 -15.62 -38.28
C PHE A 54 2.35 -16.25 -36.91
N LEU A 55 3.33 -17.01 -36.41
CA LEU A 55 3.18 -17.64 -35.10
C LEU A 55 3.54 -16.71 -33.94
N THR A 56 3.01 -15.48 -34.02
CA THR A 56 3.05 -14.54 -32.91
C THR A 56 2.20 -15.12 -31.77
N ASP A 57 0.88 -15.02 -31.94
CA ASP A 57 -0.07 -15.53 -30.96
C ASP A 57 -1.26 -16.20 -31.67
N THR A 58 -1.05 -16.56 -32.95
CA THR A 58 -2.09 -17.13 -33.82
C THR A 58 -2.57 -18.49 -33.31
N ILE A 59 -1.64 -19.28 -32.75
CA ILE A 59 -2.01 -20.45 -31.96
C ILE A 59 -2.39 -20.03 -30.54
N TYR A 60 -3.65 -20.28 -30.18
CA TYR A 60 -4.22 -19.81 -28.90
C TYR A 60 -5.27 -20.77 -28.36
N ASP A 61 -5.20 -22.02 -28.81
CA ASP A 61 -6.19 -23.02 -28.46
C ASP A 61 -5.77 -23.79 -27.22
N GLU A 62 -4.79 -24.68 -27.37
CA GLU A 62 -4.38 -25.55 -26.27
C GLU A 62 -2.98 -25.19 -25.75
N ASP A 63 -2.85 -25.20 -24.43
CA ASP A 63 -1.63 -24.77 -23.75
C ASP A 63 -0.45 -25.71 -23.96
N GLU A 64 -0.72 -26.99 -24.18
CA GLU A 64 0.35 -27.97 -24.42
C GLU A 64 1.13 -27.73 -25.74
N VAL A 65 0.46 -27.08 -26.69
CA VAL A 65 1.12 -26.63 -27.91
C VAL A 65 2.09 -25.50 -27.56
N LEU A 66 1.63 -24.58 -26.71
CA LEU A 66 2.40 -23.40 -26.33
C LEU A 66 3.61 -23.71 -25.45
N LEU A 67 3.55 -24.80 -24.71
CA LEU A 67 4.69 -25.23 -23.91
C LEU A 67 5.82 -25.70 -24.81
N ALA A 68 5.45 -26.27 -25.95
CA ALA A 68 6.42 -26.74 -26.95
C ALA A 68 7.02 -25.58 -27.76
N LEU A 69 6.17 -24.65 -28.18
CA LEU A 69 6.58 -23.46 -28.94
C LEU A 69 7.64 -22.63 -28.22
N ALA A 70 7.47 -22.49 -26.91
CA ALA A 70 8.44 -21.81 -26.04
C ALA A 70 9.79 -22.52 -26.03
N GLU A 71 9.75 -23.86 -26.02
CA GLU A 71 10.97 -24.68 -26.12
C GLU A 71 11.69 -24.40 -27.42
N GLN A 72 10.93 -24.08 -28.46
CA GLN A 72 11.48 -23.79 -29.78
C GLN A 72 12.13 -22.41 -29.81
N LEU A 73 11.36 -21.38 -29.47
CA LEU A 73 11.86 -20.01 -29.50
C LEU A 73 13.11 -19.78 -28.65
N GLY A 74 13.46 -20.78 -27.83
CA GLY A 74 14.72 -20.77 -27.08
C GLY A 74 15.89 -21.23 -27.94
N THR A 75 15.69 -22.33 -28.66
CA THR A 75 16.73 -22.91 -29.52
C THR A 75 16.98 -22.11 -30.80
N PHE A 76 16.05 -21.22 -31.13
CA PHE A 76 16.14 -20.37 -32.33
C PHE A 76 17.25 -19.30 -32.27
N THR A 77 18.26 -19.56 -31.45
CA THR A 77 19.36 -18.61 -31.21
C THR A 77 20.05 -18.19 -32.50
N THR A 78 20.32 -19.16 -33.38
CA THR A 78 21.06 -18.89 -34.62
C THR A 78 20.22 -19.03 -35.91
N LEU A 79 19.13 -19.79 -35.83
CA LEU A 79 18.28 -20.12 -37.00
C LEU A 79 17.45 -18.95 -37.56
N VAL A 80 17.90 -17.73 -37.30
CA VAL A 80 17.26 -16.53 -37.83
C VAL A 80 18.32 -15.46 -38.11
N GLY A 81 19.58 -15.90 -38.13
CA GLY A 81 20.73 -15.02 -38.43
C GLY A 81 21.75 -14.95 -37.31
N GLY A 82 21.24 -15.03 -36.07
CA GLY A 82 22.06 -14.99 -34.87
C GLY A 82 21.86 -13.72 -34.05
N PRO A 83 22.88 -13.29 -33.31
CA PRO A 83 22.91 -12.13 -32.41
C PRO A 83 22.19 -10.86 -32.89
N GLU A 84 22.36 -10.50 -34.16
CA GLU A 84 21.87 -9.22 -34.69
C GLU A 84 20.34 -9.22 -34.95
N TYR A 85 19.76 -10.40 -35.03
CA TYR A 85 18.37 -10.55 -35.49
C TYR A 85 17.42 -11.26 -34.50
N VAL A 86 17.70 -11.13 -33.19
CA VAL A 86 16.91 -11.81 -32.15
C VAL A 86 15.65 -11.08 -31.71
N HIS A 87 15.64 -9.76 -31.86
CA HIS A 87 14.55 -8.94 -31.32
C HIS A 87 13.20 -9.15 -32.01
N CYS A 88 13.19 -10.07 -32.98
CA CYS A 88 11.97 -10.49 -33.66
C CYS A 88 11.34 -11.70 -32.97
N LEU A 89 12.09 -12.33 -32.06
CA LEU A 89 11.58 -13.44 -31.25
C LEU A 89 10.72 -12.94 -30.10
N LEU A 90 10.88 -11.67 -29.76
CA LEU A 90 10.23 -11.10 -28.58
C LEU A 90 8.69 -11.09 -28.65
N PRO A 91 8.09 -10.65 -29.78
CA PRO A 91 6.62 -10.63 -29.84
C PRO A 91 5.95 -11.97 -29.51
N PRO A 92 6.34 -13.09 -30.18
CA PRO A 92 5.73 -14.36 -29.83
C PRO A 92 5.96 -14.78 -28.37
N LEU A 93 7.12 -14.46 -27.81
CA LEU A 93 7.45 -14.83 -26.43
C LEU A 93 6.83 -13.92 -25.37
N GLU A 94 6.64 -12.64 -25.72
CA GLU A 94 5.92 -11.69 -24.85
C GLU A 94 4.50 -12.17 -24.66
N SER A 95 3.84 -12.48 -25.78
CA SER A 95 2.52 -13.11 -25.74
C SER A 95 2.62 -14.41 -24.95
N LEU A 96 3.67 -15.18 -25.18
CA LEU A 96 3.85 -16.44 -24.47
C LEU A 96 4.11 -16.28 -22.97
N ALA A 97 4.58 -15.11 -22.57
CA ALA A 97 4.86 -14.86 -21.15
C ALA A 97 3.61 -14.48 -20.38
N THR A 98 2.56 -14.09 -21.10
CA THR A 98 1.33 -13.58 -20.47
C THR A 98 0.19 -14.60 -20.43
N VAL A 99 0.46 -15.84 -20.83
CA VAL A 99 -0.54 -16.92 -20.80
C VAL A 99 -0.90 -17.32 -19.36
N GLU A 100 -2.16 -17.70 -19.16
CA GLU A 100 -2.67 -18.16 -17.84
C GLU A 100 -1.82 -19.23 -17.17
N GLU A 101 -1.83 -20.44 -17.72
CA GLU A 101 -1.24 -21.60 -17.07
C GLU A 101 0.26 -21.43 -16.88
N THR A 102 0.74 -21.72 -15.67
CA THR A 102 2.13 -21.43 -15.29
C THR A 102 3.19 -22.26 -15.99
N VAL A 103 2.86 -23.44 -16.48
CA VAL A 103 3.89 -24.29 -17.10
C VAL A 103 4.40 -23.61 -18.39
N VAL A 104 3.47 -23.11 -19.21
CA VAL A 104 3.77 -22.32 -20.40
C VAL A 104 4.64 -21.10 -20.10
N ARG A 105 4.14 -20.23 -19.22
CA ARG A 105 4.79 -18.96 -18.97
C ARG A 105 6.10 -19.12 -18.22
N ASP A 106 6.19 -20.14 -17.36
CA ASP A 106 7.41 -20.40 -16.62
C ASP A 106 8.54 -20.82 -17.58
N LYS A 107 8.17 -21.45 -18.68
CA LYS A 107 9.12 -21.79 -19.73
C LYS A 107 9.46 -20.54 -20.53
N ALA A 108 8.42 -19.83 -20.99
CA ALA A 108 8.57 -18.62 -21.79
C ALA A 108 9.60 -17.64 -21.22
N VAL A 109 9.58 -17.48 -19.89
CA VAL A 109 10.57 -16.66 -19.19
C VAL A 109 11.97 -17.26 -19.33
N GLU A 110 12.11 -18.55 -19.06
CA GLU A 110 13.41 -19.23 -19.18
C GLU A 110 13.97 -19.14 -20.61
N SER A 111 13.07 -19.12 -21.59
CA SER A 111 13.44 -18.93 -23.00
C SER A 111 13.92 -17.50 -23.22
N LEU A 112 13.16 -16.54 -22.70
CA LEU A 112 13.52 -15.12 -22.78
C LEU A 112 14.81 -14.79 -21.98
N ARG A 113 15.01 -15.47 -20.85
CA ARG A 113 16.20 -15.32 -20.02
C ARG A 113 17.47 -15.73 -20.79
N ALA A 114 17.40 -16.87 -21.46
CA ALA A 114 18.52 -17.40 -22.21
C ALA A 114 18.93 -16.50 -23.38
N ILE A 115 17.94 -15.89 -24.03
CA ILE A 115 18.19 -15.10 -25.25
C ILE A 115 18.56 -13.62 -25.01
N SER A 116 18.49 -13.16 -23.77
CA SER A 116 18.87 -11.78 -23.45
C SER A 116 20.36 -11.57 -23.62
N HIS A 117 21.15 -12.55 -23.18
CA HIS A 117 22.61 -12.50 -23.26
C HIS A 117 23.09 -12.29 -24.68
N GLU A 118 22.55 -13.10 -25.61
CA GLU A 118 22.84 -12.90 -27.02
C GLU A 118 21.84 -11.91 -27.64
N HIS A 119 21.97 -10.65 -27.22
CA HIS A 119 21.34 -9.52 -27.87
C HIS A 119 22.44 -8.50 -28.15
N SER A 120 22.28 -7.29 -27.61
CA SER A 120 23.32 -6.28 -27.60
C SER A 120 22.98 -5.26 -26.53
N PRO A 121 24.00 -4.78 -25.79
CA PRO A 121 23.79 -3.70 -24.82
C PRO A 121 22.85 -2.60 -25.33
N SER A 122 23.00 -2.21 -26.60
CA SER A 122 22.13 -1.22 -27.24
C SER A 122 20.82 -1.82 -27.81
N ASP A 123 20.73 -3.15 -27.85
CA ASP A 123 19.49 -3.85 -28.23
C ASP A 123 18.63 -4.22 -27.02
N LEU A 124 19.27 -4.45 -25.88
CA LEU A 124 18.57 -4.60 -24.61
C LEU A 124 17.80 -3.32 -24.31
N GLU A 125 18.49 -2.18 -24.38
CA GLU A 125 17.90 -0.87 -24.14
C GLU A 125 16.67 -0.60 -25.00
N ALA A 126 16.72 -1.05 -26.26
CA ALA A 126 15.70 -0.68 -27.25
C ALA A 126 14.59 -1.73 -27.45
N HIS A 127 14.78 -2.94 -26.91
CA HIS A 127 13.81 -4.02 -27.14
C HIS A 127 13.48 -4.92 -25.94
N PHE A 128 14.50 -5.54 -25.36
CA PHE A 128 14.31 -6.44 -24.23
C PHE A 128 13.75 -5.70 -23.02
N VAL A 129 14.34 -4.55 -22.70
CA VAL A 129 13.95 -3.80 -21.51
C VAL A 129 12.50 -3.27 -21.55
N PRO A 130 12.08 -2.62 -22.66
CA PRO A 130 10.67 -2.22 -22.76
C PRO A 130 9.69 -3.41 -22.79
N LEU A 131 10.21 -4.57 -23.15
CA LEU A 131 9.47 -5.84 -23.05
C LEU A 131 9.14 -6.13 -21.59
N VAL A 132 10.15 -6.00 -20.73
CA VAL A 132 9.99 -6.16 -19.29
C VAL A 132 9.03 -5.09 -18.76
N LYS A 133 9.27 -3.84 -19.17
CA LYS A 133 8.45 -2.69 -18.76
C LYS A 133 6.93 -2.89 -18.88
N ARG A 134 6.52 -3.68 -19.87
CA ARG A 134 5.11 -3.92 -20.15
C ARG A 134 4.58 -5.17 -19.47
N LEU A 135 5.44 -6.18 -19.35
CA LEU A 135 5.12 -7.39 -18.61
C LEU A 135 4.98 -7.08 -17.12
N ALA A 136 5.95 -6.32 -16.59
CA ALA A 136 5.89 -5.85 -15.21
C ALA A 136 4.85 -4.75 -15.09
N GLY A 137 4.62 -4.03 -16.18
CA GLY A 137 3.52 -3.07 -16.24
C GLY A 137 2.23 -3.78 -16.60
N GLY A 138 2.25 -5.11 -16.41
CA GLY A 138 1.19 -6.00 -16.86
C GLY A 138 -0.22 -5.63 -16.45
N ASP A 139 -1.18 -6.14 -17.21
CA ASP A 139 -2.58 -5.89 -16.92
C ASP A 139 -3.06 -6.79 -15.78
N TRP A 140 -2.67 -8.07 -15.78
CA TRP A 140 -2.77 -8.87 -14.56
C TRP A 140 -1.65 -9.87 -14.25
N PHE A 141 -1.80 -10.50 -13.10
CA PHE A 141 -0.70 -11.08 -12.33
C PHE A 141 0.16 -12.07 -13.07
N THR A 142 -0.43 -12.81 -14.01
CA THR A 142 0.31 -13.79 -14.79
C THR A 142 1.45 -13.13 -15.56
N SER A 143 1.20 -11.93 -16.09
CA SER A 143 2.25 -11.11 -16.68
C SER A 143 3.30 -10.74 -15.62
N ARG A 144 2.87 -10.02 -14.59
CA ARG A 144 3.75 -9.49 -13.54
C ARG A 144 4.65 -10.54 -12.85
N THR A 145 4.11 -11.72 -12.58
CA THR A 145 4.88 -12.80 -11.93
C THR A 145 6.03 -13.22 -12.82
N SER A 146 5.80 -13.09 -14.13
CA SER A 146 6.79 -13.48 -15.13
C SER A 146 7.98 -12.51 -15.17
N ALA A 147 7.70 -11.22 -15.38
CA ALA A 147 8.74 -10.20 -15.47
C ALA A 147 9.77 -10.25 -14.34
N CYS A 148 9.32 -10.61 -13.14
CA CYS A 148 10.18 -10.73 -11.96
C CYS A 148 11.48 -11.48 -12.22
N GLY A 149 11.43 -12.47 -13.10
CA GLY A 149 12.62 -13.22 -13.49
C GLY A 149 13.56 -12.43 -14.40
N LEU A 150 12.99 -11.81 -15.44
CA LEU A 150 13.77 -11.16 -16.48
C LEU A 150 14.58 -9.91 -16.08
N PHE A 151 14.62 -9.57 -14.79
CA PHE A 151 15.30 -8.36 -14.31
C PHE A 151 16.81 -8.49 -14.18
N SER A 152 17.26 -9.61 -13.61
CA SER A 152 18.68 -9.79 -13.28
C SER A 152 19.61 -9.85 -14.49
N VAL A 153 19.11 -10.40 -15.60
CA VAL A 153 19.93 -10.58 -16.81
C VAL A 153 20.17 -9.29 -17.58
N CYS A 154 19.12 -8.51 -17.81
CA CYS A 154 19.24 -7.31 -18.63
C CYS A 154 19.83 -6.11 -17.86
N TYR A 155 19.92 -6.22 -16.54
CA TYR A 155 20.41 -5.11 -15.72
C TYR A 155 21.88 -4.72 -15.98
N PRO A 156 22.83 -5.66 -15.78
CA PRO A 156 24.23 -5.21 -15.75
C PRO A 156 24.71 -4.65 -17.08
N ARG A 157 24.02 -4.97 -18.16
CA ARG A 157 24.49 -4.64 -19.50
C ARG A 157 23.96 -3.31 -20.04
N VAL A 158 22.80 -2.89 -19.56
CA VAL A 158 22.19 -1.66 -20.07
C VAL A 158 22.80 -0.39 -19.47
N SER A 159 22.24 0.75 -19.88
CA SER A 159 22.65 2.05 -19.38
C SER A 159 22.31 2.21 -17.90
N SER A 160 23.09 3.04 -17.20
CA SER A 160 22.85 3.34 -15.79
C SER A 160 21.60 4.19 -15.58
N ALA A 161 21.06 4.74 -16.67
CA ALA A 161 19.82 5.51 -16.62
C ALA A 161 18.63 4.57 -16.71
N VAL A 162 18.75 3.54 -17.55
CA VAL A 162 17.75 2.47 -17.63
C VAL A 162 17.86 1.55 -16.42
N LYS A 163 19.08 1.41 -15.89
CA LYS A 163 19.29 0.76 -14.60
C LYS A 163 18.40 1.41 -13.55
N ALA A 164 18.36 2.74 -13.57
CA ALA A 164 17.50 3.51 -12.67
C ALA A 164 16.02 3.32 -12.97
N GLU A 165 15.68 3.03 -14.22
CA GLU A 165 14.30 2.69 -14.59
C GLU A 165 13.93 1.30 -14.09
N LEU A 166 14.74 0.31 -14.41
CA LEU A 166 14.46 -1.06 -14.03
C LEU A 166 14.28 -1.20 -12.52
N ARG A 167 15.18 -0.56 -11.75
CA ARG A 167 15.11 -0.63 -10.30
C ARG A 167 13.76 -0.16 -9.80
N GLN A 168 13.22 0.88 -10.45
CA GLN A 168 11.91 1.42 -10.12
C GLN A 168 10.81 0.39 -10.43
N TYR A 169 10.92 -0.30 -11.56
CA TYR A 169 9.94 -1.34 -11.93
C TYR A 169 9.94 -2.51 -10.96
N PHE A 170 11.13 -2.96 -10.59
CA PHE A 170 11.25 -4.04 -9.63
C PHE A 170 10.74 -3.61 -8.26
N ARG A 171 10.95 -2.34 -7.92
CA ARG A 171 10.39 -1.74 -6.71
C ARG A 171 8.86 -1.80 -6.75
N ASN A 172 8.29 -1.63 -7.93
CA ASN A 172 6.84 -1.66 -8.10
C ASN A 172 6.21 -3.06 -7.97
N LEU A 173 7.02 -4.09 -8.14
CA LEU A 173 6.50 -5.44 -8.09
C LEU A 173 6.57 -5.98 -6.68
N CYS A 174 7.57 -5.53 -5.93
CA CYS A 174 7.68 -5.95 -4.54
C CYS A 174 6.53 -5.41 -3.73
N SER A 175 5.91 -4.37 -4.27
CA SER A 175 4.81 -3.69 -3.61
C SER A 175 3.49 -4.02 -4.31
N ASP A 176 3.50 -5.01 -5.20
CA ASP A 176 2.34 -5.31 -6.06
C ASP A 176 1.07 -5.56 -5.25
N ASP A 177 -0.04 -5.03 -5.77
CA ASP A 177 -1.32 -5.10 -5.09
C ASP A 177 -1.74 -6.53 -4.69
N THR A 178 -1.21 -7.52 -5.39
CA THR A 178 -1.58 -8.91 -5.15
C THR A 178 -0.43 -9.74 -4.59
N PRO A 179 -0.71 -10.69 -3.67
CA PRO A 179 0.33 -11.49 -3.01
C PRO A 179 1.05 -12.46 -3.94
N MET A 180 0.42 -12.75 -5.08
CA MET A 180 0.97 -13.65 -6.07
C MET A 180 2.25 -13.08 -6.68
N VAL A 181 2.15 -11.84 -7.18
CA VAL A 181 3.32 -11.17 -7.74
C VAL A 181 4.38 -10.99 -6.66
N ARG A 182 3.98 -10.36 -5.55
CA ARG A 182 4.90 -10.14 -4.43
C ARG A 182 5.69 -11.39 -4.11
N ARG A 183 5.01 -12.54 -4.05
CA ARG A 183 5.69 -13.81 -3.82
C ARG A 183 6.78 -13.99 -4.85
N ALA A 184 6.47 -13.70 -6.11
CA ALA A 184 7.46 -13.79 -7.19
C ALA A 184 8.58 -12.76 -7.04
N ALA A 185 8.18 -11.49 -6.89
CA ALA A 185 9.13 -10.41 -6.68
C ALA A 185 10.01 -10.71 -5.48
N ALA A 186 9.41 -11.22 -4.40
CA ALA A 186 10.13 -11.57 -3.19
C ALA A 186 11.18 -12.62 -3.46
N SER A 187 10.84 -13.58 -4.32
CA SER A 187 11.74 -14.68 -4.64
C SER A 187 13.01 -14.23 -5.35
N LYS A 188 12.87 -13.42 -6.38
CA LYS A 188 14.02 -13.02 -7.17
C LYS A 188 14.75 -11.81 -6.59
N LEU A 189 14.48 -11.49 -5.32
CA LEU A 189 15.11 -10.34 -4.66
C LEU A 189 16.61 -10.55 -4.44
N GLY A 190 17.01 -11.72 -3.96
CA GLY A 190 18.43 -12.04 -3.82
C GLY A 190 19.09 -11.97 -5.18
N GLU A 191 18.50 -12.72 -6.12
CA GLU A 191 18.93 -12.79 -7.52
C GLU A 191 19.29 -11.43 -8.10
N PHE A 192 18.52 -10.42 -7.70
CA PHE A 192 18.62 -9.05 -8.24
C PHE A 192 19.64 -8.24 -7.45
N ALA A 193 19.57 -8.30 -6.12
CA ALA A 193 20.50 -7.57 -5.27
C ALA A 193 21.91 -8.00 -5.55
N LYS A 194 22.05 -9.21 -6.07
CA LYS A 194 23.35 -9.77 -6.45
C LYS A 194 23.88 -9.10 -7.73
N VAL A 195 22.97 -8.52 -8.53
CA VAL A 195 23.37 -7.63 -9.61
C VAL A 195 23.69 -6.30 -8.92
N LEU A 196 24.83 -6.35 -8.25
CA LEU A 196 25.42 -5.29 -7.45
C LEU A 196 25.15 -3.86 -7.90
N GLU A 197 24.94 -3.02 -6.89
CA GLU A 197 25.40 -1.66 -6.86
C GLU A 197 25.35 -1.42 -5.36
N LEU A 198 26.46 -1.71 -4.67
CA LEU A 198 26.45 -1.75 -3.21
C LEU A 198 25.61 -0.63 -2.61
N ASP A 199 25.82 0.60 -3.09
CA ASP A 199 25.01 1.74 -2.65
C ASP A 199 23.50 1.49 -2.84
N ASN A 200 23.10 1.00 -4.00
CA ASN A 200 21.70 0.64 -4.27
C ASN A 200 21.21 -0.61 -3.52
N VAL A 201 22.14 -1.47 -3.15
CA VAL A 201 21.80 -2.59 -2.26
C VAL A 201 21.39 -2.01 -0.90
N LYS A 202 22.18 -1.04 -0.42
CA LYS A 202 21.87 -0.29 0.79
C LYS A 202 20.71 0.66 0.60
N SER A 203 20.72 1.37 -0.53
CA SER A 203 19.78 2.44 -0.82
C SER A 203 18.36 1.94 -1.03
N GLU A 204 18.19 0.97 -1.93
CA GLU A 204 16.86 0.59 -2.41
C GLU A 204 16.45 -0.88 -2.22
N ILE A 205 17.41 -1.79 -2.17
CA ILE A 205 17.10 -3.20 -1.90
C ILE A 205 16.74 -3.41 -0.43
N ILE A 206 17.55 -2.87 0.47
CA ILE A 206 17.32 -3.03 1.91
C ILE A 206 15.89 -2.72 2.33
N PRO A 207 15.33 -1.54 1.96
CA PRO A 207 13.92 -1.32 2.27
C PRO A 207 12.99 -2.37 1.63
N MET A 208 13.23 -2.73 0.37
CA MET A 208 12.50 -3.83 -0.30
C MET A 208 12.52 -5.09 0.58
N PHE A 209 13.72 -5.50 0.99
CA PHE A 209 13.91 -6.61 1.91
C PHE A 209 13.05 -6.42 3.14
N SER A 210 13.32 -5.36 3.90
CA SER A 210 12.63 -5.12 5.18
C SER A 210 11.12 -4.92 5.04
N ASN A 211 10.69 -4.48 3.86
CA ASN A 211 9.26 -4.39 3.58
C ASN A 211 8.62 -5.75 3.31
N LEU A 212 9.32 -6.61 2.61
CA LEU A 212 8.80 -7.94 2.29
C LEU A 212 8.96 -8.87 3.48
N ALA A 213 9.99 -8.61 4.29
CA ALA A 213 10.31 -9.45 5.44
C ALA A 213 9.16 -9.44 6.41
N SER A 214 8.41 -8.32 6.40
CA SER A 214 7.28 -8.12 7.28
C SER A 214 6.03 -7.89 6.45
N ASP A 215 5.84 -8.74 5.45
CA ASP A 215 4.64 -8.71 4.63
C ASP A 215 3.53 -9.38 5.42
N GLU A 216 2.31 -8.87 5.30
CA GLU A 216 1.18 -9.42 6.05
C GLU A 216 0.99 -10.91 5.79
N GLN A 217 1.43 -11.36 4.62
CA GLN A 217 1.38 -12.77 4.25
C GLN A 217 2.61 -13.51 4.75
N ASP A 218 2.41 -14.61 5.48
CA ASP A 218 3.50 -15.43 5.97
C ASP A 218 4.11 -16.20 4.82
N SER A 219 3.39 -16.23 3.71
CA SER A 219 3.87 -16.86 2.49
C SER A 219 4.84 -15.96 1.73
N VAL A 220 5.03 -14.74 2.22
CA VAL A 220 5.96 -13.80 1.59
C VAL A 220 7.15 -13.59 2.54
N ARG A 221 6.87 -13.43 3.81
CA ARG A 221 7.91 -13.22 4.78
C ARG A 221 8.98 -14.28 4.58
N LEU A 222 8.61 -15.55 4.69
CA LEU A 222 9.58 -16.64 4.62
C LEU A 222 10.45 -16.55 3.35
N LEU A 223 9.86 -16.08 2.25
CA LEU A 223 10.61 -15.89 1.01
C LEU A 223 11.66 -14.77 1.08
N ALA A 224 11.57 -13.92 2.10
CA ALA A 224 12.53 -12.81 2.29
C ALA A 224 13.77 -13.24 3.04
N VAL A 225 13.63 -14.12 4.02
CA VAL A 225 14.76 -14.72 4.71
C VAL A 225 15.63 -15.48 3.69
N GLU A 226 14.96 -16.29 2.87
CA GLU A 226 15.58 -17.10 1.83
C GLU A 226 16.49 -16.27 0.92
N ALA A 227 16.09 -15.02 0.71
CA ALA A 227 16.84 -14.08 -0.10
C ALA A 227 17.76 -13.21 0.75
N CYS A 228 17.51 -13.13 2.05
CA CYS A 228 18.36 -12.36 2.95
C CYS A 228 19.80 -12.82 2.85
N VAL A 229 20.00 -14.14 2.82
CA VAL A 229 21.32 -14.73 2.76
C VAL A 229 22.20 -14.07 1.70
N ASN A 230 21.57 -13.62 0.62
CA ASN A 230 22.25 -12.86 -0.42
C ASN A 230 22.56 -11.45 0.03
N ILE A 231 21.53 -10.69 0.38
CA ILE A 231 21.68 -9.32 0.84
C ILE A 231 22.73 -9.23 1.94
N ALA A 232 22.68 -10.16 2.89
CA ALA A 232 23.61 -10.15 4.02
C ALA A 232 24.96 -10.75 3.65
N GLN A 233 25.11 -11.15 2.39
CA GLN A 233 26.37 -11.66 1.87
C GLN A 233 27.06 -10.63 0.98
N LEU A 234 26.41 -9.49 0.78
CA LEU A 234 26.90 -8.44 -0.12
C LEU A 234 27.61 -7.31 0.63
N LEU A 235 28.63 -7.69 1.39
CA LEU A 235 29.66 -6.78 1.98
C LEU A 235 29.28 -5.52 2.82
N PRO A 236 28.25 -5.61 3.67
CA PRO A 236 28.25 -4.65 4.77
C PRO A 236 29.11 -5.15 5.94
N GLN A 237 29.05 -4.50 7.10
CA GLN A 237 29.63 -5.06 8.35
C GLN A 237 29.10 -4.39 9.63
N GLU A 238 29.77 -3.32 10.07
CA GLU A 238 29.18 -2.42 11.07
C GLU A 238 28.21 -1.56 10.26
N ASP A 239 27.26 -2.27 9.67
CA ASP A 239 26.53 -1.81 8.50
C ASP A 239 25.51 -2.91 8.22
N LEU A 240 25.70 -4.05 8.87
CA LEU A 240 24.72 -5.14 8.90
C LEU A 240 23.81 -5.01 10.11
N GLU A 241 24.36 -4.55 11.22
CA GLU A 241 23.63 -4.41 12.50
C GLU A 241 22.52 -3.38 12.39
N ALA A 242 22.67 -2.44 11.47
CA ALA A 242 21.68 -1.39 11.27
C ALA A 242 20.77 -1.67 10.08
N LEU A 243 21.31 -2.29 9.03
CA LEU A 243 20.56 -2.47 7.80
C LEU A 243 19.80 -3.79 7.65
N VAL A 244 20.47 -4.90 7.97
CA VAL A 244 19.90 -6.24 7.73
C VAL A 244 20.05 -7.19 8.91
N MET A 245 19.72 -6.71 10.10
CA MET A 245 19.77 -7.56 11.28
C MET A 245 18.47 -7.54 12.06
N PRO A 246 18.04 -6.37 12.59
CA PRO A 246 16.76 -6.39 13.28
C PRO A 246 15.72 -7.16 12.49
N THR A 247 15.79 -7.07 11.17
CA THR A 247 14.85 -7.74 10.31
C THR A 247 15.00 -9.25 10.45
N LEU A 248 16.24 -9.72 10.37
CA LEU A 248 16.53 -11.15 10.49
C LEU A 248 16.29 -11.64 11.91
N ARG A 249 16.85 -10.90 12.87
CA ARG A 249 16.60 -11.12 14.28
C ARG A 249 15.09 -11.17 14.54
N GLN A 250 14.32 -10.48 13.72
CA GLN A 250 12.86 -10.49 13.85
C GLN A 250 12.31 -11.78 13.28
N ALA A 251 12.79 -12.16 12.11
CA ALA A 251 12.34 -13.36 11.41
C ALA A 251 12.53 -14.65 12.22
N ALA A 252 13.56 -14.68 13.05
CA ALA A 252 13.78 -15.79 13.97
C ALA A 252 12.59 -16.00 14.91
N GLU A 253 12.00 -14.89 15.35
CA GLU A 253 10.89 -14.92 16.32
C GLU A 253 9.51 -14.88 15.64
N ASP A 254 9.48 -14.71 14.33
CA ASP A 254 8.23 -14.54 13.56
C ASP A 254 7.13 -15.48 14.03
N LYS A 255 5.94 -14.95 14.30
CA LYS A 255 4.84 -15.76 14.79
C LYS A 255 4.49 -16.91 13.88
N SER A 256 4.86 -16.84 12.61
CA SER A 256 4.64 -17.96 11.71
C SER A 256 5.78 -18.95 11.86
N TRP A 257 5.48 -20.22 12.08
CA TRP A 257 6.52 -21.25 12.10
C TRP A 257 7.19 -21.36 10.74
N ARG A 258 6.44 -21.08 9.68
CA ARG A 258 6.95 -21.16 8.30
C ARG A 258 8.09 -20.17 8.02
N VAL A 259 8.22 -19.16 8.86
CA VAL A 259 9.34 -18.25 8.76
C VAL A 259 10.41 -18.79 9.68
N ARG A 260 10.04 -19.04 10.95
CA ARG A 260 10.95 -19.64 11.92
C ARG A 260 11.69 -20.84 11.33
N TYR A 261 10.95 -21.65 10.59
CA TYR A 261 11.54 -22.72 9.80
C TYR A 261 12.62 -22.15 8.87
N MET A 262 12.20 -21.36 7.90
CA MET A 262 13.11 -20.88 6.87
C MET A 262 14.46 -20.45 7.43
N VAL A 263 14.45 -19.80 8.59
CA VAL A 263 15.69 -19.32 9.20
C VAL A 263 16.63 -20.49 9.47
N ALA A 264 16.11 -21.53 10.15
CA ALA A 264 16.90 -22.72 10.49
C ALA A 264 17.39 -23.48 9.26
N ASP A 265 16.48 -23.72 8.30
CA ASP A 265 16.83 -24.41 7.04
C ASP A 265 17.93 -23.68 6.26
N LYS A 266 18.31 -22.51 6.75
CA LYS A 266 19.37 -21.71 6.16
C LYS A 266 20.38 -21.22 7.21
N PHE A 267 20.27 -21.73 8.43
CA PHE A 267 20.98 -21.14 9.57
C PHE A 267 22.51 -21.16 9.51
N THR A 268 23.09 -22.11 8.79
CA THR A 268 24.53 -22.12 8.64
C THR A 268 24.96 -21.26 7.47
N GLU A 269 24.05 -21.09 6.51
CA GLU A 269 24.29 -20.20 5.37
C GLU A 269 24.35 -18.75 5.83
N LEU A 270 23.32 -18.31 6.56
CA LEU A 270 23.32 -16.99 7.19
C LEU A 270 24.62 -16.81 7.96
N GLN A 271 24.89 -17.73 8.87
CA GLN A 271 26.15 -17.75 9.60
C GLN A 271 27.35 -17.49 8.69
N LYS A 272 27.46 -18.25 7.60
CA LYS A 272 28.60 -18.13 6.69
C LYS A 272 28.62 -16.80 5.92
N ALA A 273 27.45 -16.17 5.81
CA ALA A 273 27.31 -14.89 5.12
C ALA A 273 27.44 -13.72 6.09
N VAL A 274 26.84 -13.86 7.27
CA VAL A 274 26.76 -12.81 8.28
C VAL A 274 28.13 -12.54 8.93
N GLY A 275 28.89 -13.60 9.14
CA GLY A 275 30.25 -13.47 9.69
C GLY A 275 30.36 -13.87 11.15
N PRO A 276 31.55 -14.37 11.55
CA PRO A 276 31.78 -14.97 12.86
C PRO A 276 31.54 -13.99 14.02
N GLU A 277 31.81 -12.72 13.78
CA GLU A 277 31.68 -11.68 14.81
C GLU A 277 30.25 -11.61 15.36
N ILE A 278 29.28 -11.57 14.46
CA ILE A 278 27.87 -11.49 14.81
C ILE A 278 27.33 -12.84 15.27
N THR A 279 27.81 -13.91 14.63
CA THR A 279 27.39 -15.27 14.91
C THR A 279 27.51 -15.58 16.41
N LYS A 280 28.63 -15.18 17.02
CA LYS A 280 28.87 -15.44 18.44
C LYS A 280 27.86 -14.75 19.36
N THR A 281 27.48 -13.52 19.00
CA THR A 281 26.66 -12.69 19.88
C THR A 281 25.18 -12.65 19.53
N ASP A 282 24.84 -12.89 18.26
CA ASP A 282 23.46 -12.78 17.81
C ASP A 282 22.78 -14.06 17.30
N LEU A 283 23.50 -14.85 16.51
CA LEU A 283 22.93 -16.09 15.97
C LEU A 283 22.91 -17.22 16.97
N VAL A 284 23.92 -17.26 17.83
CA VAL A 284 23.98 -18.27 18.88
C VAL A 284 22.65 -18.35 19.63
N PRO A 285 22.19 -17.23 20.24
CA PRO A 285 20.93 -17.28 20.97
C PRO A 285 19.70 -17.47 20.08
N ALA A 286 19.84 -17.20 18.79
CA ALA A 286 18.76 -17.48 17.84
C ALA A 286 18.70 -18.98 17.57
N PHE A 287 19.87 -19.58 17.33
CA PHE A 287 20.00 -21.02 17.17
C PHE A 287 19.57 -21.71 18.45
N GLN A 288 20.11 -21.22 19.57
CA GLN A 288 19.73 -21.66 20.91
C GLN A 288 18.21 -21.75 21.00
N ASN A 289 17.54 -20.66 20.61
CA ASN A 289 16.09 -20.58 20.63
C ASN A 289 15.41 -21.48 19.60
N LEU A 290 15.94 -21.51 18.38
CA LEU A 290 15.34 -22.31 17.31
C LEU A 290 15.24 -23.79 17.66
N MET A 291 16.26 -24.32 18.34
CA MET A 291 16.27 -25.71 18.78
C MET A 291 15.20 -25.96 19.84
N LYS A 292 14.76 -24.91 20.52
CA LYS A 292 13.75 -25.01 21.57
C LYS A 292 12.36 -24.49 21.13
N ASP A 293 12.18 -24.46 19.81
CA ASP A 293 10.92 -24.04 19.16
C ASP A 293 9.73 -24.88 19.59
N CYS A 294 8.53 -24.29 19.50
CA CYS A 294 7.30 -25.03 19.78
C CYS A 294 7.02 -26.05 18.71
N GLU A 295 7.22 -25.67 17.46
CA GLU A 295 7.00 -26.58 16.35
C GLU A 295 8.17 -27.51 16.21
N ALA A 296 7.87 -28.80 16.19
CA ALA A 296 8.89 -29.83 16.13
C ALA A 296 9.56 -29.88 14.77
N GLU A 297 8.87 -29.37 13.76
CA GLU A 297 9.40 -29.35 12.41
C GLU A 297 10.50 -28.30 12.27
N VAL A 298 10.47 -27.30 13.14
CA VAL A 298 11.55 -26.32 13.20
C VAL A 298 12.74 -26.90 13.96
N ARG A 299 12.52 -27.34 15.20
CA ARG A 299 13.59 -28.00 15.98
C ARG A 299 14.28 -29.05 15.14
N ALA A 300 13.48 -29.86 14.43
CA ALA A 300 14.00 -30.86 13.51
C ALA A 300 14.97 -30.26 12.51
N ALA A 301 14.49 -29.27 11.75
CA ALA A 301 15.32 -28.54 10.79
C ALA A 301 16.46 -27.77 11.46
N ALA A 302 16.27 -27.43 12.73
CA ALA A 302 17.26 -26.70 13.52
C ALA A 302 18.36 -27.63 14.05
N SER A 303 18.00 -28.86 14.38
CA SER A 303 18.96 -29.85 14.88
C SER A 303 19.82 -30.39 13.76
N HIS A 304 19.18 -30.68 12.65
CA HIS A 304 19.82 -31.12 11.42
C HIS A 304 20.97 -30.19 11.01
N LYS A 305 21.30 -29.26 11.91
CA LYS A 305 22.22 -28.17 11.61
C LYS A 305 23.25 -27.91 12.71
N VAL A 306 23.27 -28.73 13.75
CA VAL A 306 24.12 -28.47 14.91
C VAL A 306 25.61 -28.61 14.58
N LYS A 307 25.96 -29.73 13.95
CA LYS A 307 27.35 -30.00 13.53
C LYS A 307 27.91 -28.88 12.66
N GLU A 308 27.26 -28.61 11.53
CA GLU A 308 27.75 -27.65 10.54
C GLU A 308 27.89 -26.25 11.12
N PHE A 309 26.94 -25.85 11.97
CA PHE A 309 27.01 -24.55 12.63
C PHE A 309 28.26 -24.51 13.50
N CYS A 310 28.49 -25.59 14.23
CA CYS A 310 29.64 -25.67 15.11
C CYS A 310 30.97 -25.72 14.35
N GLU A 311 30.94 -26.40 13.20
CA GLU A 311 32.15 -26.68 12.41
C GLU A 311 32.82 -25.43 11.88
N ASN A 312 32.05 -24.37 11.67
CA ASN A 312 32.63 -23.08 11.31
C ASN A 312 32.14 -21.97 12.23
N LEU A 313 32.82 -21.81 13.35
CA LEU A 313 32.50 -20.78 14.33
C LEU A 313 33.65 -19.78 14.44
N SER A 314 34.59 -20.03 15.34
CA SER A 314 35.68 -19.08 15.58
C SER A 314 36.99 -19.73 16.02
N ALA A 315 37.87 -18.93 16.60
CA ALA A 315 39.16 -19.40 17.09
C ALA A 315 38.98 -20.17 18.40
N ASP A 316 39.39 -19.56 19.51
CA ASP A 316 39.37 -20.20 20.84
C ASP A 316 37.96 -20.35 21.42
N CYS A 317 37.04 -19.51 20.98
CA CYS A 317 35.67 -19.58 21.46
C CYS A 317 34.95 -20.85 20.99
N ARG A 318 35.36 -21.35 19.82
CA ARG A 318 34.73 -22.52 19.18
C ARG A 318 34.45 -23.66 20.16
N GLU A 319 35.46 -24.09 20.91
CA GLU A 319 35.29 -25.14 21.92
C GLU A 319 34.36 -24.68 23.04
N ASN A 320 34.52 -23.42 23.47
CA ASN A 320 33.74 -22.85 24.56
C ASN A 320 32.27 -22.70 24.23
N VAL A 321 31.97 -22.02 23.11
CA VAL A 321 30.59 -21.81 22.67
C VAL A 321 29.82 -23.12 22.55
N ILE A 322 30.44 -24.12 21.90
CA ILE A 322 29.82 -25.43 21.74
C ILE A 322 29.61 -26.07 23.10
N MET A 323 30.56 -25.86 24.01
CA MET A 323 30.48 -26.44 25.33
C MET A 323 29.52 -25.70 26.25
N THR A 324 29.61 -24.37 26.24
CA THR A 324 28.92 -23.57 27.25
C THR A 324 27.45 -23.26 26.92
N GLN A 325 27.06 -23.36 25.65
CA GLN A 325 25.70 -22.97 25.26
C GLN A 325 25.03 -23.77 24.13
N ILE A 326 25.83 -24.40 23.26
CA ILE A 326 25.26 -25.24 22.21
C ILE A 326 24.89 -26.62 22.76
N LEU A 327 25.81 -27.26 23.48
CA LEU A 327 25.62 -28.65 23.96
C LEU A 327 24.42 -28.86 24.91
N PRO A 328 24.20 -27.94 25.89
CA PRO A 328 23.03 -28.09 26.77
C PRO A 328 21.72 -28.27 25.99
N CYS A 329 21.69 -27.74 24.78
CA CYS A 329 20.55 -27.89 23.88
C CYS A 329 20.48 -29.27 23.24
N ILE A 330 21.64 -29.86 22.95
CA ILE A 330 21.67 -31.19 22.34
C ILE A 330 21.20 -32.24 23.33
N LYS A 331 21.75 -32.25 24.54
CA LYS A 331 21.35 -33.25 25.54
C LYS A 331 19.87 -33.18 25.90
N GLU A 332 19.24 -32.03 25.61
CA GLU A 332 17.79 -31.86 25.74
C GLU A 332 17.06 -32.43 24.52
N LEU A 333 17.68 -32.27 23.35
CA LEU A 333 17.09 -32.69 22.07
C LEU A 333 17.15 -34.20 21.81
N VAL A 334 18.18 -34.86 22.33
CA VAL A 334 18.32 -36.31 22.17
C VAL A 334 17.19 -37.02 22.89
N SER A 335 16.72 -36.42 23.98
CA SER A 335 15.53 -36.88 24.68
C SER A 335 14.35 -35.96 24.33
N ASP A 336 14.00 -35.92 23.05
CA ASP A 336 12.91 -35.07 22.59
C ASP A 336 11.72 -35.88 22.10
N ALA A 337 10.54 -35.37 22.41
CA ALA A 337 9.26 -36.00 22.09
C ALA A 337 9.12 -36.38 20.61
N ASN A 338 9.74 -35.61 19.74
CA ASN A 338 9.58 -35.82 18.29
C ASN A 338 10.51 -36.88 17.70
N GLN A 339 9.98 -37.64 16.76
CA GLN A 339 10.68 -38.80 16.18
C GLN A 339 11.50 -38.42 14.95
N HIS A 340 11.57 -37.11 14.69
CA HIS A 340 12.30 -36.56 13.54
C HIS A 340 13.37 -35.56 13.97
N VAL A 341 13.34 -35.14 15.23
CA VAL A 341 14.42 -34.32 15.79
C VAL A 341 15.57 -35.24 16.17
N LYS A 342 15.26 -36.22 17.02
CA LYS A 342 16.26 -37.18 17.49
C LYS A 342 16.93 -37.80 16.29
N SER A 343 16.11 -38.27 15.35
CA SER A 343 16.57 -38.88 14.11
C SER A 343 17.41 -37.94 13.24
N ALA A 344 17.12 -36.64 13.31
CA ALA A 344 17.88 -35.64 12.57
C ALA A 344 19.19 -35.32 13.27
N LEU A 345 19.09 -35.03 14.58
CA LEU A 345 20.27 -34.75 15.40
C LEU A 345 21.25 -35.92 15.35
N ALA A 346 20.72 -37.15 15.31
CA ALA A 346 21.53 -38.34 15.17
C ALA A 346 22.41 -38.26 13.93
N SER A 347 21.79 -37.87 12.81
CA SER A 347 22.48 -37.73 11.53
C SER A 347 23.75 -36.87 11.58
N VAL A 348 23.88 -36.02 12.61
CA VAL A 348 24.99 -35.05 12.66
C VAL A 348 25.87 -35.09 13.93
N ILE A 349 25.29 -35.51 15.05
CA ILE A 349 25.93 -35.43 16.38
C ILE A 349 27.30 -36.12 16.47
N MET A 350 27.50 -37.15 15.65
CA MET A 350 28.76 -37.90 15.64
C MET A 350 29.92 -37.05 15.12
N GLY A 351 29.62 -36.12 14.21
CA GLY A 351 30.62 -35.20 13.66
C GLY A 351 31.01 -34.08 14.60
N LEU A 352 30.28 -33.95 15.71
CA LEU A 352 30.55 -32.95 16.73
C LEU A 352 31.71 -33.41 17.63
N SER A 353 32.21 -34.62 17.36
CA SER A 353 33.26 -35.24 18.16
C SER A 353 34.68 -34.71 17.88
N PRO A 354 35.14 -34.75 16.61
CA PRO A 354 36.47 -34.17 16.31
C PRO A 354 36.59 -32.70 16.69
N ILE A 355 35.48 -31.96 16.59
CA ILE A 355 35.43 -30.54 16.92
C ILE A 355 35.76 -30.29 18.40
N LEU A 356 35.07 -31.02 19.28
CA LEU A 356 35.32 -30.95 20.71
C LEU A 356 36.59 -31.71 21.11
N GLY A 357 37.10 -32.54 20.21
CA GLY A 357 38.33 -33.28 20.43
C GLY A 357 38.11 -34.60 21.15
N LYS A 358 39.18 -35.11 21.77
CA LYS A 358 39.17 -36.41 22.45
C LYS A 358 38.63 -36.28 23.88
N ASP A 359 39.16 -35.30 24.61
CA ASP A 359 38.91 -35.12 26.04
C ASP A 359 37.42 -34.99 26.37
N ASN A 360 36.78 -34.00 25.75
CA ASN A 360 35.39 -33.64 26.06
C ASN A 360 34.34 -34.66 25.58
N THR A 361 34.68 -35.39 24.52
CA THR A 361 33.80 -36.41 23.96
C THR A 361 33.53 -37.53 24.97
N ILE A 362 34.60 -38.09 25.54
CA ILE A 362 34.47 -39.17 26.51
C ILE A 362 33.62 -38.75 27.70
N GLU A 363 33.76 -37.49 28.10
CA GLU A 363 33.05 -36.96 29.25
C GLU A 363 31.61 -36.58 28.94
N HIS A 364 31.38 -35.97 27.77
CA HIS A 364 30.09 -35.33 27.50
C HIS A 364 29.29 -35.87 26.30
N LEU A 365 29.99 -36.35 25.27
CA LEU A 365 29.32 -36.88 24.06
C LEU A 365 29.00 -38.37 24.11
N LEU A 366 29.68 -39.10 24.99
CA LEU A 366 29.43 -40.52 25.20
C LEU A 366 28.04 -40.78 25.79
N PRO A 367 27.68 -40.11 26.91
CA PRO A 367 26.32 -40.27 27.42
C PRO A 367 25.28 -39.67 26.48
N LEU A 368 25.58 -39.67 25.19
CA LEU A 368 24.66 -39.21 24.16
C LEU A 368 24.62 -40.13 22.93
N PHE A 369 25.75 -40.72 22.56
CA PHE A 369 25.79 -41.72 21.50
C PHE A 369 25.21 -43.06 22.00
N LEU A 370 25.41 -43.33 23.30
CA LEU A 370 24.86 -44.52 23.95
C LEU A 370 23.34 -44.41 24.09
N ALA A 371 22.88 -43.26 24.59
CA ALA A 371 21.46 -42.98 24.78
C ALA A 371 20.74 -43.08 23.45
N GLN A 372 21.32 -42.43 22.45
CA GLN A 372 20.78 -42.38 21.09
C GLN A 372 20.84 -43.73 20.39
N LEU A 373 21.81 -44.55 20.78
CA LEU A 373 21.99 -45.88 20.24
C LEU A 373 20.82 -46.79 20.61
N LYS A 374 20.46 -46.81 21.90
CA LYS A 374 19.35 -47.64 22.36
C LYS A 374 17.99 -46.94 22.30
N ASP A 375 17.78 -46.10 21.27
CA ASP A 375 16.52 -45.36 21.16
C ASP A 375 15.38 -46.27 20.75
N GLU A 376 14.17 -45.89 21.15
CA GLU A 376 12.94 -46.58 20.78
C GLU A 376 12.82 -46.68 19.26
N CYS A 377 13.07 -45.56 18.57
CA CYS A 377 12.94 -45.48 17.13
C CYS A 377 14.10 -46.16 16.39
N PRO A 378 13.78 -47.06 15.45
CA PRO A 378 14.75 -47.76 14.60
C PRO A 378 15.64 -46.84 13.77
N GLU A 379 15.10 -45.74 13.24
CA GLU A 379 15.87 -44.87 12.34
C GLU A 379 16.91 -43.99 13.05
N VAL A 380 16.71 -43.75 14.34
CA VAL A 380 17.62 -42.94 15.16
C VAL A 380 18.99 -43.62 15.24
N ARG A 381 18.97 -44.89 15.65
CA ARG A 381 20.19 -45.68 15.80
C ARG A 381 20.84 -45.97 14.45
N LEU A 382 20.01 -46.10 13.42
CA LEU A 382 20.47 -46.31 12.05
C LEU A 382 21.33 -45.13 11.58
N ASN A 383 21.06 -43.95 12.15
CA ASN A 383 21.77 -42.72 11.83
C ASN A 383 23.00 -42.49 12.71
N ILE A 384 22.98 -43.07 13.91
CA ILE A 384 24.17 -43.13 14.75
C ILE A 384 25.20 -44.10 14.14
N ILE A 385 24.80 -45.35 13.92
CA ILE A 385 25.69 -46.40 13.42
C ILE A 385 26.39 -46.06 12.10
N SER A 386 25.77 -45.20 11.30
CA SER A 386 26.34 -44.78 10.01
C SER A 386 27.62 -43.94 10.15
N ASN A 387 27.71 -43.16 11.23
CA ASN A 387 28.77 -42.18 11.38
C ASN A 387 29.88 -42.54 12.39
N LEU A 388 29.85 -43.77 12.91
CA LEU A 388 30.82 -44.28 13.91
C LEU A 388 32.29 -44.14 13.51
N ASP A 389 32.55 -44.09 12.21
CA ASP A 389 33.89 -43.96 11.65
C ASP A 389 34.62 -42.72 12.17
N CYS A 390 33.86 -41.64 12.35
CA CYS A 390 34.39 -40.34 12.78
C CYS A 390 34.83 -40.32 14.25
N VAL A 391 34.19 -41.14 15.07
CA VAL A 391 34.59 -41.28 16.48
C VAL A 391 35.70 -42.34 16.60
N ASN A 392 35.83 -43.20 15.59
CA ASN A 392 36.86 -44.22 15.58
C ASN A 392 38.23 -43.71 15.07
N GLU A 393 38.19 -42.71 14.20
CA GLU A 393 39.41 -42.16 13.58
C GLU A 393 40.23 -41.30 14.54
N VAL A 394 39.56 -40.54 15.40
CA VAL A 394 40.24 -39.57 16.27
C VAL A 394 40.18 -39.91 17.77
N ILE A 395 39.26 -40.79 18.17
CA ILE A 395 39.25 -41.29 19.56
C ILE A 395 39.82 -42.70 19.70
N GLY A 396 40.75 -42.86 20.63
CA GLY A 396 41.48 -44.11 20.86
C GLY A 396 40.61 -45.36 20.83
N ILE A 397 41.13 -46.40 20.18
CA ILE A 397 40.40 -47.65 19.99
C ILE A 397 40.19 -48.40 21.30
N ARG A 398 41.06 -48.14 22.28
CA ARG A 398 40.99 -48.78 23.59
C ARG A 398 39.80 -48.25 24.40
N GLN A 399 39.49 -46.96 24.19
CA GLN A 399 38.33 -46.33 24.82
C GLN A 399 37.03 -46.58 24.04
N LEU A 400 37.17 -46.92 22.76
CA LEU A 400 36.04 -47.27 21.89
C LEU A 400 35.38 -48.60 22.33
N SER A 401 36.22 -49.53 22.78
CA SER A 401 35.77 -50.87 23.13
C SER A 401 35.18 -50.96 24.55
N GLN A 402 35.49 -49.98 25.39
CA GLN A 402 35.06 -49.99 26.80
C GLN A 402 33.60 -49.56 27.03
N SER A 403 33.07 -48.70 26.17
CA SER A 403 31.69 -48.21 26.31
C SER A 403 30.73 -48.60 25.18
N LEU A 404 31.09 -48.28 23.94
CA LEU A 404 30.23 -48.52 22.79
C LEU A 404 30.13 -49.99 22.38
N LEU A 405 31.27 -50.68 22.32
CA LEU A 405 31.31 -52.07 21.85
C LEU A 405 30.19 -52.95 22.44
N PRO A 406 30.04 -53.01 23.78
CA PRO A 406 28.94 -53.81 24.33
C PRO A 406 27.58 -53.45 23.71
N ALA A 407 27.37 -52.16 23.44
CA ALA A 407 26.12 -51.68 22.86
C ALA A 407 26.06 -51.89 21.33
N ILE A 408 27.21 -51.83 20.66
CA ILE A 408 27.29 -52.09 19.21
C ILE A 408 26.92 -53.54 18.92
N VAL A 409 27.42 -54.43 19.78
CA VAL A 409 27.26 -55.89 19.66
C VAL A 409 25.82 -56.33 19.86
N GLU A 410 25.10 -55.62 20.73
CA GLU A 410 23.69 -55.89 20.99
C GLU A 410 22.85 -55.56 19.76
N LEU A 411 23.25 -54.51 19.06
CA LEU A 411 22.57 -54.03 17.85
C LEU A 411 22.86 -54.92 16.64
N ALA A 412 24.01 -55.60 16.67
CA ALA A 412 24.39 -56.59 15.65
C ALA A 412 23.41 -57.76 15.56
N GLU A 413 22.35 -57.71 16.37
CA GLU A 413 21.29 -58.70 16.36
C GLU A 413 19.94 -58.03 16.58
N ASP A 414 19.82 -56.78 16.11
CA ASP A 414 18.56 -56.03 16.27
C ASP A 414 17.44 -56.61 15.40
N ALA A 415 16.20 -56.33 15.80
CA ALA A 415 15.04 -56.81 15.05
C ALA A 415 15.04 -56.31 13.61
N LYS A 416 15.38 -55.04 13.42
CA LYS A 416 15.38 -54.45 12.09
C LYS A 416 16.63 -54.84 11.33
N TRP A 417 16.45 -55.33 10.11
CA TRP A 417 17.57 -55.79 9.31
C TRP A 417 18.40 -54.63 8.78
N ARG A 418 17.73 -53.51 8.52
CA ARG A 418 18.41 -52.28 8.09
C ARG A 418 19.43 -51.81 9.13
N VAL A 419 19.03 -51.90 10.40
CA VAL A 419 19.92 -51.64 11.54
C VAL A 419 21.09 -52.62 11.53
N ARG A 420 20.75 -53.91 11.41
CA ARG A 420 21.76 -54.97 11.44
C ARG A 420 22.82 -54.79 10.36
N LEU A 421 22.37 -54.67 9.11
CA LEU A 421 23.25 -54.46 7.95
C LEU A 421 24.22 -53.31 8.20
N ALA A 422 23.77 -52.34 9.00
CA ALA A 422 24.59 -51.18 9.34
C ALA A 422 25.81 -51.61 10.16
N ILE A 423 25.62 -52.49 11.14
CA ILE A 423 26.71 -53.03 11.95
C ILE A 423 27.65 -53.91 11.11
N ILE A 424 27.07 -54.66 10.17
CA ILE A 424 27.82 -55.53 9.26
C ILE A 424 28.65 -54.74 8.24
N GLU A 425 28.15 -53.56 7.87
CA GLU A 425 28.86 -52.64 6.98
C GLU A 425 30.14 -52.15 7.65
N TYR A 426 30.22 -52.41 8.96
CA TYR A 426 31.16 -51.78 9.84
C TYR A 426 32.17 -52.77 10.44
N MET A 427 31.91 -54.06 10.27
CA MET A 427 32.71 -55.13 10.89
C MET A 427 34.19 -55.24 10.48
N PRO A 428 34.52 -54.99 9.19
CA PRO A 428 35.93 -54.94 8.83
C PRO A 428 36.73 -53.95 9.67
N LEU A 429 36.25 -52.71 9.73
CA LEU A 429 36.92 -51.65 10.49
C LEU A 429 37.00 -51.96 11.98
N LEU A 430 35.88 -52.35 12.57
CA LEU A 430 35.83 -52.66 13.99
C LEU A 430 36.70 -53.86 14.34
N ALA A 431 36.61 -54.91 13.52
CA ALA A 431 37.37 -56.14 13.75
C ALA A 431 38.63 -56.18 12.90
N GLY A 432 39.29 -55.04 12.79
CA GLY A 432 40.56 -54.93 12.08
C GLY A 432 41.47 -53.98 12.80
N GLN A 433 40.94 -52.79 13.09
CA GLN A 433 41.65 -51.80 13.88
C GLN A 433 41.67 -52.16 15.37
N LEU A 434 41.21 -53.37 15.69
CA LEU A 434 41.07 -53.82 17.08
C LEU A 434 41.39 -55.31 17.26
N GLY A 435 40.70 -56.15 16.48
CA GLY A 435 40.79 -57.60 16.68
C GLY A 435 41.94 -58.29 15.98
N VAL A 436 43.13 -58.18 16.57
CA VAL A 436 44.28 -58.97 16.13
C VAL A 436 43.98 -60.47 16.34
N GLU A 437 44.03 -60.91 17.60
CA GLU A 437 43.54 -62.23 18.01
C GLU A 437 42.19 -62.10 18.69
N PHE A 438 41.85 -60.87 19.07
CA PHE A 438 40.65 -60.55 19.84
C PHE A 438 39.35 -60.93 19.15
N PHE A 439 39.29 -60.72 17.83
CA PHE A 439 38.06 -60.94 17.06
C PHE A 439 37.65 -62.41 16.96
N ASP A 440 38.57 -63.26 16.53
CA ASP A 440 38.28 -64.68 16.30
C ASP A 440 38.10 -65.50 17.59
N GLU A 441 37.72 -64.82 18.68
CA GLU A 441 37.46 -65.47 19.96
C GLU A 441 36.34 -64.78 20.75
N LYS A 442 36.13 -63.49 20.49
CA LYS A 442 35.13 -62.68 21.19
C LYS A 442 33.93 -62.31 20.29
N LEU A 443 34.17 -62.28 18.98
CA LEU A 443 33.17 -61.85 18.01
C LEU A 443 32.91 -62.84 16.86
N ASN A 444 33.74 -63.87 16.74
CA ASN A 444 33.63 -64.82 15.61
C ASN A 444 32.24 -65.37 15.40
N SER A 445 31.71 -66.05 16.43
CA SER A 445 30.43 -66.74 16.34
C SER A 445 29.27 -65.76 16.24
N LEU A 446 29.56 -64.48 16.42
CA LEU A 446 28.62 -63.41 16.18
C LEU A 446 28.64 -63.01 14.71
N CYS A 447 29.84 -62.86 14.16
CA CYS A 447 30.05 -62.44 12.77
C CYS A 447 29.54 -63.48 11.76
N MET A 448 29.56 -64.75 12.19
CA MET A 448 29.19 -65.88 11.36
C MET A 448 27.68 -66.12 11.35
N ALA A 449 27.04 -65.84 12.47
CA ALA A 449 25.62 -66.09 12.66
C ALA A 449 24.73 -65.28 11.72
N TRP A 450 25.30 -64.28 11.06
CA TRP A 450 24.57 -63.47 10.09
C TRP A 450 24.31 -64.24 8.81
N LEU A 451 25.11 -65.26 8.57
CA LEU A 451 24.94 -66.11 7.39
C LEU A 451 23.73 -67.04 7.52
N VAL A 452 23.26 -67.22 8.75
CA VAL A 452 22.12 -68.10 9.02
C VAL A 452 20.83 -67.30 9.34
N ASP A 453 20.91 -65.98 9.13
CA ASP A 453 19.77 -65.08 9.30
C ASP A 453 18.62 -65.44 8.36
N HIS A 454 17.39 -65.13 8.78
CA HIS A 454 16.21 -65.43 7.97
C HIS A 454 15.96 -64.44 6.83
N VAL A 455 16.46 -63.21 6.99
CA VAL A 455 16.39 -62.18 5.92
C VAL A 455 17.58 -62.28 4.96
N TYR A 456 17.30 -62.27 3.66
CA TYR A 456 18.32 -62.43 2.64
C TYR A 456 19.40 -61.38 2.77
N ALA A 457 19.03 -60.11 2.68
CA ALA A 457 20.01 -59.02 2.56
C ALA A 457 21.16 -59.13 3.54
N ILE A 458 20.89 -59.74 4.70
CA ILE A 458 21.90 -60.00 5.72
C ILE A 458 22.90 -61.07 5.26
N ARG A 459 22.39 -62.17 4.69
CA ARG A 459 23.21 -63.22 4.08
C ARG A 459 24.09 -62.66 2.95
N GLU A 460 23.56 -61.68 2.21
CA GLU A 460 24.33 -60.98 1.18
C GLU A 460 25.38 -60.04 1.79
N ALA A 461 25.01 -59.40 2.90
CA ALA A 461 25.93 -58.55 3.64
C ALA A 461 26.95 -59.40 4.39
N ALA A 462 26.50 -60.54 4.89
CA ALA A 462 27.35 -61.50 5.60
C ALA A 462 28.34 -62.19 4.67
N THR A 463 27.90 -62.45 3.43
CA THR A 463 28.74 -63.05 2.40
C THR A 463 29.78 -62.05 1.89
N SER A 464 29.33 -60.88 1.45
CA SER A 464 30.24 -59.81 1.04
C SER A 464 31.24 -59.46 2.15
N ASN A 465 30.84 -59.71 3.39
CA ASN A 465 31.67 -59.45 4.57
C ASN A 465 32.99 -60.23 4.59
N LEU A 466 32.95 -61.46 4.06
CA LEU A 466 34.08 -62.40 4.13
C LEU A 466 35.24 -62.05 3.20
N LYS A 467 34.93 -61.67 1.95
CA LYS A 467 35.94 -61.25 0.98
C LYS A 467 36.74 -60.08 1.54
N LYS A 468 36.12 -59.32 2.42
CA LYS A 468 36.78 -58.23 3.13
C LYS A 468 37.42 -58.71 4.44
N LEU A 469 36.80 -59.71 5.06
CA LEU A 469 37.26 -60.29 6.32
C LEU A 469 38.43 -61.25 6.13
N VAL A 470 38.81 -61.47 4.87
CA VAL A 470 40.01 -62.23 4.52
C VAL A 470 40.98 -61.29 3.81
N GLU A 471 40.45 -60.19 3.28
CA GLU A 471 41.25 -59.18 2.58
C GLU A 471 42.19 -58.47 3.55
N LYS A 472 41.61 -57.79 4.54
CA LYS A 472 42.40 -57.06 5.53
C LYS A 472 42.94 -57.97 6.64
N PHE A 473 42.31 -59.13 6.79
CA PHE A 473 42.75 -60.12 7.77
C PHE A 473 43.64 -61.16 7.09
N GLY A 474 43.86 -62.30 7.75
CA GLY A 474 44.80 -63.32 7.30
C GLY A 474 44.45 -64.04 6.01
N LYS A 475 44.70 -65.35 6.02
CA LYS A 475 44.53 -66.22 4.84
C LYS A 475 44.62 -67.69 5.26
N GLU A 476 45.53 -67.96 6.20
CA GLU A 476 45.66 -69.27 6.84
C GLU A 476 44.61 -69.40 7.94
N TRP A 477 44.23 -68.25 8.50
CA TRP A 477 43.16 -68.15 9.51
C TRP A 477 41.79 -68.23 8.86
N ALA A 478 41.71 -67.77 7.61
CA ALA A 478 40.51 -67.97 6.79
C ALA A 478 40.28 -69.47 6.64
N HIS A 479 41.36 -70.18 6.38
CA HIS A 479 41.34 -71.63 6.27
C HIS A 479 41.05 -72.31 7.62
N ALA A 480 41.33 -71.59 8.71
CA ALA A 480 41.25 -72.15 10.06
C ALA A 480 39.93 -71.87 10.79
N THR A 481 39.24 -70.80 10.43
CA THR A 481 37.97 -70.47 11.07
C THR A 481 36.82 -70.22 10.09
N ILE A 482 37.02 -69.28 9.16
CA ILE A 482 35.99 -68.87 8.20
C ILE A 482 35.52 -70.01 7.29
N ILE A 483 36.45 -70.70 6.64
CA ILE A 483 36.10 -71.77 5.71
C ILE A 483 35.53 -73.05 6.38
N PRO A 484 36.09 -73.47 7.54
CA PRO A 484 35.53 -74.63 8.27
C PRO A 484 34.03 -74.55 8.56
N LYS A 485 33.55 -73.38 9.00
CA LYS A 485 32.13 -73.18 9.29
C LYS A 485 31.29 -72.84 8.05
N VAL A 486 31.95 -72.37 7.00
CA VAL A 486 31.30 -72.09 5.72
C VAL A 486 31.03 -73.38 4.94
N LEU A 487 32.00 -74.30 4.96
CA LEU A 487 31.82 -75.62 4.36
C LEU A 487 30.75 -76.43 5.11
N ALA A 488 30.72 -76.27 6.43
CA ALA A 488 29.72 -76.93 7.28
C ALA A 488 28.29 -76.67 6.81
N MET A 489 28.03 -75.41 6.44
CA MET A 489 26.71 -74.92 6.06
C MET A 489 26.02 -75.72 4.94
N SER A 490 26.80 -76.51 4.21
CA SER A 490 26.32 -77.22 3.02
C SER A 490 25.26 -78.25 3.33
N GLY A 491 25.14 -78.62 4.61
CA GLY A 491 24.18 -79.63 5.05
C GLY A 491 22.77 -79.13 5.32
N ASP A 492 22.65 -77.82 5.60
CA ASP A 492 21.37 -77.20 5.93
C ASP A 492 20.26 -77.72 5.00
N PRO A 493 19.11 -78.13 5.57
CA PRO A 493 17.99 -78.66 4.80
C PRO A 493 17.25 -77.61 3.97
N ASN A 494 17.27 -76.35 4.39
CA ASN A 494 16.67 -75.30 3.58
C ASN A 494 17.60 -74.89 2.46
N TYR A 495 17.12 -74.99 1.22
CA TYR A 495 17.94 -74.66 0.06
C TYR A 495 18.43 -73.20 0.10
N LEU A 496 17.56 -72.27 0.49
CA LEU A 496 17.96 -70.90 0.80
C LEU A 496 19.33 -70.91 1.51
N HIS A 497 19.39 -71.59 2.65
CA HIS A 497 20.56 -71.65 3.50
C HIS A 497 21.73 -72.43 2.92
N ARG A 498 21.43 -73.51 2.19
CA ARG A 498 22.52 -74.28 1.58
C ARG A 498 23.00 -73.67 0.27
N MET A 499 22.26 -72.69 -0.26
CA MET A 499 22.75 -71.94 -1.38
C MET A 499 23.84 -70.99 -0.91
N THR A 500 23.79 -70.60 0.37
CA THR A 500 24.82 -69.73 0.95
C THR A 500 26.21 -70.40 1.00
N THR A 501 26.25 -71.72 0.83
CA THR A 501 27.52 -72.42 0.64
C THR A 501 28.15 -71.94 -0.66
N LEU A 502 27.48 -72.17 -1.79
CA LEU A 502 27.91 -71.66 -3.10
C LEU A 502 28.09 -70.15 -3.08
N PHE A 503 27.20 -69.46 -2.38
CA PHE A 503 27.19 -67.99 -2.31
C PHE A 503 28.48 -67.42 -1.72
N CYS A 504 28.99 -68.07 -0.67
CA CYS A 504 30.24 -67.63 -0.06
C CYS A 504 31.45 -68.11 -0.84
N ILE A 505 31.30 -69.24 -1.54
CA ILE A 505 32.40 -69.84 -2.31
C ILE A 505 32.94 -68.91 -3.39
N ASN A 506 32.05 -68.33 -4.20
CA ASN A 506 32.51 -67.47 -5.30
C ASN A 506 32.98 -66.08 -4.87
N VAL A 507 32.75 -65.72 -3.61
CA VAL A 507 33.26 -64.47 -3.04
C VAL A 507 34.41 -64.75 -2.06
N LEU A 508 34.65 -66.03 -1.78
CA LEU A 508 35.83 -66.45 -1.01
C LEU A 508 36.80 -67.19 -1.92
N SER A 509 37.00 -66.66 -3.12
CA SER A 509 37.91 -67.26 -4.09
C SER A 509 38.95 -66.24 -4.55
N GLU A 510 38.52 -64.98 -4.63
CA GLU A 510 39.35 -63.89 -5.14
C GLU A 510 40.38 -63.44 -4.09
N VAL A 511 40.15 -63.86 -2.83
CA VAL A 511 41.02 -63.50 -1.72
C VAL A 511 41.70 -64.72 -1.07
N CYS A 512 41.44 -65.91 -1.62
CA CYS A 512 41.97 -67.14 -1.05
C CYS A 512 42.87 -67.92 -2.02
N GLY A 513 42.78 -67.59 -3.32
CA GLY A 513 43.66 -68.13 -4.36
C GLY A 513 43.47 -69.60 -4.70
N GLN A 514 44.36 -70.11 -5.57
CA GLN A 514 44.27 -71.48 -6.10
C GLN A 514 44.26 -72.55 -5.00
N ASP A 515 45.41 -72.72 -4.33
CA ASP A 515 45.66 -73.83 -3.39
C ASP A 515 44.54 -74.10 -2.38
N ILE A 516 44.03 -73.06 -1.76
CA ILE A 516 42.95 -73.18 -0.78
C ILE A 516 41.65 -73.66 -1.47
N THR A 517 41.35 -73.06 -2.63
CA THR A 517 40.16 -73.37 -3.41
C THR A 517 40.15 -74.80 -3.98
N THR A 518 41.23 -75.19 -4.65
CA THR A 518 41.32 -76.46 -5.36
C THR A 518 41.11 -77.67 -4.44
N LYS A 519 41.65 -77.62 -3.24
CA LYS A 519 41.58 -78.79 -2.35
C LYS A 519 40.47 -78.75 -1.29
N HIS A 520 39.85 -77.60 -1.07
CA HIS A 520 38.91 -77.46 0.04
C HIS A 520 37.52 -76.97 -0.34
N MET A 521 37.44 -75.93 -1.17
CA MET A 521 36.16 -75.39 -1.64
C MET A 521 35.54 -76.26 -2.73
N LEU A 522 36.30 -76.48 -3.81
CA LEU A 522 35.85 -77.24 -4.98
C LEU A 522 35.31 -78.65 -4.69
N PRO A 523 35.96 -79.42 -3.79
CA PRO A 523 35.41 -80.72 -3.39
C PRO A 523 33.96 -80.67 -2.85
N THR A 524 33.48 -79.48 -2.51
CA THR A 524 32.10 -79.30 -2.07
C THR A 524 31.21 -78.87 -3.24
N VAL A 525 31.72 -78.04 -4.13
CA VAL A 525 30.94 -77.50 -5.27
C VAL A 525 30.45 -78.60 -6.22
N LEU A 526 31.37 -79.41 -6.76
CA LEU A 526 31.01 -80.56 -7.61
C LEU A 526 30.62 -81.79 -6.78
N ARG A 527 30.21 -81.52 -5.55
CA ARG A 527 29.50 -82.45 -4.68
C ARG A 527 28.07 -81.92 -4.55
N MET A 528 27.93 -80.61 -4.70
CA MET A 528 26.64 -79.93 -4.57
C MET A 528 25.83 -79.93 -5.86
N ALA A 529 26.46 -80.34 -6.97
CA ALA A 529 25.79 -80.35 -8.28
C ALA A 529 24.75 -81.46 -8.42
N GLY A 530 24.63 -82.30 -7.39
CA GLY A 530 23.67 -83.40 -7.39
C GLY A 530 22.60 -83.20 -6.32
N ASP A 531 22.28 -81.94 -6.07
CA ASP A 531 21.25 -81.55 -5.10
C ASP A 531 19.85 -81.69 -5.70
N PRO A 532 18.91 -82.22 -4.92
CA PRO A 532 17.48 -82.31 -5.29
C PRO A 532 16.84 -81.02 -5.83
N VAL A 533 17.21 -79.87 -5.28
CA VAL A 533 16.60 -78.59 -5.64
C VAL A 533 17.41 -77.84 -6.72
N ALA A 534 16.77 -77.63 -7.88
CA ALA A 534 17.43 -77.07 -9.08
C ALA A 534 18.13 -75.73 -8.84
N ASN A 535 17.60 -74.95 -7.90
CA ASN A 535 18.19 -73.67 -7.50
C ASN A 535 19.60 -73.78 -6.93
N VAL A 536 19.92 -74.93 -6.34
CA VAL A 536 21.27 -75.23 -5.91
C VAL A 536 22.09 -75.74 -7.09
N ARG A 537 21.43 -76.48 -7.98
CA ARG A 537 22.08 -77.05 -9.17
C ARG A 537 22.51 -76.00 -10.19
N PHE A 538 21.64 -75.05 -10.54
CA PHE A 538 22.08 -74.02 -11.49
C PHE A 538 23.00 -73.01 -10.86
N ASN A 539 22.94 -72.87 -9.55
CA ASN A 539 23.90 -72.02 -8.84
C ASN A 539 25.19 -72.74 -8.42
N VAL A 540 25.34 -73.98 -8.86
CA VAL A 540 26.63 -74.68 -8.86
C VAL A 540 27.30 -74.38 -10.19
N ALA A 541 26.52 -74.50 -11.26
CA ALA A 541 26.99 -74.20 -12.61
C ALA A 541 27.34 -72.72 -12.73
N LYS A 542 26.49 -71.88 -12.14
CA LYS A 542 26.73 -70.45 -12.00
C LYS A 542 28.00 -70.26 -11.16
N SER A 543 28.08 -71.02 -10.06
CA SER A 543 29.18 -70.94 -9.09
C SER A 543 30.50 -71.46 -9.62
N LEU A 544 30.43 -72.42 -10.55
CA LEU A 544 31.64 -73.00 -11.15
C LEU A 544 32.25 -72.05 -12.17
N GLN A 545 31.41 -71.26 -12.84
CA GLN A 545 31.88 -70.26 -13.79
C GLN A 545 32.75 -69.20 -13.09
N LYS A 546 32.26 -68.67 -11.98
CA LYS A 546 32.97 -67.67 -11.19
C LYS A 546 34.31 -68.18 -10.65
N ILE A 547 34.29 -69.37 -10.06
CA ILE A 547 35.50 -69.96 -9.47
C ILE A 547 36.30 -70.82 -10.46
N GLY A 548 36.11 -70.55 -11.76
CA GLY A 548 36.83 -71.26 -12.82
C GLY A 548 38.25 -70.76 -13.09
N PRO A 549 38.39 -69.45 -13.42
CA PRO A 549 39.70 -68.84 -13.63
C PRO A 549 40.65 -69.03 -12.44
N ILE A 550 40.09 -69.16 -11.23
CA ILE A 550 40.87 -69.40 -10.02
C ILE A 550 41.62 -70.74 -10.14
N LEU A 551 40.97 -71.73 -10.74
CA LEU A 551 41.51 -73.09 -10.83
C LEU A 551 42.56 -73.27 -11.91
N ASP A 552 43.45 -74.24 -11.70
CA ASP A 552 44.48 -74.65 -12.67
C ASP A 552 43.82 -75.34 -13.87
N ASN A 553 44.32 -75.01 -15.06
CA ASN A 553 43.80 -75.54 -16.33
C ASN A 553 43.52 -77.06 -16.35
N SER A 554 44.39 -77.83 -15.71
CA SER A 554 44.25 -79.29 -15.64
C SER A 554 43.13 -79.73 -14.70
N THR A 555 43.12 -79.18 -13.48
CA THR A 555 42.10 -79.48 -12.48
C THR A 555 40.80 -78.70 -12.74
N LEU A 556 40.53 -78.39 -14.01
CA LEU A 556 39.20 -77.91 -14.44
C LEU A 556 38.83 -78.45 -15.82
N GLN A 557 39.76 -79.15 -16.46
CA GLN A 557 39.52 -79.77 -17.75
C GLN A 557 38.94 -81.19 -17.60
N SER A 558 39.18 -81.80 -16.45
CA SER A 558 38.69 -83.16 -16.18
C SER A 558 37.99 -83.28 -14.84
N GLU A 559 38.06 -82.22 -14.04
CA GLU A 559 37.37 -82.16 -12.75
C GLU A 559 36.15 -81.28 -12.83
N VAL A 560 36.26 -80.17 -13.56
CA VAL A 560 35.18 -79.19 -13.72
C VAL A 560 34.66 -79.16 -15.17
N LYS A 561 34.68 -80.33 -15.82
CA LYS A 561 34.11 -80.47 -17.17
C LYS A 561 33.06 -81.58 -17.25
N PRO A 562 33.35 -82.78 -16.69
CA PRO A 562 32.32 -83.82 -16.73
C PRO A 562 31.16 -83.56 -15.76
N ILE A 563 31.35 -82.66 -14.80
CA ILE A 563 30.28 -82.25 -13.90
C ILE A 563 29.36 -81.26 -14.60
N LEU A 564 29.97 -80.29 -15.31
CA LEU A 564 29.22 -79.26 -16.04
C LEU A 564 28.49 -79.75 -17.29
N GLU A 565 29.00 -80.83 -17.89
CA GLU A 565 28.37 -81.41 -19.07
C GLU A 565 27.19 -82.33 -18.70
N LYS A 566 27.26 -82.96 -17.52
CA LYS A 566 26.14 -83.78 -17.03
C LYS A 566 25.00 -82.91 -16.51
N LEU A 567 25.34 -81.66 -16.17
CA LEU A 567 24.37 -80.66 -15.73
C LEU A 567 23.64 -80.00 -16.89
N THR A 568 24.04 -80.32 -18.12
CA THR A 568 23.33 -79.88 -19.32
C THR A 568 22.36 -80.98 -19.81
N GLN A 569 22.17 -81.99 -18.97
CA GLN A 569 21.57 -83.24 -19.43
C GLN A 569 20.31 -83.75 -18.72
N ASP A 570 19.62 -82.89 -17.96
CA ASP A 570 18.39 -83.33 -17.26
C ASP A 570 17.27 -82.27 -17.06
N GLN A 571 16.64 -82.36 -15.89
CA GLN A 571 15.31 -81.80 -15.60
C GLN A 571 15.05 -80.36 -16.10
N ASP A 572 15.90 -79.43 -15.70
CA ASP A 572 15.60 -77.99 -15.71
C ASP A 572 15.87 -77.28 -17.04
N VAL A 573 15.46 -76.02 -17.12
CA VAL A 573 15.83 -75.16 -18.25
C VAL A 573 16.83 -74.08 -17.82
N ASP A 574 17.07 -73.99 -16.52
CA ASP A 574 18.04 -73.04 -15.96
C ASP A 574 19.37 -73.72 -15.65
N VAL A 575 19.30 -74.96 -15.17
CA VAL A 575 20.51 -75.76 -14.98
C VAL A 575 21.07 -76.06 -16.38
N LYS A 576 20.17 -76.31 -17.33
CA LYS A 576 20.49 -76.54 -18.73
C LYS A 576 20.89 -75.24 -19.45
N TYR A 577 21.18 -74.19 -18.66
CA TYR A 577 21.53 -72.88 -19.23
C TYR A 577 22.73 -72.27 -18.53
N PHE A 578 22.77 -72.36 -17.21
CA PHE A 578 23.90 -71.89 -16.42
C PHE A 578 25.10 -72.83 -16.53
N ALA A 579 24.82 -74.11 -16.75
CA ALA A 579 25.85 -75.09 -17.06
C ALA A 579 26.20 -75.04 -18.53
N GLN A 580 25.44 -74.24 -19.28
CA GLN A 580 25.72 -74.01 -20.70
C GLN A 580 26.59 -72.78 -20.85
N GLU A 581 26.14 -71.66 -20.26
CA GLU A 581 26.89 -70.41 -20.31
C GLU A 581 28.05 -70.41 -19.31
N ALA A 582 28.17 -71.48 -18.53
CA ALA A 582 29.38 -71.72 -17.76
C ALA A 582 30.44 -72.33 -18.66
N LEU A 583 30.02 -73.19 -19.58
CA LEU A 583 30.92 -73.84 -20.53
C LEU A 583 31.50 -72.84 -21.53
N THR A 584 30.71 -71.82 -21.86
CA THR A 584 31.10 -70.82 -22.83
C THR A 584 32.28 -69.97 -22.33
N VAL A 585 32.08 -69.26 -21.22
CA VAL A 585 33.11 -68.38 -20.66
C VAL A 585 34.38 -69.15 -20.29
N LEU A 586 34.20 -70.30 -19.62
CA LEU A 586 35.33 -71.14 -19.25
C LEU A 586 36.03 -71.77 -20.46
N SER A 587 35.40 -71.65 -21.63
CA SER A 587 35.88 -72.22 -22.90
C SER A 587 36.19 -73.71 -22.76
N LEU A 588 35.14 -74.53 -22.71
CA LEU A 588 35.29 -75.97 -22.51
C LEU A 588 34.67 -76.84 -23.60
N ALA A 589 33.78 -76.27 -24.41
CA ALA A 589 33.09 -77.00 -25.48
C ALA A 589 34.04 -77.69 -26.48
N ARG B 2 -22.72 -9.43 32.07
CA ARG B 2 -22.67 -10.89 31.72
C ARG B 2 -23.32 -11.74 32.81
N ASP B 3 -23.54 -11.14 33.97
CA ASP B 3 -24.20 -11.83 35.06
C ASP B 3 -25.72 -11.63 34.97
N VAL B 4 -26.14 -10.57 34.26
CA VAL B 4 -27.54 -10.18 34.14
C VAL B 4 -28.24 -10.16 35.50
N PRO B 5 -27.54 -9.64 36.50
CA PRO B 5 -27.96 -9.66 37.89
C PRO B 5 -27.65 -8.38 38.66
N PRO B 6 -26.62 -7.61 38.21
CA PRO B 6 -26.23 -6.39 38.91
C PRO B 6 -26.89 -5.12 38.34
N ALA B 7 -28.21 -5.03 38.50
CA ALA B 7 -29.04 -3.98 37.88
C ALA B 7 -28.78 -3.87 36.37
N ASP B 8 -29.29 -2.80 35.76
CA ASP B 8 -29.16 -2.63 34.32
C ASP B 8 -27.78 -2.08 33.94
N GLN B 9 -27.37 -0.97 34.55
CA GLN B 9 -26.03 -0.45 34.33
C GLN B 9 -25.08 -1.07 35.36
N GLU B 10 -23.78 -0.89 35.15
CA GLU B 10 -22.75 -1.66 35.87
C GLU B 10 -22.92 -3.15 35.53
N LYS B 11 -23.20 -3.39 34.25
CA LYS B 11 -23.39 -4.72 33.68
C LYS B 11 -22.65 -4.78 32.35
N LEU B 12 -22.83 -3.73 31.56
CA LEU B 12 -21.99 -3.45 30.39
C LEU B 12 -20.54 -3.27 30.85
N PHE B 13 -20.39 -2.88 32.12
CA PHE B 13 -19.08 -2.64 32.71
C PHE B 13 -18.35 -3.96 32.95
N ILE B 14 -19.12 -5.01 33.24
CA ILE B 14 -18.55 -6.34 33.48
C ILE B 14 -18.40 -7.17 32.20
N GLN B 15 -19.39 -7.14 31.30
CA GLN B 15 -19.25 -7.89 30.08
C GLN B 15 -17.91 -7.59 29.42
N LYS B 16 -17.60 -6.30 29.26
CA LYS B 16 -16.31 -5.86 28.72
C LYS B 16 -15.12 -6.36 29.53
N LEU B 17 -15.35 -6.57 30.83
CA LEU B 17 -14.35 -7.09 31.75
C LEU B 17 -14.12 -8.56 31.47
N ARG B 18 -15.18 -9.30 31.14
CA ARG B 18 -15.09 -10.75 30.91
C ARG B 18 -14.48 -11.09 29.57
N GLN B 19 -14.82 -10.31 28.55
CA GLN B 19 -14.18 -10.51 27.25
C GLN B 19 -12.89 -9.70 27.10
N CYS B 20 -12.27 -9.41 28.24
CA CYS B 20 -10.86 -9.17 28.32
C CYS B 20 -10.33 -10.32 29.17
N CYS B 21 -11.17 -10.76 30.10
CA CYS B 21 -10.87 -11.88 30.99
C CYS B 21 -10.74 -13.13 30.14
N VAL B 22 -11.63 -13.27 29.15
CA VAL B 22 -11.70 -14.48 28.35
C VAL B 22 -10.86 -14.32 27.08
N LEU B 23 -9.71 -13.66 27.26
CA LEU B 23 -8.87 -13.22 26.16
C LEU B 23 -7.39 -13.52 26.42
N PHE B 24 -7.07 -13.92 27.65
CA PHE B 24 -5.73 -14.44 27.95
C PHE B 24 -5.80 -15.95 27.75
N ASP B 25 -5.73 -16.32 26.48
CA ASP B 25 -5.95 -17.68 25.98
C ASP B 25 -4.90 -18.70 26.42
N PHE B 26 -5.33 -19.95 26.58
CA PHE B 26 -4.50 -20.95 27.25
C PHE B 26 -3.64 -21.76 26.27
N VAL B 27 -2.64 -21.06 25.75
CA VAL B 27 -1.74 -21.47 24.64
C VAL B 27 -1.39 -22.96 24.46
N SER B 28 -1.63 -23.77 25.49
CA SER B 28 -1.41 -25.22 25.40
C SER B 28 -2.63 -26.08 25.75
N ASP B 29 -3.16 -26.74 24.72
CA ASP B 29 -4.09 -27.85 24.85
C ASP B 29 -3.58 -29.15 24.19
N PRO B 30 -2.38 -29.13 23.54
CA PRO B 30 -1.78 -30.40 23.13
C PRO B 30 -0.70 -30.89 24.11
N LEU B 31 -0.56 -30.23 25.26
CA LEU B 31 0.39 -30.63 26.28
C LEU B 31 -0.19 -30.52 27.70
N SER B 32 -0.78 -31.62 28.16
CA SER B 32 -1.25 -31.79 29.55
C SER B 32 -2.56 -31.06 29.87
N ASP B 33 -2.65 -30.55 31.09
CA ASP B 33 -3.86 -29.94 31.63
C ASP B 33 -3.53 -28.66 32.44
N LEU B 34 -4.45 -27.69 32.44
CA LEU B 34 -4.35 -26.53 33.34
C LEU B 34 -5.75 -26.02 33.72
N LYS B 35 -6.66 -26.96 34.02
CA LYS B 35 -8.05 -26.65 34.37
C LYS B 35 -8.19 -25.69 35.57
N TRP B 36 -9.32 -24.99 35.61
CA TRP B 36 -9.48 -23.68 36.26
C TRP B 36 -9.15 -22.63 35.17
N LYS B 37 -9.10 -23.14 33.93
CA LYS B 37 -9.35 -22.38 32.69
C LYS B 37 -10.74 -22.83 32.25
N GLU B 38 -11.43 -23.48 33.20
CA GLU B 38 -12.85 -23.77 33.12
C GLU B 38 -13.60 -22.47 33.27
N VAL B 39 -13.08 -21.61 34.15
CA VAL B 39 -13.59 -20.25 34.32
C VAL B 39 -13.81 -19.62 32.94
N LYS B 40 -12.74 -19.52 32.15
CA LYS B 40 -12.84 -18.99 30.79
C LYS B 40 -14.01 -19.63 30.07
N ARG B 41 -14.00 -20.96 29.98
CA ARG B 41 -15.03 -21.65 29.23
C ARG B 41 -16.43 -21.30 29.72
N ALA B 42 -16.63 -21.40 31.04
CA ALA B 42 -17.95 -21.17 31.62
C ALA B 42 -18.41 -19.74 31.34
N ALA B 43 -17.45 -18.83 31.40
CA ALA B 43 -17.71 -17.40 31.28
C ALA B 43 -18.03 -16.99 29.86
N LEU B 44 -17.32 -17.53 28.88
CA LEU B 44 -17.68 -17.23 27.50
C LEU B 44 -18.92 -18.03 27.09
N SER B 45 -19.29 -19.00 27.92
CA SER B 45 -20.58 -19.66 27.74
C SER B 45 -21.70 -18.74 28.21
N GLU B 46 -21.50 -18.11 29.36
CA GLU B 46 -22.51 -17.19 29.88
C GLU B 46 -22.66 -15.97 28.98
N MET B 47 -21.56 -15.58 28.33
CA MET B 47 -21.59 -14.45 27.42
C MET B 47 -22.36 -14.79 26.17
N VAL B 48 -22.29 -16.07 25.77
CA VAL B 48 -23.04 -16.55 24.62
C VAL B 48 -24.52 -16.67 24.95
N GLU B 49 -24.83 -16.97 26.21
CA GLU B 49 -26.20 -16.95 26.69
C GLU B 49 -26.70 -15.51 26.79
N TYR B 50 -25.87 -14.67 27.39
CA TYR B 50 -26.19 -13.28 27.69
C TYR B 50 -26.60 -12.44 26.47
N ILE B 51 -26.09 -12.79 25.29
CA ILE B 51 -26.40 -12.03 24.07
C ILE B 51 -27.51 -12.63 23.21
N THR B 52 -27.93 -13.85 23.52
CA THR B 52 -29.01 -14.50 22.77
C THR B 52 -30.30 -14.61 23.57
N HIS B 53 -30.51 -13.72 24.54
CA HIS B 53 -31.68 -13.79 25.42
C HIS B 53 -32.15 -12.43 25.92
N ASN B 54 -31.26 -11.45 25.94
CA ASN B 54 -31.58 -10.14 26.49
C ASN B 54 -31.56 -9.03 25.44
N ARG B 55 -32.61 -8.21 25.43
CA ARG B 55 -32.75 -7.10 24.49
C ARG B 55 -31.85 -5.91 24.86
N ASN B 56 -31.29 -5.27 23.83
CA ASN B 56 -30.44 -4.08 23.99
C ASN B 56 -29.27 -4.29 24.95
N VAL B 57 -28.31 -5.10 24.52
CA VAL B 57 -27.10 -5.37 25.32
C VAL B 57 -25.82 -5.06 24.55
N ILE B 58 -25.88 -5.20 23.22
CA ILE B 58 -24.74 -4.87 22.38
C ILE B 58 -24.68 -3.36 22.15
N THR B 59 -24.04 -2.67 23.09
CA THR B 59 -23.85 -1.24 22.97
C THR B 59 -22.47 -0.91 22.41
N GLU B 60 -22.38 0.29 21.82
CA GLU B 60 -21.20 0.78 21.10
C GLU B 60 -19.81 0.40 21.62
N PRO B 61 -19.61 0.37 22.96
CA PRO B 61 -18.23 0.13 23.38
C PRO B 61 -17.81 -1.32 23.54
N ILE B 62 -18.68 -2.28 23.21
CA ILE B 62 -18.26 -3.68 23.27
C ILE B 62 -17.81 -4.26 21.93
N TYR B 63 -18.25 -3.64 20.83
CA TYR B 63 -17.80 -4.05 19.49
C TYR B 63 -16.29 -4.17 19.47
N PRO B 64 -15.58 -3.08 19.83
CA PRO B 64 -14.13 -3.15 19.79
C PRO B 64 -13.64 -4.30 20.65
N GLU B 65 -14.22 -4.41 21.85
CA GLU B 65 -13.80 -5.37 22.84
C GLU B 65 -14.14 -6.83 22.44
N VAL B 66 -15.21 -7.01 21.66
CA VAL B 66 -15.58 -8.32 21.10
C VAL B 66 -14.60 -8.70 19.99
N VAL B 67 -14.37 -7.78 19.04
CA VAL B 67 -13.48 -8.07 17.91
C VAL B 67 -12.07 -8.34 18.42
N HIS B 68 -11.63 -7.58 19.42
CA HIS B 68 -10.33 -7.82 20.02
C HIS B 68 -10.31 -9.23 20.58
N MET B 69 -11.36 -9.58 21.32
CA MET B 69 -11.48 -10.91 21.93
C MET B 69 -11.44 -12.02 20.88
N PHE B 70 -12.14 -11.80 19.76
CA PHE B 70 -12.19 -12.79 18.72
C PHE B 70 -10.83 -12.92 18.04
N ALA B 71 -10.24 -11.79 17.69
CA ALA B 71 -8.98 -11.75 16.96
C ALA B 71 -7.83 -12.34 17.77
N VAL B 72 -7.78 -12.03 19.06
CA VAL B 72 -6.75 -12.57 19.95
C VAL B 72 -6.88 -14.08 20.07
N ASN B 73 -8.11 -14.56 19.95
CA ASN B 73 -8.43 -15.97 20.14
C ASN B 73 -8.29 -16.83 18.91
N MET B 74 -8.49 -16.21 17.76
CA MET B 74 -8.74 -16.96 16.54
C MET B 74 -7.61 -16.90 15.52
N PHE B 75 -6.89 -15.78 15.49
CA PHE B 75 -5.93 -15.58 14.46
C PHE B 75 -4.57 -16.14 14.83
N ARG B 76 -4.49 -17.47 14.82
CA ARG B 76 -3.26 -18.20 15.00
C ARG B 76 -2.48 -18.29 13.71
N THR B 77 -1.22 -18.68 13.81
CA THR B 77 -0.55 -19.31 12.68
C THR B 77 -0.99 -20.77 12.72
N LEU B 78 -1.61 -21.22 11.63
CA LEU B 78 -2.05 -22.62 11.52
C LEU B 78 -0.85 -23.56 11.49
N PRO B 79 -1.03 -24.79 12.00
CA PRO B 79 0.10 -25.69 12.20
C PRO B 79 0.44 -26.54 10.96
N PRO B 80 1.65 -27.13 10.94
CA PRO B 80 2.05 -28.00 9.83
C PRO B 80 1.15 -29.21 9.73
N SER B 81 0.42 -29.30 8.62
CA SER B 81 -0.65 -30.28 8.48
C SER B 81 -0.16 -31.70 8.72
N SER B 82 -0.70 -32.32 9.76
CA SER B 82 -0.17 -33.58 10.32
C SER B 82 0.03 -34.69 9.29
N ASN B 83 -0.86 -34.81 8.32
CA ASN B 83 -0.69 -35.78 7.25
C ASN B 83 0.38 -35.31 6.28
N PRO B 84 1.45 -36.10 6.09
CA PRO B 84 2.36 -35.83 4.97
C PRO B 84 1.64 -35.95 3.63
N THR B 85 1.98 -35.06 2.70
CA THR B 85 1.34 -35.06 1.38
C THR B 85 2.35 -34.93 0.23
N GLY B 86 1.87 -35.27 -0.96
CA GLY B 86 2.61 -35.16 -2.21
C GLY B 86 1.64 -35.28 -3.38
N ALA B 87 2.13 -35.81 -4.49
CA ALA B 87 1.27 -36.12 -5.64
C ALA B 87 0.78 -37.57 -5.53
N GLU B 88 1.59 -38.39 -4.85
CA GLU B 88 1.33 -39.82 -4.67
C GLU B 88 0.00 -40.15 -3.97
N PHE B 89 -0.19 -39.59 -2.77
CA PHE B 89 -1.38 -39.81 -1.96
C PHE B 89 -2.61 -39.19 -2.62
N ASP B 90 -3.77 -39.83 -2.44
CA ASP B 90 -5.02 -39.31 -2.98
C ASP B 90 -5.60 -38.26 -2.03
N PRO B 91 -6.11 -37.15 -2.59
CA PRO B 91 -6.60 -35.97 -1.85
C PRO B 91 -7.79 -36.25 -0.91
N GLU B 92 -8.34 -37.46 -0.97
CA GLU B 92 -9.28 -37.98 0.05
C GLU B 92 -8.62 -37.89 1.43
N GLU B 93 -8.05 -36.72 1.70
CA GLU B 93 -7.15 -36.46 2.83
C GLU B 93 -7.68 -37.06 4.13
N ASP B 94 -6.83 -37.87 4.76
CA ASP B 94 -7.31 -38.88 5.68
C ASP B 94 -7.14 -38.52 7.15
N GLU B 95 -5.90 -38.45 7.64
CA GLU B 95 -5.62 -38.13 9.04
C GLU B 95 -6.03 -36.69 9.36
N PRO B 96 -7.23 -36.52 9.95
CA PRO B 96 -7.94 -35.24 9.88
C PRO B 96 -7.67 -34.37 11.10
N THR B 97 -6.41 -34.29 11.51
CA THR B 97 -6.02 -33.75 12.81
C THR B 97 -6.92 -32.59 13.29
N LEU B 98 -7.65 -32.85 14.37
CA LEU B 98 -8.61 -31.90 14.92
C LEU B 98 -7.89 -30.89 15.79
N GLU B 99 -8.43 -29.67 15.83
CA GLU B 99 -7.85 -28.60 16.63
C GLU B 99 -7.88 -29.03 18.09
N ALA B 100 -6.74 -28.92 18.74
CA ALA B 100 -6.61 -29.33 20.13
C ALA B 100 -7.57 -28.56 21.02
N ALA B 101 -7.56 -27.24 20.88
CA ALA B 101 -8.23 -26.35 21.82
C ALA B 101 -9.62 -25.97 21.39
N TRP B 102 -10.36 -26.91 20.80
CA TRP B 102 -11.71 -26.61 20.30
C TRP B 102 -12.74 -26.26 21.39
N PRO B 103 -12.67 -26.93 22.56
CA PRO B 103 -13.59 -26.63 23.65
C PRO B 103 -13.70 -25.16 24.06
N HIS B 104 -12.72 -24.34 23.71
CA HIS B 104 -12.86 -22.88 23.82
C HIS B 104 -13.28 -22.26 22.49
N LEU B 105 -12.67 -22.73 21.40
CA LEU B 105 -12.90 -22.16 20.08
C LEU B 105 -14.33 -22.33 19.62
N GLN B 106 -14.90 -23.51 19.86
CA GLN B 106 -16.30 -23.82 19.53
C GLN B 106 -17.19 -22.66 19.98
N LEU B 107 -16.94 -22.19 21.19
CA LEU B 107 -17.70 -21.10 21.77
C LEU B 107 -17.30 -19.74 21.23
N VAL B 108 -16.00 -19.48 21.08
CA VAL B 108 -15.54 -18.17 20.60
C VAL B 108 -16.24 -17.89 19.28
N TYR B 109 -16.23 -18.87 18.40
CA TYR B 109 -16.94 -18.78 17.13
C TYR B 109 -18.43 -18.55 17.36
N GLU B 110 -19.04 -19.50 18.06
CA GLU B 110 -20.46 -19.48 18.41
C GLU B 110 -20.93 -18.13 18.94
N PHE B 111 -20.17 -17.57 19.88
CA PHE B 111 -20.53 -16.28 20.44
C PHE B 111 -20.47 -15.23 19.36
N PHE B 112 -19.28 -15.01 18.81
CA PHE B 112 -19.07 -13.95 17.83
C PHE B 112 -20.07 -14.03 16.68
N LEU B 113 -20.44 -15.25 16.30
CA LEU B 113 -21.46 -15.46 15.29
C LEU B 113 -22.81 -14.95 15.79
N ARG B 114 -23.20 -15.38 16.99
CA ARG B 114 -24.42 -14.87 17.61
C ARG B 114 -24.39 -13.35 17.78
N PHE B 115 -23.19 -12.81 18.05
CA PHE B 115 -22.97 -11.38 18.14
C PHE B 115 -23.37 -10.76 16.81
N LEU B 116 -22.72 -11.22 15.75
CA LEU B 116 -23.03 -10.80 14.37
C LEU B 116 -24.51 -10.97 14.02
N GLU B 117 -25.20 -11.87 14.72
CA GLU B 117 -26.57 -12.22 14.39
C GLU B 117 -27.62 -11.47 15.18
N SER B 118 -27.21 -10.85 16.30
CA SER B 118 -28.13 -10.08 17.15
C SER B 118 -29.06 -9.19 16.35
N PRO B 119 -30.34 -9.10 16.76
CA PRO B 119 -31.26 -8.15 16.13
C PRO B 119 -30.81 -6.69 16.22
N ASP B 120 -29.91 -6.38 17.15
CA ASP B 120 -29.38 -5.04 17.26
C ASP B 120 -27.86 -4.93 17.13
N PHE B 121 -27.32 -5.76 16.24
CA PHE B 121 -25.94 -5.64 15.81
C PHE B 121 -25.96 -4.56 14.75
N GLN B 122 -25.70 -3.32 15.16
CA GLN B 122 -25.61 -2.22 14.20
C GLN B 122 -24.27 -2.38 13.44
N PRO B 123 -24.34 -2.52 12.11
CA PRO B 123 -23.12 -2.75 11.32
C PRO B 123 -22.35 -1.48 10.98
N ASN B 124 -23.06 -0.36 10.97
CA ASN B 124 -22.42 0.94 10.80
C ASN B 124 -21.50 1.26 11.98
N ILE B 125 -21.74 0.62 13.12
CA ILE B 125 -20.88 0.79 14.28
C ILE B 125 -19.74 -0.21 14.20
N ALA B 126 -20.06 -1.43 13.77
CA ALA B 126 -19.12 -2.54 13.72
C ALA B 126 -18.06 -2.42 12.62
N LYS B 127 -18.42 -1.82 11.48
CA LYS B 127 -17.50 -1.74 10.34
C LYS B 127 -16.20 -1.10 10.73
N LYS B 128 -16.33 -0.09 11.58
CA LYS B 128 -15.22 0.63 12.17
C LYS B 128 -14.16 -0.34 12.72
N TYR B 129 -14.61 -1.47 13.25
CA TYR B 129 -13.74 -2.42 13.95
C TYR B 129 -13.56 -3.74 13.19
N ILE B 130 -14.49 -4.07 12.31
CA ILE B 130 -14.34 -5.22 11.41
C ILE B 130 -13.60 -4.79 10.11
N ASP B 131 -12.29 -4.63 10.30
CA ASP B 131 -11.27 -4.30 9.30
C ASP B 131 -11.29 -5.21 8.06
N GLN B 132 -10.62 -4.76 7.00
CA GLN B 132 -10.23 -5.64 5.89
C GLN B 132 -9.21 -6.65 6.40
N LYS B 133 -8.27 -6.15 7.20
CA LYS B 133 -7.25 -6.97 7.84
C LYS B 133 -7.90 -7.98 8.76
N PHE B 134 -9.05 -7.64 9.34
CA PHE B 134 -9.83 -8.61 10.10
C PHE B 134 -10.35 -9.69 9.18
N VAL B 135 -10.92 -9.27 8.05
CA VAL B 135 -11.45 -10.19 7.04
C VAL B 135 -10.30 -11.05 6.53
N LEU B 136 -9.19 -10.41 6.22
CA LEU B 136 -8.03 -11.11 5.69
C LEU B 136 -7.58 -12.27 6.57
N GLN B 137 -7.47 -12.03 7.87
CA GLN B 137 -7.06 -13.08 8.81
C GLN B 137 -8.09 -14.19 8.88
N LEU B 138 -9.34 -13.77 9.09
CA LEU B 138 -10.48 -14.65 9.12
C LEU B 138 -10.41 -15.58 7.93
N LEU B 139 -9.77 -15.12 6.86
CA LEU B 139 -9.81 -15.80 5.58
C LEU B 139 -8.75 -16.86 5.48
N GLU B 140 -7.53 -16.56 5.94
CA GLU B 140 -6.44 -17.54 5.88
C GLU B 140 -6.63 -18.59 6.97
N LEU B 141 -7.87 -18.65 7.44
CA LEU B 141 -8.25 -19.57 8.48
C LEU B 141 -9.06 -20.69 7.88
N PHE B 142 -9.71 -20.41 6.75
CA PHE B 142 -10.43 -21.42 5.97
C PHE B 142 -9.49 -22.52 5.55
N ASP B 143 -8.21 -22.35 5.86
CA ASP B 143 -7.19 -23.32 5.50
C ASP B 143 -7.03 -24.37 6.60
N SER B 144 -7.88 -24.27 7.62
CA SER B 144 -7.84 -25.19 8.75
C SER B 144 -8.20 -26.57 8.27
N GLU B 145 -7.59 -27.59 8.86
CA GLU B 145 -7.88 -28.98 8.48
C GLU B 145 -8.91 -29.63 9.41
N ASP B 146 -9.46 -28.83 10.30
CA ASP B 146 -10.52 -29.25 11.19
C ASP B 146 -11.84 -28.91 10.50
N PRO B 147 -12.63 -29.93 10.12
CA PRO B 147 -13.84 -29.71 9.31
C PRO B 147 -14.84 -28.85 10.04
N ARG B 148 -14.82 -28.90 11.38
CA ARG B 148 -15.68 -28.07 12.22
C ARG B 148 -15.31 -26.60 12.01
N GLU B 149 -14.02 -26.35 12.03
CA GLU B 149 -13.45 -25.02 11.89
C GLU B 149 -13.94 -24.30 10.66
N ARG B 150 -13.84 -24.95 9.51
CA ARG B 150 -14.26 -24.26 8.29
C ARG B 150 -15.76 -24.05 8.32
N ASP B 151 -16.51 -25.10 8.70
CA ASP B 151 -17.96 -24.99 8.82
C ASP B 151 -18.39 -23.70 9.53
N PHE B 152 -17.68 -23.31 10.57
CA PHE B 152 -17.96 -22.05 11.24
C PHE B 152 -17.60 -20.86 10.39
N LEU B 153 -16.40 -20.87 9.85
CA LEU B 153 -15.90 -19.78 9.03
C LEU B 153 -16.82 -19.54 7.84
N LYS B 154 -17.30 -20.64 7.24
CA LYS B 154 -18.24 -20.56 6.13
C LYS B 154 -19.37 -19.64 6.54
N THR B 155 -20.17 -20.05 7.53
CA THR B 155 -21.29 -19.22 7.95
C THR B 155 -20.83 -17.85 8.47
N THR B 156 -19.78 -17.83 9.30
CA THR B 156 -19.27 -16.57 9.85
C THR B 156 -19.02 -15.54 8.76
N LEU B 157 -18.16 -15.87 7.79
CA LEU B 157 -17.81 -14.95 6.70
C LEU B 157 -19.05 -14.61 5.89
N HIS B 158 -19.85 -15.64 5.60
CA HIS B 158 -21.07 -15.47 4.83
C HIS B 158 -21.98 -14.45 5.50
N ARG B 159 -21.90 -14.34 6.81
CA ARG B 159 -22.58 -13.25 7.49
C ARG B 159 -21.85 -11.94 7.23
N ILE B 160 -20.57 -11.88 7.60
CA ILE B 160 -19.76 -10.69 7.38
C ILE B 160 -19.91 -10.16 5.96
N TYR B 161 -20.03 -11.07 5.00
CA TYR B 161 -20.25 -10.64 3.63
C TYR B 161 -21.53 -9.87 3.52
N GLY B 162 -22.65 -10.54 3.78
CA GLY B 162 -23.96 -9.93 3.57
C GLY B 162 -24.23 -8.69 4.40
N LYS B 163 -23.55 -8.61 5.54
CA LYS B 163 -23.78 -7.54 6.49
C LYS B 163 -23.05 -6.25 6.10
N PHE B 164 -21.86 -6.40 5.52
CA PHE B 164 -21.02 -5.24 5.17
C PHE B 164 -20.78 -5.00 3.65
N LEU B 165 -21.67 -4.25 3.00
CA LEU B 165 -21.50 -3.93 1.58
C LEU B 165 -20.08 -3.42 1.27
N GLY B 166 -19.52 -2.63 2.20
CA GLY B 166 -18.17 -2.13 2.09
C GLY B 166 -17.19 -3.26 1.86
N LEU B 167 -17.19 -4.24 2.77
CA LEU B 167 -16.28 -5.37 2.73
C LEU B 167 -16.34 -6.19 1.45
N ARG B 168 -17.51 -6.21 0.80
CA ARG B 168 -17.79 -7.17 -0.28
C ARG B 168 -16.80 -7.18 -1.42
N ALA B 169 -16.45 -5.98 -1.89
CA ALA B 169 -15.45 -5.87 -2.93
C ALA B 169 -14.18 -6.57 -2.43
N TYR B 170 -13.64 -6.09 -1.32
CA TYR B 170 -12.40 -6.64 -0.77
C TYR B 170 -12.47 -8.15 -0.55
N ILE B 171 -13.58 -8.62 0.03
CA ILE B 171 -13.76 -10.04 0.29
C ILE B 171 -13.57 -10.85 -0.99
N ARG B 172 -14.27 -10.44 -2.05
CA ARG B 172 -14.25 -11.19 -3.28
C ARG B 172 -12.82 -11.29 -3.81
N LYS B 173 -12.17 -10.13 -3.93
CA LYS B 173 -10.80 -10.03 -4.46
C LYS B 173 -9.87 -10.87 -3.63
N GLN B 174 -10.13 -10.90 -2.33
CA GLN B 174 -9.30 -11.65 -1.41
C GLN B 174 -9.44 -13.15 -1.61
N ILE B 175 -10.68 -13.64 -1.71
CA ILE B 175 -10.89 -15.08 -1.95
C ILE B 175 -10.66 -15.46 -3.43
N ASN B 176 -10.33 -14.48 -4.26
CA ASN B 176 -9.89 -14.74 -5.63
C ASN B 176 -8.41 -15.10 -5.63
N ASN B 177 -7.64 -14.32 -4.89
CA ASN B 177 -6.21 -14.55 -4.78
C ASN B 177 -5.91 -15.94 -4.24
N ILE B 178 -6.71 -16.38 -3.26
CA ILE B 178 -6.56 -17.72 -2.69
C ILE B 178 -6.66 -18.74 -3.80
N PHE B 179 -7.70 -18.60 -4.62
CA PHE B 179 -7.88 -19.48 -5.75
C PHE B 179 -6.74 -19.36 -6.73
N TYR B 180 -6.28 -18.16 -6.98
CA TYR B 180 -5.17 -18.00 -7.92
C TYR B 180 -3.91 -18.66 -7.39
N ARG B 181 -3.72 -18.58 -6.07
CA ARG B 181 -2.62 -19.25 -5.42
C ARG B 181 -2.82 -20.73 -5.71
N PHE B 182 -4.02 -21.19 -5.37
CA PHE B 182 -4.43 -22.58 -5.54
C PHE B 182 -4.17 -23.19 -6.93
N ILE B 183 -4.85 -22.68 -7.96
CA ILE B 183 -4.85 -23.37 -9.24
C ILE B 183 -3.54 -23.19 -9.98
N TYR B 184 -2.95 -21.99 -9.93
CA TYR B 184 -1.64 -21.75 -10.54
C TYR B 184 -0.49 -21.97 -9.54
N GLU B 185 -0.35 -23.24 -9.15
CA GLU B 185 0.86 -23.78 -8.53
C GLU B 185 1.13 -23.53 -7.01
N THR B 186 0.13 -23.82 -6.18
CA THR B 186 0.39 -24.39 -4.85
C THR B 186 -0.36 -25.70 -4.69
N GLU B 187 -1.51 -25.81 -5.36
CA GLU B 187 -2.32 -27.04 -5.44
C GLU B 187 -2.51 -27.76 -4.12
N HIS B 188 -2.95 -27.03 -3.10
CA HIS B 188 -2.89 -27.53 -1.74
C HIS B 188 -4.17 -27.23 -1.00
N HIS B 189 -4.35 -25.95 -0.65
CA HIS B 189 -5.46 -25.43 0.19
C HIS B 189 -6.72 -26.29 0.45
N ASN B 190 -6.97 -26.62 1.72
CA ASN B 190 -8.10 -27.50 2.07
C ASN B 190 -9.42 -26.82 2.52
N GLY B 191 -9.80 -25.77 1.77
CA GLY B 191 -11.02 -25.01 2.06
C GLY B 191 -11.76 -24.51 0.82
N ILE B 192 -11.29 -24.92 -0.35
CA ILE B 192 -11.90 -24.54 -1.61
C ILE B 192 -13.38 -24.91 -1.59
N ALA B 193 -13.69 -26.06 -1.00
CA ALA B 193 -15.07 -26.48 -0.85
C ALA B 193 -15.86 -25.40 -0.15
N GLU B 194 -15.56 -25.15 1.13
CA GLU B 194 -16.27 -24.16 1.95
C GLU B 194 -16.35 -22.76 1.32
N LEU B 195 -15.27 -22.35 0.67
CA LEU B 195 -15.29 -21.06 0.03
C LEU B 195 -16.24 -21.09 -1.16
N LEU B 196 -16.28 -22.21 -1.88
CA LEU B 196 -17.16 -22.30 -3.03
C LEU B 196 -18.62 -22.19 -2.59
N GLU B 197 -18.94 -22.82 -1.47
CA GLU B 197 -20.27 -22.77 -0.87
C GLU B 197 -20.73 -21.34 -0.65
N ILE B 198 -19.86 -20.49 -0.12
CA ILE B 198 -20.16 -19.08 0.07
C ILE B 198 -20.45 -18.47 -1.30
N LEU B 199 -19.45 -18.53 -2.19
CA LEU B 199 -19.51 -17.94 -3.52
C LEU B 199 -20.74 -18.41 -4.28
N GLY B 200 -21.15 -19.65 -4.01
CA GLY B 200 -22.42 -20.16 -4.46
C GLY B 200 -23.55 -19.17 -4.24
N SER B 201 -23.77 -18.79 -2.98
CA SER B 201 -24.82 -17.83 -2.67
C SER B 201 -24.51 -16.48 -3.26
N ILE B 202 -23.25 -16.05 -3.21
CA ILE B 202 -22.90 -14.73 -3.71
C ILE B 202 -23.30 -14.60 -5.17
N ILE B 203 -22.90 -15.57 -6.01
CA ILE B 203 -23.27 -15.55 -7.43
C ILE B 203 -24.78 -15.45 -7.59
N ASN B 204 -25.50 -16.32 -6.88
CA ASN B 204 -26.95 -16.34 -6.92
C ASN B 204 -27.59 -14.98 -6.59
N GLY B 205 -26.82 -14.11 -5.95
CA GLY B 205 -27.31 -12.79 -5.59
C GLY B 205 -26.81 -11.68 -6.51
N PHE B 206 -26.38 -12.06 -7.71
CA PHE B 206 -25.96 -11.05 -8.72
C PHE B 206 -27.18 -10.36 -9.35
N ALA B 207 -26.97 -9.44 -10.27
CA ALA B 207 -27.99 -8.43 -10.51
C ALA B 207 -28.55 -8.28 -11.92
N LEU B 208 -29.24 -7.16 -12.12
CA LEU B 208 -29.49 -6.57 -13.44
C LEU B 208 -28.19 -6.64 -14.25
N PRO B 209 -28.25 -6.41 -15.58
CA PRO B 209 -27.25 -6.90 -16.55
C PRO B 209 -25.93 -7.32 -15.91
N LEU B 210 -25.74 -8.62 -15.69
CA LEU B 210 -24.65 -9.17 -14.86
C LEU B 210 -23.35 -8.39 -14.99
N LYS B 211 -22.85 -7.87 -13.86
CA LYS B 211 -21.75 -6.90 -13.88
C LYS B 211 -20.41 -7.52 -14.31
N GLU B 212 -19.57 -6.70 -14.97
CA GLU B 212 -18.33 -7.18 -15.59
C GLU B 212 -17.38 -7.98 -14.72
N GLU B 213 -17.06 -7.44 -13.55
CA GLU B 213 -16.16 -8.07 -12.57
C GLU B 213 -16.47 -9.54 -12.35
N HIS B 214 -17.75 -9.85 -12.30
CA HIS B 214 -18.21 -11.21 -12.07
C HIS B 214 -18.06 -12.12 -13.28
N LYS B 215 -18.24 -11.58 -14.48
CA LYS B 215 -18.00 -12.35 -15.69
C LYS B 215 -16.54 -12.78 -15.71
N ILE B 216 -15.64 -11.85 -15.39
CA ILE B 216 -14.23 -12.18 -15.29
C ILE B 216 -14.12 -13.32 -14.29
N PHE B 217 -14.70 -13.11 -13.11
CA PHE B 217 -14.58 -14.06 -12.01
C PHE B 217 -14.93 -15.48 -12.43
N LEU B 218 -15.94 -15.62 -13.30
CA LEU B 218 -16.34 -16.93 -13.81
C LEU B 218 -15.31 -17.51 -14.78
N LEU B 219 -14.82 -16.67 -15.69
CA LEU B 219 -13.89 -17.17 -16.69
C LEU B 219 -12.49 -17.26 -16.12
N LYS B 220 -11.96 -16.15 -15.59
CA LYS B 220 -10.59 -16.12 -15.05
C LYS B 220 -10.34 -17.03 -13.83
N VAL B 221 -11.39 -17.32 -13.06
CA VAL B 221 -11.25 -17.99 -11.75
C VAL B 221 -11.95 -19.37 -11.62
N LEU B 222 -13.26 -19.38 -11.85
CA LEU B 222 -14.06 -20.56 -11.58
C LEU B 222 -13.78 -21.74 -12.50
N LEU B 223 -13.86 -21.54 -13.82
CA LEU B 223 -13.57 -22.59 -14.78
C LEU B 223 -12.17 -23.19 -14.60
N PRO B 224 -11.13 -22.33 -14.49
CA PRO B 224 -9.78 -22.83 -14.22
C PRO B 224 -9.69 -23.70 -12.98
N LEU B 225 -10.58 -23.51 -12.00
CA LEU B 225 -10.65 -24.44 -10.88
C LEU B 225 -10.86 -25.88 -11.29
N HIS B 226 -11.53 -26.09 -12.43
CA HIS B 226 -11.76 -27.45 -12.93
C HIS B 226 -10.47 -28.16 -13.31
N LYS B 227 -9.38 -27.41 -13.39
CA LYS B 227 -8.16 -27.99 -13.92
C LYS B 227 -7.14 -28.43 -12.87
N VAL B 228 -7.53 -28.40 -11.60
CA VAL B 228 -6.62 -28.81 -10.52
C VAL B 228 -6.73 -30.30 -10.24
N LYS B 229 -5.65 -30.89 -9.73
CA LYS B 229 -5.56 -32.34 -9.49
C LYS B 229 -6.74 -32.91 -8.72
N SER B 230 -7.24 -32.16 -7.75
CA SER B 230 -8.15 -32.68 -6.75
C SER B 230 -9.54 -32.11 -6.91
N LEU B 231 -10.04 -32.09 -8.14
CA LEU B 231 -11.37 -31.56 -8.42
C LEU B 231 -12.44 -32.26 -7.60
N SER B 232 -12.29 -33.58 -7.42
CA SER B 232 -13.20 -34.36 -6.59
C SER B 232 -13.66 -33.65 -5.31
N VAL B 233 -12.70 -33.26 -4.48
CA VAL B 233 -12.96 -32.73 -3.12
C VAL B 233 -13.93 -31.56 -3.10
N TYR B 234 -14.13 -30.90 -4.24
CA TYR B 234 -14.99 -29.71 -4.29
C TYR B 234 -15.77 -29.57 -5.60
N HIS B 235 -15.88 -30.64 -6.37
CA HIS B 235 -16.55 -30.56 -7.69
C HIS B 235 -18.01 -30.14 -7.60
N PRO B 236 -18.83 -30.84 -6.79
CA PRO B 236 -20.25 -30.49 -6.74
C PRO B 236 -20.46 -29.01 -6.45
N GLN B 237 -19.74 -28.46 -5.50
CA GLN B 237 -19.90 -27.05 -5.20
C GLN B 237 -19.51 -26.19 -6.40
N LEU B 238 -18.35 -26.47 -7.00
CA LEU B 238 -17.93 -25.75 -8.19
C LEU B 238 -19.03 -25.87 -9.22
N ALA B 239 -19.42 -27.11 -9.52
CA ALA B 239 -20.46 -27.36 -10.51
C ALA B 239 -21.64 -26.42 -10.32
N TYR B 240 -22.06 -26.23 -9.07
CA TYR B 240 -23.11 -25.27 -8.74
C TYR B 240 -22.78 -23.85 -9.23
N CYS B 241 -21.65 -23.32 -8.74
CA CYS B 241 -21.25 -21.97 -9.09
C CYS B 241 -21.26 -21.80 -10.59
N VAL B 242 -20.74 -22.81 -11.30
CA VAL B 242 -20.62 -22.71 -12.75
C VAL B 242 -22.01 -22.62 -13.37
N VAL B 243 -22.91 -23.52 -12.98
CA VAL B 243 -24.25 -23.47 -13.55
C VAL B 243 -24.98 -22.18 -13.14
N GLN B 244 -24.64 -21.66 -11.97
CA GLN B 244 -25.32 -20.50 -11.42
C GLN B 244 -25.30 -19.32 -12.38
N PHE B 245 -24.11 -19.02 -12.90
CA PHE B 245 -23.93 -17.95 -13.88
C PHE B 245 -24.84 -18.16 -15.10
N LEU B 246 -24.93 -19.40 -15.55
CA LEU B 246 -25.61 -19.70 -16.80
C LEU B 246 -27.10 -19.58 -16.65
N GLU B 247 -27.57 -19.62 -15.41
CA GLU B 247 -28.97 -19.36 -15.14
C GLU B 247 -29.25 -17.88 -15.37
N LYS B 248 -28.47 -17.04 -14.70
CA LYS B 248 -28.65 -15.61 -14.74
C LYS B 248 -28.36 -15.06 -16.14
N ASP B 249 -27.21 -15.41 -16.70
CA ASP B 249 -26.82 -14.90 -18.03
C ASP B 249 -26.43 -16.01 -18.99
N SER B 250 -27.33 -16.32 -19.93
CA SER B 250 -27.19 -17.47 -20.83
C SER B 250 -26.10 -17.27 -21.88
N THR B 251 -25.77 -16.02 -22.16
CA THR B 251 -24.79 -15.66 -23.19
C THR B 251 -23.38 -16.12 -22.82
N LEU B 252 -23.23 -16.61 -21.60
CA LEU B 252 -21.95 -17.06 -21.09
C LEU B 252 -21.67 -18.52 -21.46
N THR B 253 -22.68 -19.21 -21.98
CA THR B 253 -22.57 -20.66 -22.26
C THR B 253 -21.38 -21.01 -23.18
N GLU B 254 -21.25 -20.32 -24.31
CA GLU B 254 -20.14 -20.60 -25.24
C GLU B 254 -18.75 -20.59 -24.56
N PRO B 255 -18.39 -19.49 -23.88
CA PRO B 255 -17.09 -19.49 -23.20
C PRO B 255 -16.94 -20.52 -22.09
N VAL B 256 -18.00 -20.79 -21.33
CA VAL B 256 -17.87 -21.73 -20.22
C VAL B 256 -17.92 -23.19 -20.65
N VAL B 257 -18.50 -23.45 -21.82
CA VAL B 257 -18.53 -24.80 -22.37
C VAL B 257 -17.21 -25.09 -23.06
N MET B 258 -16.71 -24.09 -23.79
CA MET B 258 -15.45 -24.22 -24.48
C MET B 258 -14.33 -24.43 -23.47
N ALA B 259 -14.31 -23.60 -22.43
CA ALA B 259 -13.32 -23.72 -21.36
C ALA B 259 -13.21 -25.17 -20.90
N LEU B 260 -14.36 -25.76 -20.56
CA LEU B 260 -14.41 -27.15 -20.14
C LEU B 260 -13.73 -28.08 -21.14
N LEU B 261 -14.08 -27.95 -22.41
CA LEU B 261 -13.52 -28.81 -23.45
C LEU B 261 -12.00 -28.67 -23.62
N LYS B 262 -11.47 -27.51 -23.25
CA LYS B 262 -10.04 -27.26 -23.34
C LYS B 262 -9.41 -27.82 -22.08
N TYR B 263 -10.15 -27.68 -20.97
CA TYR B 263 -9.72 -28.25 -19.71
C TYR B 263 -10.14 -29.72 -19.60
N TRP B 264 -10.58 -30.30 -20.71
CA TRP B 264 -11.05 -31.68 -20.70
C TRP B 264 -9.92 -32.62 -20.34
N PRO B 265 -10.15 -33.51 -19.35
CA PRO B 265 -9.08 -34.33 -18.82
C PRO B 265 -8.78 -35.56 -19.66
N LYS B 266 -7.50 -35.68 -19.98
CA LYS B 266 -6.90 -36.93 -20.41
C LYS B 266 -6.07 -37.40 -19.22
N THR B 267 -5.75 -38.69 -19.17
CA THR B 267 -4.86 -39.25 -18.13
C THR B 267 -5.32 -39.03 -16.69
N HIS B 268 -6.63 -38.92 -16.49
CA HIS B 268 -7.23 -38.90 -15.17
C HIS B 268 -8.73 -39.02 -15.37
N SER B 269 -9.26 -40.21 -15.11
CA SER B 269 -10.64 -40.54 -15.47
C SER B 269 -11.77 -40.08 -14.52
N PRO B 270 -11.62 -40.27 -13.19
CA PRO B 270 -12.67 -39.77 -12.31
C PRO B 270 -13.06 -38.31 -12.61
N LYS B 271 -12.10 -37.51 -13.08
CA LYS B 271 -12.39 -36.14 -13.47
C LYS B 271 -13.12 -36.09 -14.81
N GLU B 272 -12.69 -36.91 -15.77
CA GLU B 272 -13.39 -37.00 -17.06
C GLU B 272 -14.88 -37.28 -16.85
N VAL B 273 -15.19 -38.13 -15.88
CA VAL B 273 -16.57 -38.44 -15.51
C VAL B 273 -17.27 -37.19 -14.98
N MET B 274 -16.56 -36.48 -14.11
CA MET B 274 -17.08 -35.27 -13.51
C MET B 274 -17.38 -34.26 -14.61
N PHE B 275 -16.44 -34.12 -15.53
CA PHE B 275 -16.57 -33.15 -16.61
C PHE B 275 -17.80 -33.43 -17.47
N LEU B 276 -18.14 -34.71 -17.60
CA LEU B 276 -19.36 -35.08 -18.28
C LEU B 276 -20.53 -34.80 -17.37
N ASN B 277 -20.35 -35.14 -16.09
CA ASN B 277 -21.44 -35.05 -15.14
C ASN B 277 -21.98 -33.64 -15.02
N GLU B 278 -21.08 -32.65 -15.02
CA GLU B 278 -21.53 -31.27 -15.00
C GLU B 278 -21.86 -30.75 -16.40
N LEU B 279 -21.31 -31.41 -17.42
CA LEU B 279 -21.57 -31.02 -18.80
C LEU B 279 -23.04 -31.22 -19.11
N GLU B 280 -23.60 -32.34 -18.64
CA GLU B 280 -25.03 -32.60 -18.79
C GLU B 280 -25.84 -31.64 -17.93
N GLU B 281 -25.29 -31.32 -16.75
CA GLU B 281 -25.92 -30.42 -15.80
C GLU B 281 -26.14 -29.05 -16.43
N ILE B 282 -25.23 -28.70 -17.34
CA ILE B 282 -25.28 -27.48 -18.13
C ILE B 282 -26.32 -27.56 -19.24
N LEU B 283 -26.34 -28.67 -19.96
CA LEU B 283 -27.29 -28.86 -21.05
C LEU B 283 -28.75 -28.77 -20.59
N ASP B 284 -29.03 -29.29 -19.40
CA ASP B 284 -30.39 -29.23 -18.82
C ASP B 284 -30.91 -27.79 -18.62
N VAL B 285 -29.99 -26.84 -18.70
CA VAL B 285 -30.28 -25.44 -18.46
C VAL B 285 -29.98 -24.63 -19.74
N ILE B 286 -29.50 -25.33 -20.75
CA ILE B 286 -29.07 -24.71 -22.02
C ILE B 286 -30.28 -24.09 -22.73
N GLU B 287 -30.06 -22.93 -23.33
CA GLU B 287 -31.08 -22.33 -24.21
C GLU B 287 -30.79 -22.71 -25.67
N PRO B 288 -31.82 -23.18 -26.41
CA PRO B 288 -31.63 -23.73 -27.76
C PRO B 288 -30.79 -22.83 -28.67
N SER B 289 -31.05 -21.52 -28.59
CA SER B 289 -30.27 -20.49 -29.26
C SER B 289 -28.75 -20.76 -29.16
N GLU B 290 -28.28 -21.00 -27.94
CA GLU B 290 -26.86 -21.13 -27.65
C GLU B 290 -26.31 -22.54 -27.94
N PHE B 291 -27.19 -23.54 -27.92
CA PHE B 291 -26.80 -24.93 -28.16
C PHE B 291 -25.99 -25.10 -29.44
N VAL B 292 -26.38 -24.35 -30.47
CA VAL B 292 -25.73 -24.39 -31.78
C VAL B 292 -24.26 -24.00 -31.69
N LYS B 293 -23.98 -22.90 -30.99
CA LYS B 293 -22.63 -22.34 -30.89
C LYS B 293 -21.56 -23.34 -30.43
N ILE B 294 -21.97 -24.34 -29.65
CA ILE B 294 -21.06 -25.38 -29.18
C ILE B 294 -21.47 -26.78 -29.64
N MET B 295 -22.67 -26.90 -30.22
CA MET B 295 -23.20 -28.19 -30.69
C MET B 295 -22.12 -29.10 -31.27
N GLU B 296 -21.34 -28.56 -32.21
CA GLU B 296 -20.30 -29.33 -32.89
C GLU B 296 -19.06 -29.64 -32.01
N PRO B 297 -18.29 -28.62 -31.57
CA PRO B 297 -17.11 -28.90 -30.73
C PRO B 297 -17.39 -29.82 -29.55
N LEU B 298 -18.64 -29.80 -29.07
CA LEU B 298 -19.05 -30.65 -27.95
C LEU B 298 -19.15 -32.10 -28.39
N PHE B 299 -20.12 -32.39 -29.26
CA PHE B 299 -20.38 -33.75 -29.72
C PHE B 299 -19.18 -34.37 -30.42
N ARG B 300 -18.18 -33.54 -30.72
CA ARG B 300 -16.91 -34.02 -31.28
C ARG B 300 -16.14 -34.72 -30.18
N GLN B 301 -16.00 -34.03 -29.05
CA GLN B 301 -15.34 -34.56 -27.86
C GLN B 301 -16.20 -35.65 -27.26
N LEU B 302 -17.50 -35.39 -27.22
CA LEU B 302 -18.45 -36.29 -26.61
C LEU B 302 -18.27 -37.67 -27.22
N ALA B 303 -18.13 -37.70 -28.55
CA ALA B 303 -18.01 -38.94 -29.32
C ALA B 303 -16.75 -39.76 -29.02
N LYS B 304 -15.68 -39.05 -28.65
CA LYS B 304 -14.44 -39.69 -28.20
C LYS B 304 -14.61 -40.45 -26.90
N CYS B 305 -15.51 -39.96 -26.04
CA CYS B 305 -15.80 -40.57 -24.74
C CYS B 305 -16.50 -41.90 -24.93
N VAL B 306 -17.58 -41.85 -25.73
CA VAL B 306 -18.38 -43.01 -26.11
C VAL B 306 -17.46 -44.18 -26.46
N SER B 307 -16.48 -43.94 -27.32
CA SER B 307 -15.48 -44.95 -27.65
C SER B 307 -14.50 -45.22 -26.50
N SER B 308 -13.95 -44.15 -25.91
CA SER B 308 -12.93 -44.26 -24.85
C SER B 308 -13.13 -45.49 -23.97
N PRO B 309 -12.18 -46.45 -24.01
CA PRO B 309 -12.17 -47.75 -23.32
C PRO B 309 -12.68 -47.75 -21.89
N HIS B 310 -12.61 -46.61 -21.23
CA HIS B 310 -12.97 -46.49 -19.82
C HIS B 310 -14.48 -46.47 -19.61
N PHE B 311 -15.01 -47.62 -19.18
CA PHE B 311 -16.47 -47.84 -19.11
C PHE B 311 -17.23 -46.77 -18.33
N GLN B 312 -16.68 -46.32 -17.20
CA GLN B 312 -17.34 -45.29 -16.39
C GLN B 312 -17.58 -44.03 -17.21
N VAL B 313 -16.60 -43.68 -18.03
CA VAL B 313 -16.70 -42.52 -18.92
C VAL B 313 -17.71 -42.80 -20.04
N ALA B 314 -17.53 -43.95 -20.68
CA ALA B 314 -18.38 -44.33 -21.82
C ALA B 314 -19.86 -44.39 -21.44
N GLU B 315 -20.14 -44.86 -20.23
CA GLU B 315 -21.50 -44.99 -19.75
C GLU B 315 -22.11 -43.61 -19.56
N ARG B 316 -21.43 -42.78 -18.77
CA ARG B 316 -21.90 -41.44 -18.46
C ARG B 316 -22.03 -40.62 -19.74
N ALA B 317 -21.12 -40.84 -20.67
CA ALA B 317 -21.12 -40.14 -21.94
C ALA B 317 -22.34 -40.52 -22.78
N LEU B 318 -22.65 -41.80 -22.81
CA LEU B 318 -23.74 -42.31 -23.64
C LEU B 318 -25.08 -42.15 -22.98
N TYR B 319 -25.06 -41.86 -21.68
CA TYR B 319 -26.28 -41.75 -20.91
C TYR B 319 -26.90 -40.36 -21.11
N TYR B 320 -26.35 -39.59 -22.04
CA TYR B 320 -26.98 -38.35 -22.48
C TYR B 320 -28.25 -38.69 -23.25
N TRP B 321 -28.16 -39.75 -24.05
CA TRP B 321 -29.28 -40.23 -24.84
C TRP B 321 -30.43 -40.78 -24.00
N ASN B 322 -30.32 -40.64 -22.69
CA ASN B 322 -31.34 -41.11 -21.75
C ASN B 322 -32.21 -40.00 -21.18
N ASN B 323 -31.96 -38.76 -21.59
CA ASN B 323 -32.70 -37.62 -21.03
C ASN B 323 -33.34 -36.71 -22.09
N GLU B 324 -34.67 -36.63 -22.03
CA GLU B 324 -35.51 -36.09 -23.10
C GLU B 324 -35.11 -34.74 -23.70
N TYR B 325 -34.79 -33.76 -22.86
CA TYR B 325 -34.44 -32.43 -23.36
C TYR B 325 -33.15 -32.45 -24.17
N ILE B 326 -32.11 -33.06 -23.60
CA ILE B 326 -30.80 -33.17 -24.24
C ILE B 326 -30.97 -33.82 -25.60
N MET B 327 -31.78 -34.88 -25.62
CA MET B 327 -32.04 -35.63 -26.82
C MET B 327 -32.82 -34.82 -27.87
N SER B 328 -33.69 -33.93 -27.39
CA SER B 328 -34.46 -33.04 -28.27
C SER B 328 -33.54 -32.18 -29.13
N LEU B 329 -32.56 -31.55 -28.49
CA LEU B 329 -31.60 -30.68 -29.19
C LEU B 329 -30.82 -31.44 -30.27
N ILE B 330 -30.33 -32.63 -29.93
CA ILE B 330 -29.59 -33.47 -30.89
C ILE B 330 -30.46 -33.71 -32.11
N SER B 331 -31.58 -34.41 -31.92
CA SER B 331 -32.52 -34.68 -33.00
C SER B 331 -33.36 -33.45 -33.37
N ASP B 332 -32.81 -32.27 -33.08
CA ASP B 332 -33.30 -31.03 -33.68
C ASP B 332 -32.22 -30.61 -34.67
N ASN B 333 -31.17 -31.42 -34.75
CA ASN B 333 -30.07 -31.26 -35.70
C ASN B 333 -29.70 -32.55 -36.45
N ALA B 334 -29.02 -32.36 -37.59
CA ALA B 334 -28.47 -33.45 -38.38
C ALA B 334 -26.95 -33.31 -38.44
N ALA B 335 -26.46 -32.10 -38.18
CA ALA B 335 -25.02 -31.81 -38.02
C ALA B 335 -24.47 -32.49 -36.76
N LYS B 336 -25.35 -32.80 -35.82
CA LYS B 336 -24.99 -33.51 -34.61
C LYS B 336 -24.60 -34.97 -34.90
N ILE B 337 -25.38 -35.66 -35.72
CA ILE B 337 -25.12 -37.09 -35.98
C ILE B 337 -24.31 -37.38 -37.26
N LEU B 338 -23.15 -36.74 -37.35
CA LEU B 338 -22.14 -37.04 -38.35
C LEU B 338 -20.76 -37.15 -37.69
N PRO B 339 -20.45 -36.24 -36.72
CA PRO B 339 -19.29 -36.47 -35.85
C PRO B 339 -19.47 -37.70 -34.96
N ILE B 340 -20.72 -38.02 -34.62
CA ILE B 340 -21.03 -39.17 -33.78
C ILE B 340 -21.48 -40.36 -34.63
N MET B 341 -21.06 -40.38 -35.89
CA MET B 341 -21.38 -41.51 -36.78
C MET B 341 -20.31 -42.61 -36.69
N PHE B 342 -19.05 -42.23 -36.90
CA PHE B 342 -17.95 -43.19 -36.88
C PHE B 342 -17.57 -43.76 -35.50
N PRO B 343 -17.63 -42.94 -34.42
CA PRO B 343 -17.16 -43.44 -33.13
C PRO B 343 -18.12 -44.44 -32.50
N SER B 344 -19.36 -44.41 -32.95
CA SER B 344 -20.34 -45.43 -32.58
C SER B 344 -20.60 -46.42 -33.74
N LEU B 345 -19.51 -46.79 -34.43
CA LEU B 345 -19.54 -47.84 -35.47
C LEU B 345 -18.32 -48.78 -35.37
N TYR B 346 -17.11 -48.21 -35.27
CA TYR B 346 -15.89 -49.01 -35.02
C TYR B 346 -15.88 -49.57 -33.59
N ARG B 347 -16.48 -48.82 -32.67
CA ARG B 347 -16.77 -49.31 -31.34
C ARG B 347 -18.27 -49.47 -31.24
N ASN B 348 -18.79 -50.56 -31.81
CA ASN B 348 -20.24 -50.80 -31.85
C ASN B 348 -20.61 -52.27 -31.88
N SER B 349 -20.02 -53.01 -32.82
CA SER B 349 -20.35 -54.43 -33.04
C SER B 349 -19.89 -55.32 -31.88
N LYS B 350 -18.58 -55.50 -31.76
CA LYS B 350 -18.01 -56.23 -30.64
C LYS B 350 -17.51 -55.22 -29.60
N THR B 351 -16.27 -55.41 -29.15
CA THR B 351 -15.57 -54.51 -28.21
C THR B 351 -16.35 -54.09 -26.95
N HIS B 352 -15.73 -53.20 -26.17
CA HIS B 352 -16.22 -52.80 -24.86
C HIS B 352 -16.69 -53.95 -23.97
N TRP B 353 -15.72 -54.75 -23.54
CA TRP B 353 -15.86 -55.82 -22.55
C TRP B 353 -17.02 -55.70 -21.56
N ASN B 354 -17.33 -54.48 -21.13
CA ASN B 354 -18.47 -54.23 -20.26
C ASN B 354 -19.74 -54.15 -21.09
N LYS B 355 -20.52 -55.23 -21.06
CA LYS B 355 -21.69 -55.36 -21.95
C LYS B 355 -22.84 -54.38 -21.65
N THR B 356 -22.68 -53.56 -20.63
CA THR B 356 -23.68 -52.55 -20.30
C THR B 356 -23.62 -51.40 -21.31
N ILE B 357 -22.42 -50.91 -21.60
CA ILE B 357 -22.26 -49.83 -22.59
C ILE B 357 -22.33 -50.37 -24.00
N HIS B 358 -22.65 -51.65 -24.10
CA HIS B 358 -22.77 -52.31 -25.39
C HIS B 358 -24.21 -52.26 -25.91
N GLY B 359 -25.17 -52.33 -25.00
CA GLY B 359 -26.59 -52.18 -25.35
C GLY B 359 -26.98 -50.72 -25.31
N LEU B 360 -26.18 -49.93 -24.61
CA LEU B 360 -26.38 -48.51 -24.49
C LEU B 360 -26.01 -47.81 -25.80
N ILE B 361 -24.90 -48.25 -26.40
CA ILE B 361 -24.45 -47.72 -27.70
C ILE B 361 -25.41 -48.17 -28.80
N TYR B 362 -26.10 -49.29 -28.58
CA TYR B 362 -27.12 -49.77 -29.51
C TYR B 362 -28.38 -48.91 -29.46
N ASN B 363 -28.88 -48.66 -28.24
CA ASN B 363 -30.05 -47.81 -28.04
C ASN B 363 -29.80 -46.37 -28.44
N ALA B 364 -28.51 -46.01 -28.49
CA ALA B 364 -28.08 -44.67 -28.90
C ALA B 364 -28.20 -44.51 -30.41
N LEU B 365 -27.74 -45.51 -31.15
CA LEU B 365 -27.80 -45.50 -32.61
C LEU B 365 -29.23 -45.66 -33.09
N LYS B 366 -30.01 -46.46 -32.37
CA LYS B 366 -31.43 -46.65 -32.67
C LYS B 366 -32.19 -45.32 -32.58
N LEU B 367 -32.02 -44.63 -31.46
CA LEU B 367 -32.68 -43.34 -31.21
C LEU B 367 -32.13 -42.23 -32.11
N PHE B 368 -31.00 -42.49 -32.76
CA PHE B 368 -30.39 -41.54 -33.71
C PHE B 368 -30.80 -41.84 -35.16
N MET B 369 -30.87 -43.12 -35.52
CA MET B 369 -31.31 -43.52 -36.85
C MET B 369 -32.83 -43.40 -36.98
N GLU B 370 -33.54 -43.68 -35.88
CA GLU B 370 -35.01 -43.57 -35.86
C GLU B 370 -35.48 -42.12 -35.71
N MET B 371 -34.59 -41.17 -36.05
CA MET B 371 -34.94 -39.76 -36.11
C MET B 371 -35.39 -39.39 -37.54
N ASN B 372 -35.51 -38.09 -37.81
CA ASN B 372 -36.00 -37.60 -39.10
C ASN B 372 -35.10 -38.01 -40.28
N GLN B 373 -33.81 -37.75 -40.16
CA GLN B 373 -32.85 -38.04 -41.22
C GLN B 373 -32.43 -39.52 -41.26
N LYS B 374 -33.11 -40.31 -42.09
CA LYS B 374 -32.77 -41.72 -42.28
C LYS B 374 -31.48 -41.83 -43.09
N LEU B 375 -30.36 -41.61 -42.41
CA LEU B 375 -29.06 -41.53 -43.08
C LEU B 375 -28.20 -42.77 -42.82
N PHE B 376 -27.51 -43.23 -43.87
CA PHE B 376 -26.62 -44.39 -43.80
C PHE B 376 -25.32 -44.13 -44.57
N ASP B 377 -24.32 -44.97 -44.33
CA ASP B 377 -23.02 -44.86 -44.99
C ASP B 377 -22.50 -46.21 -45.46
N LYS C 4 17.72 -69.07 -28.67
CA LYS C 4 17.08 -67.85 -28.09
C LYS C 4 18.07 -66.68 -28.01
N VAL C 5 18.00 -65.80 -29.00
CA VAL C 5 18.76 -64.55 -29.01
C VAL C 5 17.86 -63.43 -28.47
N PHE C 6 16.62 -63.80 -28.19
CA PHE C 6 15.63 -62.94 -27.56
C PHE C 6 15.76 -62.95 -26.03
N THR C 7 16.29 -64.05 -25.49
CA THR C 7 16.43 -64.22 -24.04
C THR C 7 17.55 -63.36 -23.43
N LYS C 8 18.41 -62.80 -24.27
CA LYS C 8 19.47 -61.90 -23.82
C LYS C 8 18.93 -60.47 -23.72
N GLU C 9 17.89 -60.19 -24.49
CA GLU C 9 17.20 -58.91 -24.44
C GLU C 9 16.25 -58.88 -23.25
N LEU C 10 15.79 -60.06 -22.83
CA LEU C 10 14.77 -60.18 -21.78
C LEU C 10 15.32 -59.88 -20.39
N ASP C 11 16.49 -60.43 -20.06
CA ASP C 11 17.13 -60.10 -18.79
C ASP C 11 17.82 -58.74 -18.88
N GLN C 12 17.82 -58.16 -20.08
CA GLN C 12 18.17 -56.75 -20.29
C GLN C 12 16.98 -55.87 -19.94
N TRP C 13 15.79 -56.29 -20.36
CA TRP C 13 14.55 -55.65 -19.93
C TRP C 13 14.41 -55.67 -18.41
N ILE C 14 14.66 -56.83 -17.81
CA ILE C 14 14.56 -57.01 -16.37
C ILE C 14 15.59 -56.17 -15.63
N GLU C 15 16.82 -56.16 -16.14
CA GLU C 15 17.91 -55.38 -15.55
C GLU C 15 17.51 -53.90 -15.49
N GLN C 16 16.89 -53.44 -16.57
CA GLN C 16 16.41 -52.07 -16.69
C GLN C 16 15.41 -51.76 -15.60
N LEU C 17 14.23 -52.39 -15.70
CA LEU C 17 13.08 -52.02 -14.86
C LEU C 17 13.20 -52.41 -13.39
N ASN C 18 14.34 -52.95 -13.00
CA ASN C 18 14.62 -53.16 -11.59
C ASN C 18 15.06 -51.85 -10.93
N GLU C 19 15.67 -50.97 -11.73
CA GLU C 19 15.68 -49.55 -11.44
C GLU C 19 14.34 -49.05 -11.93
N CYS C 20 13.60 -48.33 -11.09
CA CYS C 20 12.16 -48.08 -11.31
C CYS C 20 11.71 -47.73 -12.75
N LYS C 21 12.64 -47.40 -13.63
CA LYS C 21 12.33 -47.03 -15.03
C LYS C 21 11.58 -48.12 -15.80
N GLN C 22 10.54 -47.70 -16.55
CA GLN C 22 9.60 -48.62 -17.22
C GLN C 22 10.04 -49.09 -18.62
N LEU C 23 9.25 -50.01 -19.21
CA LEU C 23 9.44 -50.47 -20.60
C LEU C 23 8.57 -49.67 -21.58
N SER C 24 8.87 -49.77 -22.87
CA SER C 24 8.20 -48.97 -23.90
C SER C 24 6.85 -49.54 -24.35
N GLU C 25 6.20 -48.81 -25.27
CA GLU C 25 4.91 -49.20 -25.88
C GLU C 25 4.96 -50.59 -26.54
N SER C 26 5.88 -50.75 -27.48
CA SER C 26 6.03 -52.01 -28.21
C SER C 26 6.73 -53.08 -27.35
N GLN C 27 7.75 -52.68 -26.60
CA GLN C 27 8.45 -53.58 -25.69
C GLN C 27 7.46 -54.35 -24.82
N VAL C 28 6.44 -53.66 -24.31
CA VAL C 28 5.39 -54.26 -23.48
C VAL C 28 4.50 -55.16 -24.31
N LYS C 29 3.99 -54.64 -25.44
CA LYS C 29 3.07 -55.38 -26.31
C LYS C 29 3.57 -56.79 -26.67
N SER C 30 4.87 -56.93 -26.89
CA SER C 30 5.46 -58.21 -27.22
C SER C 30 5.93 -58.97 -25.98
N LEU C 31 6.15 -58.25 -24.88
CA LEU C 31 6.45 -58.89 -23.60
C LEU C 31 5.20 -59.62 -23.12
N CYS C 32 4.07 -58.93 -23.23
CA CYS C 32 2.76 -59.44 -22.83
C CYS C 32 2.29 -60.56 -23.74
N GLU C 33 2.78 -60.55 -24.98
CA GLU C 33 2.41 -61.55 -25.97
C GLU C 33 3.19 -62.85 -25.73
N LYS C 34 4.48 -62.69 -25.42
CA LYS C 34 5.36 -63.81 -25.16
C LYS C 34 5.05 -64.42 -23.80
N ALA C 35 4.36 -63.67 -22.94
CA ALA C 35 3.89 -64.19 -21.67
C ALA C 35 2.44 -64.65 -21.77
N LYS C 36 1.76 -64.20 -22.82
CA LYS C 36 0.37 -64.61 -23.08
C LYS C 36 0.34 -66.08 -23.47
N GLU C 37 1.46 -66.57 -24.00
CA GLU C 37 1.55 -67.91 -24.57
C GLU C 37 2.26 -68.89 -23.64
N ILE C 38 3.17 -68.36 -22.83
CA ILE C 38 3.89 -69.18 -21.85
C ILE C 38 2.99 -69.47 -20.65
N LEU C 39 1.85 -68.78 -20.62
CA LEU C 39 0.83 -68.87 -19.56
C LEU C 39 -0.36 -69.78 -19.88
N THR C 40 -0.90 -69.65 -21.10
CA THR C 40 -2.04 -70.46 -21.54
C THR C 40 -1.77 -71.96 -21.45
N LYS C 41 -0.50 -72.30 -21.23
CA LYS C 41 -0.07 -73.68 -21.04
C LYS C 41 -0.42 -74.18 -19.64
N GLU C 42 -0.44 -73.26 -18.67
CA GLU C 42 -0.72 -73.62 -17.29
C GLU C 42 -2.22 -73.87 -17.06
N SER C 43 -2.56 -74.54 -15.95
CA SER C 43 -3.94 -74.95 -15.65
C SER C 43 -4.61 -74.10 -14.58
N ASN C 44 -5.94 -74.16 -14.54
CA ASN C 44 -6.74 -73.48 -13.50
C ASN C 44 -6.11 -73.58 -12.12
N VAL C 45 -5.99 -74.81 -11.61
CA VAL C 45 -5.04 -75.07 -10.54
C VAL C 45 -3.69 -75.42 -11.17
N GLN C 46 -2.65 -74.83 -10.62
CA GLN C 46 -1.34 -74.95 -11.17
C GLN C 46 -0.47 -75.65 -10.15
N GLU C 47 -0.14 -76.91 -10.44
CA GLU C 47 0.64 -77.70 -9.53
C GLU C 47 2.04 -77.10 -9.48
N VAL C 48 2.42 -76.68 -8.29
CA VAL C 48 3.68 -75.95 -8.09
C VAL C 48 4.67 -76.79 -7.29
N ARG C 49 5.90 -76.85 -7.80
CA ARG C 49 7.00 -77.62 -7.20
C ARG C 49 7.29 -77.13 -5.78
N CYS C 50 7.85 -78.01 -4.94
CA CYS C 50 7.82 -77.81 -3.47
C CYS C 50 8.49 -76.58 -2.87
N PRO C 51 9.81 -76.40 -3.06
CA PRO C 51 10.39 -75.23 -2.41
C PRO C 51 9.97 -73.94 -3.11
N VAL C 52 9.25 -73.08 -2.39
CA VAL C 52 8.73 -71.80 -2.88
C VAL C 52 8.52 -70.79 -1.78
N THR C 53 8.59 -69.50 -2.14
CA THR C 53 8.15 -68.42 -1.28
C THR C 53 6.81 -68.00 -1.84
N VAL C 54 5.81 -67.94 -0.97
CA VAL C 54 4.47 -67.53 -1.35
C VAL C 54 4.24 -66.09 -0.92
N CYS C 55 3.94 -65.23 -1.89
CA CYS C 55 3.64 -63.82 -1.62
C CYS C 55 2.18 -63.52 -1.89
N GLY C 56 1.68 -62.45 -1.25
CA GLY C 56 0.30 -61.98 -1.44
C GLY C 56 0.21 -60.66 -2.18
N ASP C 57 -0.81 -59.86 -1.86
CA ASP C 57 -1.06 -58.57 -2.52
C ASP C 57 0.12 -57.62 -2.44
N VAL C 58 0.55 -57.11 -3.60
CA VAL C 58 1.64 -56.14 -3.68
C VAL C 58 1.12 -54.81 -4.22
N HIS C 59 -0.05 -54.86 -4.85
CA HIS C 59 -0.86 -53.68 -5.25
C HIS C 59 -0.13 -52.47 -5.85
N GLY C 60 1.03 -52.71 -6.46
CA GLY C 60 1.75 -51.66 -7.21
C GLY C 60 2.82 -50.97 -6.40
N GLN C 61 3.01 -51.43 -5.17
CA GLN C 61 3.99 -50.82 -4.27
C GLN C 61 5.37 -51.35 -4.63
N PHE C 62 5.88 -50.84 -5.75
CA PHE C 62 7.10 -51.32 -6.36
C PHE C 62 8.29 -51.38 -5.40
N HIS C 63 8.68 -50.24 -4.86
CA HIS C 63 9.85 -50.14 -3.99
C HIS C 63 9.74 -51.05 -2.76
N ASP C 64 8.52 -51.53 -2.51
CA ASP C 64 8.29 -52.46 -1.41
C ASP C 64 8.39 -53.89 -1.91
N LEU C 65 7.96 -54.12 -3.15
CA LEU C 65 8.18 -55.40 -3.81
C LEU C 65 9.68 -55.66 -3.87
N MET C 66 10.47 -54.59 -3.97
CA MET C 66 11.92 -54.68 -3.94
C MET C 66 12.40 -55.04 -2.55
N GLU C 67 11.78 -54.43 -1.55
CA GLU C 67 12.06 -54.71 -0.15
C GLU C 67 11.74 -56.17 0.13
N LEU C 68 10.71 -56.66 -0.54
CA LEU C 68 10.30 -58.07 -0.45
C LEU C 68 11.40 -59.01 -0.96
N PHE C 69 12.02 -58.64 -2.07
CA PHE C 69 13.12 -59.41 -2.62
C PHE C 69 14.40 -59.31 -1.78
N ARG C 70 14.64 -58.14 -1.19
CA ARG C 70 15.78 -57.95 -0.28
C ARG C 70 15.58 -58.83 0.96
N ILE C 71 14.32 -59.15 1.26
CA ILE C 71 13.96 -59.95 2.42
C ILE C 71 14.12 -61.45 2.16
N GLY C 72 13.68 -61.92 0.99
CA GLY C 72 13.66 -63.35 0.69
C GLY C 72 14.25 -63.78 -0.65
N GLY C 73 15.42 -63.23 -0.98
CA GLY C 73 16.18 -63.67 -2.16
C GLY C 73 15.75 -63.06 -3.48
N LYS C 74 16.68 -63.05 -4.45
CA LYS C 74 16.40 -62.52 -5.79
C LYS C 74 15.77 -63.58 -6.71
N SER C 75 15.17 -63.14 -7.81
CA SER C 75 14.07 -63.90 -8.46
C SER C 75 14.38 -65.22 -9.17
N PRO C 76 15.57 -65.36 -9.81
CA PRO C 76 15.96 -66.72 -10.22
C PRO C 76 16.31 -67.59 -9.03
N ASP C 77 17.19 -67.10 -8.16
CA ASP C 77 17.79 -67.91 -7.11
C ASP C 77 16.86 -68.40 -6.01
N THR C 78 15.74 -67.70 -5.78
CA THR C 78 14.71 -68.22 -4.86
C THR C 78 13.35 -68.28 -5.54
N ASN C 79 12.73 -69.46 -5.47
CA ASN C 79 11.46 -69.70 -6.14
C ASN C 79 10.34 -68.87 -5.56
N TYR C 80 9.41 -68.46 -6.42
CA TYR C 80 8.29 -67.66 -5.95
C TYR C 80 6.91 -68.18 -6.34
N LEU C 81 5.89 -67.47 -5.87
CA LEU C 81 4.49 -67.72 -6.17
C LEU C 81 3.68 -66.57 -5.56
N PHE C 82 3.06 -65.77 -6.42
CA PHE C 82 2.25 -64.64 -5.97
C PHE C 82 0.75 -64.98 -5.99
N MET C 83 -0.02 -64.29 -5.15
CA MET C 83 -1.46 -64.51 -5.09
C MET C 83 -2.19 -63.76 -6.20
N GLY C 84 -1.72 -62.56 -6.49
CA GLY C 84 -2.40 -61.68 -7.42
C GLY C 84 -2.50 -60.31 -6.77
N ASP C 85 -3.17 -59.39 -7.45
CA ASP C 85 -3.30 -58.00 -7.03
C ASP C 85 -1.93 -57.32 -7.03
N TYR C 86 -1.48 -56.99 -8.24
CA TYR C 86 -0.21 -56.34 -8.43
C TYR C 86 -0.43 -54.89 -8.83
N VAL C 87 -1.59 -54.60 -9.39
CA VAL C 87 -1.74 -53.37 -10.18
C VAL C 87 -2.43 -52.14 -9.58
N ASN C 88 -3.03 -52.21 -8.40
CA ASN C 88 -3.91 -51.08 -8.11
C ASN C 88 -3.55 -49.93 -7.18
N ARG C 89 -3.70 -50.09 -5.88
CA ARG C 89 -3.73 -48.90 -5.02
C ARG C 89 -2.41 -48.09 -4.93
N GLY C 90 -1.30 -48.75 -5.26
CA GLY C 90 0.02 -48.12 -5.22
C GLY C 90 0.23 -47.08 -6.32
N TYR C 91 1.46 -46.58 -6.39
CA TYR C 91 1.83 -45.57 -7.38
C TYR C 91 2.41 -46.23 -8.62
N TYR C 92 3.29 -47.22 -8.43
CA TYR C 92 4.00 -47.83 -9.56
C TYR C 92 3.44 -49.20 -9.93
N SER C 93 2.23 -49.20 -10.49
CA SER C 93 1.61 -50.44 -10.95
C SER C 93 2.28 -50.93 -12.22
N VAL C 94 2.37 -50.04 -13.21
CA VAL C 94 2.98 -50.33 -14.51
C VAL C 94 4.34 -50.99 -14.36
N GLU C 95 5.17 -50.48 -13.45
CA GLU C 95 6.51 -51.02 -13.24
C GLU C 95 6.52 -52.31 -12.43
N THR C 96 5.45 -52.57 -11.68
CA THR C 96 5.36 -53.80 -10.88
C THR C 96 4.85 -55.00 -11.69
N VAL C 97 3.68 -54.84 -12.31
CA VAL C 97 3.11 -55.86 -13.21
C VAL C 97 3.97 -56.10 -14.45
N THR C 98 4.78 -55.13 -14.84
CA THR C 98 5.69 -55.36 -15.95
C THR C 98 6.98 -56.06 -15.52
N LEU C 99 7.39 -55.85 -14.27
CA LEU C 99 8.55 -56.57 -13.73
C LEU C 99 8.20 -58.02 -13.47
N LEU C 100 7.08 -58.24 -12.79
CA LEU C 100 6.67 -59.58 -12.40
C LEU C 100 6.34 -60.48 -13.59
N VAL C 101 5.75 -59.90 -14.63
CA VAL C 101 5.46 -60.65 -15.86
C VAL C 101 6.75 -60.98 -16.60
N ALA C 102 7.67 -60.02 -16.68
CA ALA C 102 8.98 -60.28 -17.29
C ALA C 102 9.70 -61.42 -16.58
N LEU C 103 9.66 -61.40 -15.24
CA LEU C 103 10.24 -62.45 -14.42
C LEU C 103 9.51 -63.78 -14.56
N LYS C 104 8.36 -63.77 -15.21
CA LYS C 104 7.71 -65.02 -15.61
C LYS C 104 8.32 -65.52 -16.92
N VAL C 105 7.96 -64.88 -18.03
CA VAL C 105 8.40 -65.29 -19.36
C VAL C 105 9.92 -65.55 -19.51
N ARG C 106 10.72 -65.02 -18.58
CA ARG C 106 12.12 -65.38 -18.53
C ARG C 106 12.23 -66.62 -17.68
N TYR C 107 12.38 -66.45 -16.38
CA TYR C 107 12.44 -67.60 -15.46
C TYR C 107 11.05 -68.23 -15.32
N ARG C 108 10.69 -69.09 -16.28
CA ARG C 108 9.31 -69.60 -16.44
C ARG C 108 8.89 -70.62 -15.38
N GLU C 109 9.88 -71.17 -14.67
CA GLU C 109 9.62 -72.07 -13.54
C GLU C 109 10.08 -71.52 -12.20
N ARG C 110 10.92 -70.48 -12.22
CA ARG C 110 11.45 -69.87 -10.98
C ARG C 110 10.46 -68.95 -10.25
N ILE C 111 9.39 -68.56 -10.94
CA ILE C 111 8.28 -67.85 -10.31
C ILE C 111 6.96 -68.43 -10.81
N THR C 112 5.88 -68.10 -10.10
CA THR C 112 4.54 -68.43 -10.54
C THR C 112 3.55 -67.35 -10.07
N ILE C 113 2.78 -66.81 -11.03
CA ILE C 113 1.86 -65.70 -10.76
C ILE C 113 0.40 -66.07 -10.94
N LEU C 114 -0.39 -65.91 -9.89
CA LEU C 114 -1.83 -66.18 -9.95
C LEU C 114 -2.64 -64.90 -10.15
N ARG C 115 -3.92 -65.09 -10.49
CA ARG C 115 -4.82 -63.98 -10.75
C ARG C 115 -5.54 -63.54 -9.50
N GLY C 116 -5.62 -62.23 -9.33
CA GLY C 116 -6.31 -61.61 -8.20
C GLY C 116 -7.56 -60.87 -8.63
N ASN C 117 -8.40 -60.50 -7.66
CA ASN C 117 -9.60 -59.74 -7.98
C ASN C 117 -9.30 -58.47 -8.78
N HIS C 118 -8.11 -57.90 -8.57
CA HIS C 118 -7.72 -56.66 -9.24
C HIS C 118 -7.19 -56.84 -10.67
N GLU C 119 -6.91 -58.07 -11.06
CA GLU C 119 -6.44 -58.33 -12.40
C GLU C 119 -7.65 -58.48 -13.30
N SER C 120 -8.45 -57.41 -13.33
CA SER C 120 -9.68 -57.37 -14.07
C SER C 120 -9.75 -56.02 -14.77
N ARG C 121 -10.57 -55.95 -15.81
CA ARG C 121 -10.83 -54.71 -16.51
C ARG C 121 -11.50 -53.66 -15.62
N GLN C 122 -12.57 -54.06 -14.95
CA GLN C 122 -13.46 -53.13 -14.21
C GLN C 122 -12.82 -52.52 -12.97
N ILE C 123 -12.12 -53.34 -12.19
CA ILE C 123 -11.39 -52.88 -11.02
C ILE C 123 -10.16 -52.08 -11.45
N THR C 124 -9.48 -52.56 -12.48
CA THR C 124 -8.25 -51.94 -12.96
C THR C 124 -8.48 -50.47 -13.36
N GLN C 125 -9.71 -50.14 -13.76
CA GLN C 125 -10.01 -48.76 -14.14
C GLN C 125 -10.96 -48.01 -13.20
N VAL C 126 -11.36 -48.66 -12.12
CA VAL C 126 -12.07 -47.97 -11.04
C VAL C 126 -11.15 -47.82 -9.81
N TYR C 127 -9.87 -48.11 -10.04
CA TYR C 127 -8.78 -47.85 -9.07
C TYR C 127 -7.56 -47.39 -9.87
N GLY C 128 -6.35 -47.62 -9.35
CA GLY C 128 -5.12 -47.10 -9.97
C GLY C 128 -4.85 -47.37 -11.44
N PHE C 129 -4.37 -48.59 -11.72
CA PHE C 129 -3.74 -48.98 -12.99
C PHE C 129 -4.06 -48.22 -14.27
N TYR C 130 -5.33 -48.28 -14.71
CA TYR C 130 -5.70 -47.74 -16.03
C TYR C 130 -5.28 -46.29 -16.21
N ASP C 131 -5.58 -45.43 -15.23
CA ASP C 131 -5.15 -44.05 -15.28
C ASP C 131 -3.64 -43.89 -15.17
N GLU C 132 -2.96 -44.85 -14.54
CA GLU C 132 -1.50 -44.81 -14.49
C GLU C 132 -0.89 -45.11 -15.87
N CYS C 133 -1.41 -46.12 -16.54
CA CYS C 133 -1.05 -46.39 -17.93
C CYS C 133 -1.33 -45.18 -18.79
N LEU C 134 -2.36 -44.43 -18.43
CA LEU C 134 -2.81 -43.36 -19.27
C LEU C 134 -1.86 -42.18 -19.19
N ARG C 135 -1.30 -41.92 -18.01
CA ARG C 135 -0.29 -40.85 -17.87
C ARG C 135 1.15 -41.29 -18.15
N LYS C 136 1.38 -42.61 -18.21
CA LYS C 136 2.72 -43.16 -18.50
C LYS C 136 2.96 -43.61 -19.96
N TYR C 137 1.94 -43.52 -20.82
CA TYR C 137 2.06 -43.95 -22.23
C TYR C 137 1.26 -43.10 -23.21
N GLY C 138 0.18 -42.47 -22.75
CA GLY C 138 -0.61 -41.57 -23.59
C GLY C 138 -1.73 -42.26 -24.33
N ASN C 139 -1.80 -43.58 -24.21
CA ASN C 139 -2.79 -44.38 -24.90
C ASN C 139 -3.24 -45.55 -24.05
N ALA C 140 -4.49 -45.94 -24.21
CA ALA C 140 -5.00 -47.14 -23.54
C ALA C 140 -4.57 -48.40 -24.28
N ASN C 141 -3.25 -48.57 -24.48
CA ASN C 141 -2.73 -49.75 -25.17
C ASN C 141 -1.94 -50.70 -24.27
N VAL C 142 -1.02 -50.15 -23.48
CA VAL C 142 -0.30 -50.93 -22.48
C VAL C 142 -1.29 -51.45 -21.46
N TRP C 143 -2.32 -50.67 -21.17
CA TRP C 143 -3.42 -51.14 -20.32
C TRP C 143 -4.18 -52.27 -20.98
N LYS C 144 -4.42 -52.13 -22.28
CA LYS C 144 -5.14 -53.13 -23.04
C LYS C 144 -4.37 -54.45 -23.01
N TYR C 145 -3.06 -54.39 -23.25
CA TYR C 145 -2.26 -55.60 -23.26
C TYR C 145 -2.26 -56.30 -21.91
N PHE C 146 -2.01 -55.55 -20.84
CA PHE C 146 -1.95 -56.12 -19.50
C PHE C 146 -3.25 -56.77 -19.03
N THR C 147 -4.38 -56.19 -19.44
CA THR C 147 -5.69 -56.73 -19.06
C THR C 147 -6.01 -58.05 -19.77
N ASP C 148 -5.35 -58.29 -20.91
CA ASP C 148 -5.50 -59.53 -21.66
C ASP C 148 -4.65 -60.63 -21.04
N LEU C 149 -3.40 -60.30 -20.74
CA LEU C 149 -2.51 -61.20 -20.02
C LEU C 149 -3.11 -61.55 -18.66
N PHE C 150 -3.94 -60.66 -18.12
CA PHE C 150 -4.64 -60.96 -16.88
C PHE C 150 -5.55 -62.20 -17.01
N ASP C 151 -6.27 -62.28 -18.12
CA ASP C 151 -7.17 -63.41 -18.38
C ASP C 151 -6.45 -64.75 -18.30
N TYR C 152 -5.19 -64.78 -18.73
CA TYR C 152 -4.47 -66.06 -18.80
C TYR C 152 -3.89 -66.50 -17.47
N LEU C 153 -3.64 -65.55 -16.58
CA LEU C 153 -3.15 -65.87 -15.25
C LEU C 153 -4.02 -67.01 -14.69
N PRO C 154 -3.40 -68.06 -14.13
CA PRO C 154 -4.15 -69.16 -13.52
C PRO C 154 -4.93 -68.74 -12.27
N LEU C 155 -6.13 -69.31 -12.11
CA LEU C 155 -7.03 -68.99 -10.99
C LEU C 155 -6.58 -69.46 -9.62
N THR C 156 -5.61 -70.37 -9.56
CA THR C 156 -5.17 -70.94 -8.30
C THR C 156 -3.93 -71.83 -8.47
N ALA C 157 -3.35 -72.28 -7.36
CA ALA C 157 -2.13 -73.08 -7.39
C ALA C 157 -2.11 -74.15 -6.28
N LEU C 158 -1.33 -75.20 -6.49
CA LEU C 158 -1.26 -76.34 -5.57
C LEU C 158 0.18 -76.75 -5.27
N VAL C 159 0.75 -76.24 -4.17
CA VAL C 159 2.13 -76.59 -3.81
C VAL C 159 2.19 -77.95 -3.12
N ASP C 160 3.01 -78.84 -3.69
CA ASP C 160 3.25 -80.18 -3.14
C ASP C 160 1.96 -80.99 -2.90
N GLY C 161 0.92 -80.66 -3.66
CA GLY C 161 -0.36 -81.37 -3.65
C GLY C 161 -1.09 -81.26 -2.32
N GLN C 162 -0.77 -80.22 -1.57
CA GLN C 162 -1.09 -80.22 -0.17
C GLN C 162 -1.48 -78.83 0.28
N ILE C 163 -0.74 -77.83 -0.17
CA ILE C 163 -1.07 -76.46 0.19
C ILE C 163 -1.67 -75.72 -0.98
N PHE C 164 -2.92 -75.31 -0.78
CA PHE C 164 -3.76 -74.70 -1.78
C PHE C 164 -3.54 -73.19 -1.81
N CYS C 165 -3.00 -72.70 -2.92
CA CYS C 165 -2.73 -71.29 -3.11
C CYS C 165 -3.71 -70.69 -4.10
N LEU C 166 -4.53 -69.77 -3.60
CA LEU C 166 -5.43 -69.00 -4.46
C LEU C 166 -5.47 -67.59 -3.91
N HIS C 167 -6.00 -66.66 -4.71
CA HIS C 167 -6.00 -65.26 -4.34
C HIS C 167 -7.00 -64.94 -3.24
N GLY C 168 -8.28 -65.16 -3.55
CA GLY C 168 -9.39 -64.84 -2.66
C GLY C 168 -9.75 -65.93 -1.66
N GLY C 169 -10.67 -66.82 -2.04
CA GLY C 169 -11.08 -67.88 -1.14
C GLY C 169 -12.02 -68.94 -1.70
N LEU C 170 -12.83 -69.49 -0.82
CA LEU C 170 -13.68 -70.62 -1.15
C LEU C 170 -15.03 -70.21 -1.73
N SER C 171 -15.65 -71.14 -2.42
CA SER C 171 -16.90 -70.88 -3.13
C SER C 171 -17.88 -72.04 -2.99
N PRO C 172 -19.18 -71.74 -2.87
CA PRO C 172 -20.19 -72.80 -2.78
C PRO C 172 -20.51 -73.39 -4.14
N SER C 173 -19.82 -72.91 -5.17
CA SER C 173 -19.95 -73.46 -6.51
C SER C 173 -18.73 -74.29 -6.86
N ILE C 174 -17.83 -74.47 -5.89
CA ILE C 174 -16.76 -75.46 -5.98
C ILE C 174 -16.90 -76.48 -4.84
N ASP C 175 -16.28 -77.63 -5.05
CA ASP C 175 -16.38 -78.76 -4.12
C ASP C 175 -15.11 -79.59 -4.18
N THR C 176 -14.94 -80.29 -5.29
CA THR C 176 -13.72 -80.96 -5.64
C THR C 176 -12.78 -79.91 -6.18
N LEU C 177 -11.48 -80.12 -5.98
CA LEU C 177 -10.45 -79.25 -6.55
C LEU C 177 -10.59 -79.22 -8.06
N ASP C 178 -10.92 -80.40 -8.59
CA ASP C 178 -11.17 -80.65 -10.01
C ASP C 178 -12.27 -79.76 -10.62
N HIS C 179 -13.19 -79.29 -9.79
CA HIS C 179 -14.25 -78.37 -10.25
C HIS C 179 -13.67 -77.08 -10.81
N ILE C 180 -12.60 -76.60 -10.18
CA ILE C 180 -11.93 -75.37 -10.59
C ILE C 180 -11.24 -75.59 -11.93
N ARG C 181 -10.63 -76.77 -12.05
CA ARG C 181 -9.96 -77.21 -13.27
C ARG C 181 -10.88 -77.19 -14.48
N ALA C 182 -12.17 -77.41 -14.25
CA ALA C 182 -13.17 -77.51 -15.31
C ALA C 182 -13.69 -76.16 -15.76
N LEU C 183 -13.25 -75.10 -15.10
CA LEU C 183 -13.70 -73.75 -15.43
C LEU C 183 -12.99 -73.20 -16.66
N ASP C 184 -13.64 -72.24 -17.33
CA ASP C 184 -12.99 -71.48 -18.39
C ASP C 184 -12.58 -70.11 -17.87
N ARG C 185 -11.29 -69.91 -17.58
CA ARG C 185 -10.86 -68.62 -17.01
C ARG C 185 -10.36 -67.59 -18.01
N LEU C 186 -10.34 -67.98 -19.29
CA LEU C 186 -9.92 -67.11 -20.37
C LEU C 186 -11.01 -66.10 -20.70
N GLN C 187 -11.22 -65.18 -19.76
CA GLN C 187 -12.24 -64.15 -19.80
C GLN C 187 -12.05 -63.23 -18.61
N GLU C 188 -12.67 -62.06 -18.70
CA GLU C 188 -12.71 -61.13 -17.57
C GLU C 188 -13.49 -61.73 -16.40
N VAL C 189 -13.03 -61.46 -15.18
CA VAL C 189 -13.70 -61.95 -13.97
C VAL C 189 -15.14 -61.43 -13.92
N PRO C 190 -16.12 -62.34 -13.80
CA PRO C 190 -17.53 -61.98 -13.67
C PRO C 190 -17.89 -61.55 -12.24
N HIS C 191 -19.08 -60.99 -12.09
CA HIS C 191 -19.57 -60.55 -10.79
C HIS C 191 -20.08 -61.73 -9.94
N GLU C 192 -20.68 -62.72 -10.60
CA GLU C 192 -21.11 -63.96 -9.94
C GLU C 192 -20.30 -65.14 -10.43
N GLY C 193 -20.28 -66.21 -9.64
CA GLY C 193 -19.72 -67.48 -10.11
C GLY C 193 -18.38 -67.92 -9.54
N PRO C 194 -18.11 -69.24 -9.59
CA PRO C 194 -16.97 -69.90 -8.97
C PRO C 194 -15.70 -69.08 -9.10
N MET C 195 -15.36 -68.72 -10.34
CA MET C 195 -14.20 -67.90 -10.65
C MET C 195 -14.17 -66.69 -9.72
N CYS C 196 -15.24 -65.88 -9.79
CA CYS C 196 -15.40 -64.71 -8.95
C CYS C 196 -15.07 -65.00 -7.48
N ASP C 197 -15.83 -65.92 -6.88
CA ASP C 197 -15.65 -66.31 -5.48
C ASP C 197 -14.20 -66.72 -5.20
N LEU C 198 -13.69 -67.58 -6.08
CA LEU C 198 -12.32 -68.05 -5.99
C LEU C 198 -11.38 -66.94 -5.63
N LEU C 199 -11.58 -65.78 -6.27
CA LEU C 199 -10.64 -64.69 -6.12
C LEU C 199 -11.29 -63.39 -5.62
N TRP C 200 -12.44 -63.50 -4.97
CA TRP C 200 -13.11 -62.33 -4.38
C TRP C 200 -13.58 -62.51 -2.93
N SER C 201 -13.51 -63.71 -2.38
CA SER C 201 -14.12 -63.96 -1.06
C SER C 201 -13.12 -64.10 0.08
N ASP C 202 -13.65 -64.05 1.31
CA ASP C 202 -12.84 -64.07 2.53
C ASP C 202 -13.38 -65.07 3.55
N PRO C 203 -12.51 -65.56 4.45
CA PRO C 203 -13.00 -66.31 5.60
C PRO C 203 -13.51 -65.35 6.67
N ASP C 204 -14.27 -65.86 7.64
CA ASP C 204 -14.60 -65.08 8.83
C ASP C 204 -14.99 -65.94 10.02
N ASP C 205 -15.34 -65.28 11.12
CA ASP C 205 -15.66 -65.95 12.37
C ASP C 205 -17.14 -66.30 12.45
N ARG C 206 -17.78 -66.53 11.29
CA ARG C 206 -19.24 -66.61 11.26
C ARG C 206 -19.88 -67.98 11.16
N GLY C 207 -19.21 -68.92 10.51
CA GLY C 207 -19.76 -70.27 10.38
C GLY C 207 -20.77 -70.42 9.24
N GLY C 208 -20.50 -71.38 8.37
CA GLY C 208 -21.24 -71.54 7.13
C GLY C 208 -20.76 -70.55 6.08
N TRP C 209 -21.42 -70.56 4.93
CA TRP C 209 -21.25 -69.48 3.99
C TRP C 209 -22.03 -68.28 4.52
N GLY C 210 -21.54 -67.07 4.22
CA GLY C 210 -22.20 -65.83 4.62
C GLY C 210 -22.12 -64.83 3.48
N ILE C 211 -22.76 -63.67 3.65
CA ILE C 211 -22.69 -62.64 2.61
C ILE C 211 -21.45 -61.78 2.78
N SER C 212 -20.73 -61.56 1.68
CA SER C 212 -19.51 -60.75 1.70
C SER C 212 -19.86 -59.28 1.73
N PRO C 213 -19.22 -58.51 2.65
CA PRO C 213 -19.32 -57.04 2.70
C PRO C 213 -18.69 -56.37 1.49
N ARG C 214 -17.64 -56.97 0.93
CA ARG C 214 -17.19 -56.70 -0.44
C ARG C 214 -18.39 -56.80 -1.37
N GLY C 215 -18.32 -56.14 -2.52
CA GLY C 215 -19.37 -56.28 -3.54
C GLY C 215 -19.88 -57.70 -3.69
N ALA C 216 -18.96 -58.62 -4.00
CA ALA C 216 -19.29 -60.01 -4.25
C ALA C 216 -18.34 -60.96 -3.52
N GLY C 217 -18.40 -62.24 -3.86
CA GLY C 217 -17.72 -63.29 -3.11
C GLY C 217 -18.64 -63.86 -2.03
N TYR C 218 -18.06 -64.64 -1.12
CA TYR C 218 -18.79 -65.12 0.06
C TYR C 218 -17.87 -65.12 1.27
N THR C 219 -18.43 -64.90 2.45
CA THR C 219 -17.65 -65.17 3.63
C THR C 219 -17.78 -66.67 3.89
N PHE C 220 -16.79 -67.26 4.56
CA PHE C 220 -16.89 -68.67 4.97
C PHE C 220 -16.28 -68.97 6.33
N GLY C 221 -17.03 -69.67 7.17
CA GLY C 221 -16.59 -69.99 8.52
C GLY C 221 -15.49 -71.03 8.55
N GLN C 222 -15.06 -71.41 9.76
CA GLN C 222 -14.02 -72.43 9.92
C GLN C 222 -14.57 -73.82 9.61
N ASP C 223 -15.89 -73.94 9.63
CA ASP C 223 -16.56 -75.16 9.22
C ASP C 223 -16.44 -75.40 7.72
N ILE C 224 -16.49 -74.34 6.92
CA ILE C 224 -16.48 -74.48 5.46
C ILE C 224 -15.14 -74.97 4.95
N SER C 225 -14.07 -74.37 5.44
CA SER C 225 -12.73 -74.69 4.93
C SER C 225 -12.20 -76.00 5.52
N GLU C 226 -12.48 -76.22 6.80
CA GLU C 226 -12.19 -77.48 7.47
C GLU C 226 -12.62 -78.66 6.60
N THR C 227 -13.91 -78.70 6.27
CA THR C 227 -14.48 -79.80 5.47
C THR C 227 -14.02 -79.73 4.03
N PHE C 228 -13.82 -78.53 3.50
CA PHE C 228 -13.21 -78.38 2.17
C PHE C 228 -11.78 -78.90 2.18
N ASN C 229 -11.08 -78.69 3.29
CA ASN C 229 -9.78 -79.31 3.49
C ASN C 229 -9.90 -80.82 3.59
N HIS C 230 -10.37 -81.32 4.75
CA HIS C 230 -10.36 -82.77 5.06
C HIS C 230 -10.80 -83.73 3.92
N ALA C 231 -11.41 -83.18 2.88
CA ALA C 231 -11.68 -83.97 1.69
C ALA C 231 -11.25 -83.21 0.44
N ASN C 232 -9.95 -83.20 0.17
CA ASN C 232 -9.45 -82.53 -1.04
C ASN C 232 -7.94 -82.57 -1.27
N GLY C 233 -7.16 -82.59 -0.19
CA GLY C 233 -5.70 -82.39 -0.27
C GLY C 233 -5.17 -81.94 1.08
N LEU C 234 -5.51 -80.69 1.45
CA LEU C 234 -5.85 -80.34 2.85
C LEU C 234 -4.82 -80.00 3.93
N THR C 235 -3.60 -79.59 3.61
CA THR C 235 -2.76 -79.17 4.71
C THR C 235 -3.18 -77.76 5.13
N LEU C 236 -3.27 -76.88 4.14
CA LEU C 236 -3.50 -75.46 4.37
C LEU C 236 -4.02 -74.76 3.13
N VAL C 237 -4.90 -73.79 3.36
CA VAL C 237 -5.33 -72.86 2.33
C VAL C 237 -4.57 -71.53 2.52
N SER C 238 -4.05 -70.99 1.43
CA SER C 238 -3.27 -69.76 1.47
C SER C 238 -3.86 -68.74 0.52
N ARG C 239 -4.01 -67.52 1.01
CA ARG C 239 -4.72 -66.45 0.31
C ARG C 239 -4.12 -65.08 0.60
N ALA C 240 -4.59 -64.07 -0.10
CA ALA C 240 -4.14 -62.69 0.13
C ALA C 240 -5.34 -61.79 0.29
N HIS C 241 -5.40 -60.74 -0.54
CA HIS C 241 -6.64 -60.09 -0.85
C HIS C 241 -7.34 -59.41 0.32
N GLN C 242 -6.96 -59.74 1.55
CA GLN C 242 -7.59 -59.18 2.75
C GLN C 242 -6.51 -58.82 3.77
N LEU C 243 -6.24 -57.53 3.95
CA LEU C 243 -5.09 -57.08 4.76
C LEU C 243 -5.23 -57.36 6.25
N VAL C 244 -4.11 -57.73 6.86
CA VAL C 244 -3.99 -57.89 8.31
C VAL C 244 -2.67 -57.29 8.78
N MET C 245 -2.69 -56.59 9.91
CA MET C 245 -1.54 -55.78 10.26
C MET C 245 -0.29 -56.56 10.63
N GLU C 246 -0.44 -57.86 10.89
CA GLU C 246 0.70 -58.72 11.13
C GLU C 246 1.39 -59.11 9.82
N GLY C 247 0.72 -58.89 8.69
CA GLY C 247 1.25 -59.21 7.38
C GLY C 247 0.76 -60.56 6.92
N TYR C 248 0.84 -61.52 7.82
CA TYR C 248 0.27 -62.84 7.63
C TYR C 248 -0.73 -63.05 8.75
N ASN C 249 -1.85 -63.69 8.44
CA ASN C 249 -2.74 -64.10 9.50
C ASN C 249 -3.32 -65.47 9.42
N TRP C 250 -3.27 -66.11 10.58
CA TRP C 250 -3.54 -67.51 10.75
C TRP C 250 -4.94 -67.59 11.35
N CYS C 251 -5.83 -68.35 10.69
CA CYS C 251 -7.24 -68.45 11.10
C CYS C 251 -7.85 -69.80 10.74
N HIS C 252 -8.98 -70.12 11.37
CA HIS C 252 -9.70 -71.38 11.17
C HIS C 252 -8.90 -72.55 11.70
N ASP C 253 -8.76 -72.63 13.03
CA ASP C 253 -7.91 -73.62 13.67
C ASP C 253 -6.76 -73.98 12.73
N ARG C 254 -5.94 -72.97 12.43
CA ARG C 254 -4.83 -73.06 11.49
C ARG C 254 -5.15 -73.88 10.24
N ASN C 255 -6.32 -73.66 9.64
CA ASN C 255 -6.66 -74.28 8.36
C ASN C 255 -6.39 -73.37 7.16
N VAL C 256 -6.28 -72.08 7.43
CA VAL C 256 -6.06 -71.09 6.38
C VAL C 256 -5.22 -69.92 6.87
N VAL C 257 -4.20 -69.58 6.09
CA VAL C 257 -3.38 -68.40 6.33
C VAL C 257 -3.71 -67.34 5.28
N THR C 258 -3.70 -66.08 5.70
CA THR C 258 -3.79 -64.96 4.77
C THR C 258 -2.43 -64.25 4.73
N ILE C 259 -1.83 -64.19 3.55
CA ILE C 259 -0.51 -63.56 3.38
C ILE C 259 -0.73 -62.26 2.61
N PHE C 260 -0.31 -61.14 3.21
CA PHE C 260 -0.47 -59.83 2.58
C PHE C 260 0.91 -59.18 2.45
N SER C 261 1.23 -58.71 1.25
CA SER C 261 2.61 -58.42 0.89
C SER C 261 2.91 -56.98 0.49
N ALA C 262 2.00 -56.07 0.82
CA ALA C 262 2.18 -54.64 0.58
C ALA C 262 1.98 -53.88 1.89
N PRO C 263 2.99 -53.13 2.34
CA PRO C 263 2.99 -52.46 3.65
C PRO C 263 2.30 -51.08 3.71
N ASN C 264 2.72 -50.23 4.64
CA ASN C 264 1.99 -49.01 4.96
C ASN C 264 2.40 -47.71 4.23
N TYR C 265 1.68 -47.37 3.16
CA TYR C 265 1.82 -46.05 2.45
C TYR C 265 0.52 -45.53 1.78
N CYS C 266 0.13 -46.04 0.60
CA CYS C 266 -1.24 -45.87 0.10
C CYS C 266 -1.97 -47.20 0.31
N TYR C 267 -1.25 -48.13 0.92
CA TYR C 267 -1.83 -48.87 2.01
C TYR C 267 -1.41 -48.11 3.27
N ARG C 268 -1.85 -46.83 3.28
CA ARG C 268 -1.65 -45.80 4.31
C ARG C 268 -2.32 -46.12 5.62
N CYS C 269 -2.68 -47.38 5.76
CA CYS C 269 -3.14 -47.93 7.01
C CYS C 269 -1.90 -48.01 7.88
N GLY C 270 -1.46 -49.20 8.27
CA GLY C 270 -0.26 -49.26 9.12
C GLY C 270 0.34 -50.64 9.28
N ASN C 271 0.15 -51.46 8.24
CA ASN C 271 0.44 -52.87 8.34
C ASN C 271 1.86 -53.23 7.95
N GLN C 272 2.40 -54.22 8.64
CA GLN C 272 3.57 -54.95 8.15
C GLN C 272 3.07 -55.85 7.05
N ALA C 273 3.88 -56.04 6.01
CA ALA C 273 3.60 -57.04 5.00
C ALA C 273 4.32 -58.32 5.41
N ALA C 274 4.02 -59.44 4.75
CA ALA C 274 4.74 -60.70 5.04
C ALA C 274 4.76 -61.68 3.86
N ILE C 275 5.75 -62.57 3.86
CA ILE C 275 5.77 -63.69 2.94
C ILE C 275 5.90 -65.01 3.68
N MET C 276 5.41 -66.07 3.07
CA MET C 276 5.45 -67.39 3.66
C MET C 276 6.45 -68.23 2.90
N GLU C 277 7.53 -68.62 3.58
CA GLU C 277 8.53 -69.47 2.96
C GLU C 277 8.25 -70.95 3.25
N LEU C 278 7.97 -71.69 2.17
CA LEU C 278 7.82 -73.14 2.20
C LEU C 278 9.15 -73.76 1.80
N ASP C 279 9.78 -74.45 2.73
CA ASP C 279 11.12 -75.02 2.51
C ASP C 279 11.10 -76.42 1.86
N ASP C 280 12.26 -77.06 1.80
CA ASP C 280 12.40 -78.38 1.15
C ASP C 280 11.45 -79.47 1.65
N THR C 281 11.35 -79.63 2.97
CA THR C 281 10.47 -80.63 3.55
C THR C 281 9.02 -80.13 3.55
N LEU C 282 8.88 -78.81 3.41
CA LEU C 282 7.59 -78.11 3.33
C LEU C 282 7.02 -77.63 4.68
N LYS C 283 7.90 -77.09 5.53
CA LYS C 283 7.48 -76.36 6.71
C LYS C 283 7.45 -74.87 6.41
N TYR C 284 6.59 -74.16 7.13
CA TYR C 284 6.38 -72.74 6.89
C TYR C 284 7.14 -71.87 7.87
N SER C 285 7.85 -70.88 7.34
CA SER C 285 8.30 -69.77 8.16
C SER C 285 7.68 -68.51 7.59
N PHE C 286 7.50 -67.49 8.42
CA PHE C 286 6.91 -66.25 7.95
C PHE C 286 7.83 -65.05 8.20
N LEU C 287 8.17 -64.34 7.13
CA LEU C 287 9.03 -63.17 7.21
C LEU C 287 8.18 -61.91 7.10
N GLN C 288 8.18 -61.12 8.18
CA GLN C 288 7.39 -59.88 8.29
C GLN C 288 8.21 -58.65 7.95
N PHE C 289 8.03 -58.10 6.76
CA PHE C 289 8.77 -56.89 6.43
C PHE C 289 7.98 -55.59 6.55
N ASP C 290 8.71 -54.52 6.90
CA ASP C 290 8.20 -53.17 6.90
C ASP C 290 8.49 -52.52 5.54
N PRO C 291 7.84 -51.38 5.24
CA PRO C 291 8.06 -50.77 3.92
C PRO C 291 9.48 -50.23 3.80
N ALA C 292 9.97 -50.14 2.57
CA ALA C 292 11.32 -49.65 2.31
C ALA C 292 11.43 -48.15 2.55
N PRO C 293 12.55 -47.70 3.16
CA PRO C 293 12.83 -46.28 3.22
C PRO C 293 12.83 -45.66 1.83
N ARG C 294 12.32 -44.43 1.74
CA ARG C 294 12.12 -43.76 0.46
C ARG C 294 13.10 -42.59 0.35
N ARG C 295 13.11 -41.93 -0.81
CA ARG C 295 13.97 -40.76 -1.05
C ARG C 295 13.28 -39.69 -1.91
N GLY C 296 14.03 -38.62 -2.23
CA GLY C 296 13.47 -37.38 -2.85
C GLY C 296 12.08 -37.11 -2.26
N GLU C 297 12.06 -36.97 -0.93
CA GLU C 297 10.91 -37.39 -0.08
C GLU C 297 9.64 -36.52 -0.07
N PRO C 298 8.54 -37.12 -0.54
CA PRO C 298 7.21 -36.50 -0.62
C PRO C 298 7.15 -35.12 -1.34
N HIS C 299 8.33 -34.54 -1.58
CA HIS C 299 8.45 -33.36 -2.40
C HIS C 299 9.21 -33.71 -3.69
N VAL C 300 8.52 -33.58 -4.82
CA VAL C 300 9.19 -33.49 -6.11
C VAL C 300 9.51 -32.00 -6.37
N THR C 301 9.56 -31.23 -5.27
CA THR C 301 9.72 -29.77 -5.25
C THR C 301 8.54 -29.02 -5.88
N ARG C 302 7.39 -29.67 -5.91
CA ARG C 302 6.14 -29.20 -6.57
C ARG C 302 6.29 -28.51 -7.95
N ARG C 303 6.86 -29.26 -8.90
CA ARG C 303 6.94 -28.83 -10.29
C ARG C 303 6.30 -29.90 -11.18
N THR C 304 5.16 -30.40 -10.73
CA THR C 304 4.47 -31.53 -11.38
C THR C 304 3.87 -31.16 -12.75
N PRO C 305 3.81 -32.14 -13.69
CA PRO C 305 3.19 -31.90 -14.99
C PRO C 305 1.66 -31.92 -14.88
N ASP C 306 0.97 -31.37 -15.88
CA ASP C 306 -0.48 -31.26 -15.85
C ASP C 306 -1.15 -32.60 -16.19
N TYR C 307 -2.38 -32.52 -16.67
CA TYR C 307 -3.02 -33.66 -17.32
C TYR C 307 -3.71 -33.21 -18.62
N PHE C 308 -2.91 -32.58 -19.49
CA PHE C 308 -3.30 -32.11 -20.83
C PHE C 308 -4.40 -31.03 -20.79
N MLL C 309 -4.68 -29.76 -20.53
CA MLL C 309 -5.16 -28.74 -19.60
CB MLL C 309 -5.47 -29.42 -18.27
CG MLL C 309 -6.90 -29.94 -18.24
CD2 MLL C 309 -7.53 -29.76 -16.87
CD1 MLL C 309 -6.98 -31.40 -18.63
C MLL C 309 -4.13 -27.62 -19.47
O MLL C 309 -3.75 -27.44 -18.09
OXT MLL C 309 -4.67 -26.42 -20.00
C10 MLL C 309 -4.44 -25.25 -19.22
N ASP D 7 -18.85 66.92 50.05
CA ASP D 7 -18.26 67.78 48.99
C ASP D 7 -17.31 67.01 48.06
N ASP D 8 -16.82 65.86 48.53
CA ASP D 8 -15.79 65.08 47.82
C ASP D 8 -16.04 64.91 46.32
N SER D 9 -14.98 65.06 45.54
CA SER D 9 -15.09 65.06 44.08
C SER D 9 -15.43 63.66 43.53
N LEU D 10 -16.71 63.45 43.26
CA LEU D 10 -17.17 62.30 42.46
C LEU D 10 -17.49 62.78 41.05
N TYR D 11 -16.78 63.85 40.66
CA TYR D 11 -16.87 64.45 39.34
C TYR D 11 -16.92 63.42 38.19
N PRO D 12 -15.87 62.59 38.04
CA PRO D 12 -15.79 61.85 36.78
C PRO D 12 -16.67 60.61 36.73
N ILE D 13 -16.92 60.00 37.89
CA ILE D 13 -17.74 58.80 37.95
C ILE D 13 -19.14 59.09 37.42
N ALA D 14 -19.73 60.18 37.89
CA ALA D 14 -21.10 60.55 37.53
C ALA D 14 -21.24 60.83 36.05
N VAL D 15 -20.11 61.13 35.41
CA VAL D 15 -20.01 61.26 33.96
C VAL D 15 -20.12 59.89 33.31
N LEU D 16 -19.38 58.92 33.86
CA LEU D 16 -19.35 57.56 33.32
C LEU D 16 -20.71 56.87 33.44
N ILE D 17 -21.36 56.96 34.61
CA ILE D 17 -22.71 56.39 34.80
C ILE D 17 -23.75 57.09 33.90
N ASP D 18 -23.29 58.06 33.11
CA ASP D 18 -24.14 58.69 32.10
C ASP D 18 -23.60 58.41 30.70
N GLU D 19 -22.28 58.49 30.54
CA GLU D 19 -21.64 58.24 29.25
C GLU D 19 -21.65 56.76 28.87
N LEU D 20 -22.66 56.03 29.37
CA LEU D 20 -22.86 54.64 28.96
C LEU D 20 -24.29 54.44 28.40
N ARG D 21 -25.07 55.51 28.44
CA ARG D 21 -26.31 55.60 27.67
C ARG D 21 -26.14 56.72 26.64
N ASN D 22 -24.94 56.79 26.09
CA ASN D 22 -24.49 57.90 25.25
C ASN D 22 -24.64 57.69 23.75
N GLU D 23 -24.87 58.78 23.03
CA GLU D 23 -24.96 58.76 21.56
C GLU D 23 -23.65 58.33 20.93
N ASP D 24 -22.53 58.96 21.32
CA ASP D 24 -21.22 58.63 20.77
C ASP D 24 -20.68 57.31 21.33
N VAL D 25 -20.73 56.28 20.49
CA VAL D 25 -20.45 54.92 20.91
C VAL D 25 -18.95 54.69 21.09
N GLN D 26 -18.17 55.77 21.10
CA GLN D 26 -16.78 55.68 21.54
C GLN D 26 -16.68 56.04 23.02
N LEU D 27 -17.54 56.95 23.46
CA LEU D 27 -17.65 57.32 24.88
C LEU D 27 -18.42 56.23 25.64
N ARG D 28 -19.45 55.70 24.99
CA ARG D 28 -20.25 54.63 25.56
C ARG D 28 -19.33 53.44 25.86
N LEU D 29 -18.37 53.22 24.98
CA LEU D 29 -17.34 52.20 25.16
C LEU D 29 -16.39 52.51 26.33
N ASN D 30 -16.09 53.79 26.54
CA ASN D 30 -15.17 54.22 27.60
C ASN D 30 -15.67 53.91 29.00
N SER D 31 -16.98 54.04 29.19
CA SER D 31 -17.60 53.70 30.46
C SER D 31 -17.51 52.20 30.71
N ILE D 32 -17.96 51.42 29.73
CA ILE D 32 -17.85 49.97 29.76
C ILE D 32 -16.40 49.58 30.03
N LYS D 33 -15.47 50.14 29.24
CA LYS D 33 -14.06 49.80 29.35
C LYS D 33 -13.43 50.26 30.66
N LYS D 34 -14.18 51.03 31.44
CA LYS D 34 -13.75 51.42 32.78
C LYS D 34 -14.80 51.06 33.84
N LEU D 35 -15.71 50.15 33.47
CA LEU D 35 -16.74 49.64 34.38
C LEU D 35 -16.18 49.21 35.74
N SER D 36 -14.86 48.99 35.77
CA SER D 36 -14.16 48.51 36.96
C SER D 36 -13.76 49.64 37.93
N THR D 37 -14.04 50.88 37.54
CA THR D 37 -13.88 52.03 38.43
C THR D 37 -15.23 52.60 38.83
N ILE D 38 -16.26 52.28 38.03
CA ILE D 38 -17.64 52.64 38.32
C ILE D 38 -18.19 51.73 39.42
N ALA D 39 -17.81 50.46 39.38
CA ALA D 39 -18.26 49.53 40.39
C ALA D 39 -17.31 49.49 41.58
N LEU D 40 -16.16 50.16 41.44
CA LEU D 40 -15.18 50.27 42.53
C LEU D 40 -15.59 51.39 43.48
N ALA D 41 -16.11 52.47 42.91
CA ALA D 41 -16.68 53.56 43.68
C ALA D 41 -18.04 53.11 44.22
N LEU D 42 -19.04 53.08 43.34
CA LEU D 42 -20.40 52.67 43.67
C LEU D 42 -20.53 51.33 44.41
N GLY D 43 -19.57 50.44 44.18
CA GLY D 43 -19.72 49.02 44.50
C GLY D 43 -19.49 48.49 45.90
N VAL D 44 -20.09 49.16 46.89
CA VAL D 44 -20.25 48.57 48.23
C VAL D 44 -21.38 47.51 48.09
N GLU D 45 -21.60 47.12 46.83
CA GLU D 45 -22.62 46.16 46.37
C GLU D 45 -23.94 46.82 45.99
N ARG D 46 -23.82 48.08 45.55
CA ARG D 46 -24.82 48.73 44.73
C ARG D 46 -24.63 48.23 43.30
N THR D 47 -23.46 47.62 43.06
CA THR D 47 -23.15 46.89 41.84
C THR D 47 -24.19 45.79 41.65
N ARG D 48 -24.43 45.02 42.71
CA ARG D 48 -25.47 44.00 42.70
C ARG D 48 -26.86 44.63 42.62
N SER D 49 -27.00 45.81 43.22
CA SER D 49 -28.30 46.49 43.34
C SER D 49 -28.75 47.12 42.03
N GLU D 50 -27.97 48.08 41.51
CA GLU D 50 -28.29 48.71 40.22
C GLU D 50 -27.51 48.11 39.06
N LEU D 51 -26.18 48.25 39.11
CA LEU D 51 -25.32 48.07 37.94
C LEU D 51 -25.56 46.78 37.17
N LEU D 52 -25.65 45.65 37.85
CA LEU D 52 -25.88 44.38 37.17
C LEU D 52 -27.22 44.33 36.43
N PRO D 53 -28.36 44.39 37.15
CA PRO D 53 -29.64 44.36 36.43
C PRO D 53 -29.78 45.44 35.35
N PHE D 54 -29.02 46.53 35.49
CA PHE D 54 -29.00 47.59 34.47
C PHE D 54 -28.40 47.12 33.15
N LEU D 55 -27.38 46.25 33.23
CA LEU D 55 -26.74 45.70 32.04
C LEU D 55 -26.86 44.18 31.95
N THR D 56 -28.03 43.70 31.54
CA THR D 56 -28.19 42.28 31.21
C THR D 56 -28.02 42.12 29.70
N ASP D 57 -29.01 42.56 28.93
CA ASP D 57 -28.81 42.84 27.51
C ASP D 57 -29.31 44.26 27.23
N THR D 58 -29.67 44.95 28.32
CA THR D 58 -30.13 46.34 28.27
C THR D 58 -29.02 47.26 27.74
N ILE D 59 -27.77 46.87 27.99
CA ILE D 59 -26.63 47.32 27.17
C ILE D 59 -26.63 46.45 25.90
N TYR D 60 -26.61 47.08 24.74
CA TYR D 60 -27.28 46.52 23.56
C TYR D 60 -26.49 46.44 22.25
N ASP D 61 -26.18 47.59 21.67
CA ASP D 61 -25.93 47.72 20.23
C ASP D 61 -24.69 47.04 19.61
N GLU D 62 -23.56 47.75 19.65
CA GLU D 62 -22.40 47.42 18.82
C GLU D 62 -21.50 46.36 19.43
N ASP D 63 -20.77 45.65 18.57
CA ASP D 63 -19.98 44.48 18.96
C ASP D 63 -18.75 44.78 19.82
N GLU D 64 -18.14 45.95 19.65
CA GLU D 64 -16.97 46.31 20.47
C GLU D 64 -17.36 46.60 21.93
N VAL D 65 -18.55 47.20 22.12
CA VAL D 65 -19.14 47.42 23.45
C VAL D 65 -19.46 46.08 24.12
N LEU D 66 -20.23 45.25 23.42
CA LEU D 66 -20.59 43.93 23.93
C LEU D 66 -19.36 43.09 24.24
N LEU D 67 -18.44 43.06 23.29
CA LEU D 67 -17.17 42.34 23.42
C LEU D 67 -16.37 42.82 24.64
N ALA D 68 -16.36 44.13 24.86
CA ALA D 68 -15.63 44.71 25.99
C ALA D 68 -16.33 44.43 27.31
N LEU D 69 -17.67 44.53 27.32
CA LEU D 69 -18.45 44.21 28.50
C LEU D 69 -18.13 42.80 29.00
N ALA D 70 -18.23 41.81 28.10
CA ALA D 70 -17.95 40.42 28.42
C ALA D 70 -16.60 40.29 29.09
N GLU D 71 -15.56 40.84 28.46
CA GLU D 71 -14.21 40.77 28.99
C GLU D 71 -14.19 41.30 30.41
N GLN D 72 -14.82 42.46 30.59
CA GLN D 72 -14.84 43.17 31.86
C GLN D 72 -15.58 42.42 32.96
N LEU D 73 -16.70 41.78 32.61
CA LEU D 73 -17.53 41.08 33.58
C LEU D 73 -16.83 39.90 34.24
N GLY D 74 -15.78 39.39 33.60
CA GLY D 74 -14.97 38.32 34.18
C GLY D 74 -14.26 38.80 35.43
N THR D 75 -13.64 39.98 35.33
CA THR D 75 -12.87 40.56 36.41
C THR D 75 -13.74 40.97 37.61
N PHE D 76 -15.05 40.98 37.42
CA PHE D 76 -15.99 41.45 38.44
C PHE D 76 -16.15 40.51 39.63
N THR D 77 -15.25 39.53 39.71
CA THR D 77 -15.34 38.44 40.68
C THR D 77 -15.19 38.93 42.11
N THR D 78 -14.16 39.75 42.33
CA THR D 78 -13.83 40.34 43.63
C THR D 78 -14.70 41.58 43.93
N LEU D 79 -15.20 42.19 42.85
CA LEU D 79 -15.83 43.51 42.87
C LEU D 79 -17.35 43.49 43.08
N VAL D 80 -17.97 42.33 42.84
CA VAL D 80 -19.42 42.15 43.00
C VAL D 80 -19.77 41.73 44.43
N GLY D 81 -18.74 41.41 45.22
CA GLY D 81 -18.93 40.99 46.61
C GLY D 81 -18.05 39.83 47.05
N GLY D 82 -17.46 39.13 46.09
CA GLY D 82 -16.60 37.98 46.37
C GLY D 82 -17.16 36.63 45.94
N PRO D 83 -16.48 35.55 46.37
CA PRO D 83 -16.67 34.20 45.86
C PRO D 83 -18.04 33.56 46.15
N GLU D 84 -18.88 34.23 46.93
CA GLU D 84 -20.22 33.70 47.14
C GLU D 84 -21.32 34.69 46.74
N TYR D 85 -20.93 35.65 45.92
CA TYR D 85 -21.89 36.50 45.20
C TYR D 85 -21.57 36.58 43.70
N VAL D 86 -20.67 35.70 43.24
CA VAL D 86 -20.27 35.68 41.82
C VAL D 86 -21.37 35.19 40.92
N HIS D 87 -22.20 34.29 41.46
CA HIS D 87 -23.31 33.70 40.72
C HIS D 87 -24.32 34.76 40.24
N CYS D 88 -24.12 36.00 40.67
CA CYS D 88 -24.97 37.12 40.24
C CYS D 88 -24.45 37.71 38.94
N LEU D 89 -23.24 37.31 38.57
CA LEU D 89 -22.68 37.70 37.28
C LEU D 89 -23.19 36.77 36.20
N LEU D 90 -23.80 35.66 36.60
CA LEU D 90 -24.28 34.69 35.62
C LEU D 90 -25.26 35.29 34.62
N PRO D 91 -26.34 35.95 35.08
CA PRO D 91 -27.33 36.43 34.11
C PRO D 91 -26.82 37.37 32.99
N PRO D 92 -25.95 38.37 33.30
CA PRO D 92 -25.46 39.14 32.17
C PRO D 92 -24.51 38.36 31.27
N LEU D 93 -23.82 37.37 31.82
CA LEU D 93 -22.87 36.57 31.04
C LEU D 93 -23.57 35.55 30.17
N GLU D 94 -24.59 34.91 30.71
CA GLU D 94 -25.39 33.97 29.96
C GLU D 94 -26.10 34.70 28.83
N SER D 95 -26.45 35.95 29.08
CA SER D 95 -27.08 36.81 28.08
C SER D 95 -26.13 37.13 26.93
N LEU D 96 -24.86 37.37 27.27
CA LEU D 96 -23.82 37.61 26.28
C LEU D 96 -23.38 36.33 25.63
N ALA D 97 -23.56 35.20 26.31
CA ALA D 97 -23.15 33.91 25.76
C ALA D 97 -24.04 33.51 24.60
N THR D 98 -25.13 34.25 24.42
CA THR D 98 -26.11 33.90 23.41
C THR D 98 -26.26 34.90 22.26
N VAL D 99 -25.40 35.90 22.23
CA VAL D 99 -25.33 36.87 21.13
C VAL D 99 -24.97 36.14 19.83
N GLU D 100 -25.52 36.64 18.72
CA GLU D 100 -25.25 36.11 17.40
C GLU D 100 -23.77 36.10 16.98
N GLU D 101 -23.00 37.14 17.31
CA GLU D 101 -21.63 37.21 16.79
C GLU D 101 -20.58 36.44 17.60
N THR D 102 -20.18 35.29 17.07
CA THR D 102 -19.10 34.44 17.62
C THR D 102 -18.02 35.14 18.46
N VAL D 103 -17.57 36.32 18.04
CA VAL D 103 -16.49 37.04 18.71
C VAL D 103 -16.89 37.48 20.10
N VAL D 104 -18.14 37.95 20.22
CA VAL D 104 -18.69 38.37 21.50
C VAL D 104 -18.89 37.17 22.41
N ARG D 105 -19.64 36.18 21.94
CA ARG D 105 -20.01 35.08 22.82
C ARG D 105 -18.81 34.23 23.18
N ASP D 106 -17.83 34.13 22.28
CA ASP D 106 -16.61 33.41 22.61
C ASP D 106 -15.98 33.99 23.86
N LYS D 107 -16.02 35.32 23.99
CA LYS D 107 -15.52 35.99 25.18
C LYS D 107 -16.44 35.75 26.37
N ALA D 108 -17.74 35.87 26.15
CA ALA D 108 -18.70 35.56 27.18
C ALA D 108 -18.35 34.23 27.84
N VAL D 109 -18.03 33.23 27.01
CA VAL D 109 -17.69 31.90 27.50
C VAL D 109 -16.40 31.93 28.30
N GLU D 110 -15.40 32.63 27.76
CA GLU D 110 -14.10 32.76 28.43
C GLU D 110 -14.30 33.29 29.84
N SER D 111 -14.99 34.42 29.95
CA SER D 111 -15.34 35.00 31.22
C SER D 111 -16.14 34.02 32.06
N LEU D 112 -17.19 33.47 31.45
CA LEU D 112 -18.11 32.57 32.13
C LEU D 112 -17.36 31.39 32.74
N ARG D 113 -16.41 30.86 31.97
CA ARG D 113 -15.57 29.77 32.42
C ARG D 113 -14.58 30.25 33.50
N ALA D 114 -14.03 31.46 33.32
CA ALA D 114 -13.07 32.03 34.29
C ALA D 114 -13.60 32.15 35.72
N ILE D 115 -14.87 32.54 35.87
CA ILE D 115 -15.44 32.77 37.19
C ILE D 115 -16.00 31.53 37.88
N SER D 116 -16.12 30.44 37.11
CA SER D 116 -16.65 29.19 37.66
C SER D 116 -15.74 28.65 38.75
N HIS D 117 -14.48 29.06 38.71
CA HIS D 117 -13.50 28.67 39.70
C HIS D 117 -13.69 29.42 41.00
N GLU D 118 -14.44 30.50 40.95
CA GLU D 118 -14.75 31.27 42.15
C GLU D 118 -16.10 30.89 42.73
N HIS D 119 -16.87 30.08 41.99
CA HIS D 119 -18.07 29.45 42.54
C HIS D 119 -17.69 28.38 43.58
N SER D 120 -18.42 28.39 44.70
CA SER D 120 -18.29 27.35 45.71
C SER D 120 -18.84 26.07 45.12
N PRO D 121 -18.21 24.93 45.42
CA PRO D 121 -18.65 23.63 44.86
C PRO D 121 -20.15 23.34 44.97
N SER D 122 -20.86 24.10 45.79
CA SER D 122 -22.33 24.06 45.80
C SER D 122 -22.89 25.15 44.89
N ASP D 123 -22.34 26.37 45.00
CA ASP D 123 -22.66 27.48 44.07
C ASP D 123 -22.43 27.12 42.60
N LEU D 124 -21.90 25.92 42.37
CA LEU D 124 -21.61 25.42 41.03
C LEU D 124 -22.80 24.60 40.50
N GLU D 125 -23.40 23.82 41.40
CA GLU D 125 -24.61 23.09 41.11
C GLU D 125 -25.84 23.99 41.22
N ALA D 126 -25.70 25.07 41.98
CA ALA D 126 -26.80 25.96 42.28
C ALA D 126 -27.24 26.78 41.08
N HIS D 127 -26.26 27.35 40.37
CA HIS D 127 -26.56 28.20 39.22
C HIS D 127 -25.74 27.91 37.97
N PHE D 128 -24.47 27.58 38.14
CA PHE D 128 -23.57 27.43 36.99
C PHE D 128 -23.96 26.29 36.08
N VAL D 129 -24.44 25.20 36.66
CA VAL D 129 -24.84 24.08 35.81
C VAL D 129 -26.21 24.33 35.16
N PRO D 130 -27.21 24.82 35.93
CA PRO D 130 -28.45 25.28 35.29
C PRO D 130 -28.15 26.11 34.05
N LEU D 131 -27.11 26.93 34.15
CA LEU D 131 -26.60 27.78 33.07
C LEU D 131 -26.11 26.92 31.91
N VAL D 132 -25.19 26.01 32.22
CA VAL D 132 -24.62 25.09 31.24
C VAL D 132 -25.73 24.24 30.60
N LYS D 133 -26.78 23.94 31.35
CA LYS D 133 -27.86 23.13 30.83
C LYS D 133 -28.79 23.88 29.89
N ARG D 134 -29.10 25.14 30.21
CA ARG D 134 -30.03 25.95 29.42
C ARG D 134 -29.42 26.33 28.09
N LEU D 135 -28.12 26.61 28.12
CA LEU D 135 -27.38 26.95 26.91
C LEU D 135 -27.23 25.73 26.04
N ALA D 136 -27.11 24.55 26.67
CA ALA D 136 -26.96 23.30 25.95
C ALA D 136 -28.27 22.86 25.34
N GLY D 137 -29.36 23.11 26.05
CA GLY D 137 -30.69 22.73 25.59
C GLY D 137 -31.29 23.79 24.70
N GLY D 138 -30.59 24.92 24.60
CA GLY D 138 -31.05 26.06 23.81
C GLY D 138 -31.56 25.68 22.43
N ASP D 139 -32.46 26.50 21.90
CA ASP D 139 -33.04 26.24 20.58
C ASP D 139 -31.96 26.50 19.54
N TRP D 140 -31.39 27.70 19.57
CA TRP D 140 -30.41 28.14 18.57
C TRP D 140 -29.01 27.55 18.70
N PHE D 141 -28.35 27.33 17.56
CA PHE D 141 -27.03 26.69 17.52
C PHE D 141 -25.98 27.51 18.20
N THR D 142 -26.18 28.82 18.19
CA THR D 142 -25.29 29.74 18.86
C THR D 142 -25.17 29.39 20.34
N SER D 143 -26.29 29.08 20.98
CA SER D 143 -26.30 28.73 22.41
C SER D 143 -25.49 27.48 22.67
N ARG D 144 -25.77 26.43 21.91
CA ARG D 144 -25.14 25.14 22.14
C ARG D 144 -23.63 25.18 21.99
N THR D 145 -23.12 25.85 20.96
CA THR D 145 -21.67 25.92 20.83
C THR D 145 -21.09 26.56 22.08
N SER D 146 -21.81 27.54 22.64
CA SER D 146 -21.33 28.21 23.83
C SER D 146 -21.33 27.29 25.02
N ALA D 147 -22.23 26.31 25.03
CA ALA D 147 -22.27 25.32 26.09
C ALA D 147 -21.02 24.43 26.06
N CYS D 148 -20.69 23.90 24.89
CA CYS D 148 -19.60 22.96 24.75
C CYS D 148 -18.39 23.36 25.59
N GLY D 149 -18.09 24.66 25.63
CA GLY D 149 -16.94 25.19 26.38
C GLY D 149 -17.08 25.23 27.90
N LEU D 150 -18.31 25.30 28.39
CA LEU D 150 -18.53 25.40 29.81
C LEU D 150 -18.58 24.05 30.53
N PHE D 151 -18.08 22.99 29.90
CA PHE D 151 -18.32 21.64 30.44
C PHE D 151 -17.23 21.03 31.33
N SER D 152 -15.97 21.26 31.00
CA SER D 152 -14.85 20.68 31.76
C SER D 152 -14.49 21.48 33.02
N VAL D 153 -14.98 22.72 33.09
CA VAL D 153 -14.69 23.61 34.20
C VAL D 153 -15.59 23.42 35.41
N CYS D 154 -16.77 22.84 35.20
CA CYS D 154 -17.67 22.55 36.31
C CYS D 154 -17.85 21.07 36.57
N TYR D 155 -17.09 20.24 35.87
CA TYR D 155 -17.27 18.79 35.99
C TYR D 155 -16.58 18.15 37.20
N PRO D 156 -15.27 18.42 37.42
CA PRO D 156 -14.57 17.63 38.43
C PRO D 156 -15.00 17.97 39.85
N ARG D 157 -15.66 19.10 40.03
CA ARG D 157 -16.03 19.58 41.35
C ARG D 157 -17.42 19.18 41.85
N VAL D 158 -18.35 18.94 40.93
CA VAL D 158 -19.73 18.64 41.31
C VAL D 158 -19.98 17.18 41.71
N SER D 159 -21.17 16.94 42.23
CA SER D 159 -21.64 15.60 42.63
C SER D 159 -21.62 14.63 41.45
N SER D 160 -21.34 13.35 41.74
CA SER D 160 -21.32 12.31 40.71
C SER D 160 -22.67 12.16 40.05
N ALA D 161 -23.73 12.49 40.80
CA ALA D 161 -25.09 12.50 40.28
C ALA D 161 -25.33 13.67 39.33
N VAL D 162 -24.47 14.70 39.43
CA VAL D 162 -24.47 15.84 38.51
C VAL D 162 -23.46 15.60 37.40
N LYS D 163 -22.29 15.09 37.77
CA LYS D 163 -21.29 14.67 36.81
C LYS D 163 -21.99 13.88 35.71
N ALA D 164 -22.62 12.78 36.11
CA ALA D 164 -23.26 11.87 35.18
C ALA D 164 -24.44 12.46 34.40
N GLU D 165 -24.87 13.67 34.76
CA GLU D 165 -25.81 14.41 33.92
C GLU D 165 -25.05 15.19 32.87
N LEU D 166 -24.02 15.91 33.30
CA LEU D 166 -23.21 16.73 32.40
C LEU D 166 -22.65 15.90 31.26
N ARG D 167 -22.29 14.66 31.56
CA ARG D 167 -21.80 13.77 30.52
C ARG D 167 -22.89 13.57 29.49
N GLN D 168 -24.09 13.26 30.00
CA GLN D 168 -25.24 12.95 29.15
C GLN D 168 -25.68 14.12 28.28
N TYR D 169 -25.48 15.34 28.78
CA TYR D 169 -25.64 16.55 27.96
C TYR D 169 -24.59 16.64 26.88
N PHE D 170 -23.33 16.44 27.26
CA PHE D 170 -22.23 16.58 26.33
C PHE D 170 -22.40 15.57 25.21
N ARG D 171 -22.78 14.36 25.58
CA ARG D 171 -23.06 13.30 24.62
C ARG D 171 -24.10 13.78 23.60
N ASN D 172 -25.06 14.57 24.08
CA ASN D 172 -26.15 15.07 23.26
C ASN D 172 -25.70 16.13 22.29
N LEU D 173 -24.72 16.92 22.69
CA LEU D 173 -24.17 17.93 21.80
C LEU D 173 -23.33 17.25 20.72
N CYS D 174 -22.57 16.24 21.12
CA CYS D 174 -21.70 15.51 20.20
C CYS D 174 -22.49 14.89 19.06
N SER D 175 -23.82 14.95 19.16
CA SER D 175 -24.68 14.44 18.10
C SER D 175 -25.85 15.40 17.82
N ASP D 176 -25.55 16.69 17.82
CA ASP D 176 -26.51 17.72 17.48
C ASP D 176 -26.86 17.62 16.00
N ASP D 177 -28.11 17.92 15.62
CA ASP D 177 -28.53 17.83 14.22
C ASP D 177 -27.86 18.88 13.34
N THR D 178 -27.03 19.73 13.97
CA THR D 178 -26.29 20.76 13.26
C THR D 178 -24.79 20.50 13.36
N PRO D 179 -24.08 20.59 12.24
CA PRO D 179 -22.63 20.40 12.25
C PRO D 179 -21.94 21.57 12.94
N MET D 180 -22.55 22.74 12.88
CA MET D 180 -22.02 23.90 13.58
C MET D 180 -21.70 23.51 15.03
N VAL D 181 -22.65 22.84 15.65
CA VAL D 181 -22.50 22.43 17.04
C VAL D 181 -21.55 21.24 17.14
N ARG D 182 -21.76 20.24 16.31
CA ARG D 182 -20.92 19.04 16.35
C ARG D 182 -19.46 19.40 16.27
N ARG D 183 -19.15 20.41 15.45
CA ARG D 183 -17.79 20.90 15.29
C ARG D 183 -17.30 21.52 16.57
N ALA D 184 -18.17 22.29 17.22
CA ALA D 184 -17.84 22.82 18.55
C ALA D 184 -17.63 21.68 19.51
N ALA D 185 -18.68 20.87 19.68
CA ALA D 185 -18.60 19.71 20.55
C ALA D 185 -17.26 19.00 20.41
N ALA D 186 -16.92 18.58 19.18
CA ALA D 186 -15.72 17.82 18.94
C ALA D 186 -14.49 18.56 19.45
N SER D 187 -14.46 19.86 19.23
CA SER D 187 -13.28 20.64 19.58
C SER D 187 -13.15 20.87 21.09
N LYS D 188 -13.91 20.14 21.89
CA LYS D 188 -13.82 20.29 23.34
C LYS D 188 -13.71 18.93 24.01
N LEU D 189 -13.96 17.89 23.22
CA LEU D 189 -13.94 16.49 23.65
C LEU D 189 -12.66 16.06 24.36
N GLY D 190 -11.51 16.46 23.82
CA GLY D 190 -10.22 16.22 24.46
C GLY D 190 -10.20 16.85 25.85
N GLU D 191 -10.46 18.15 25.89
CA GLU D 191 -10.53 18.91 27.15
C GLU D 191 -11.52 18.30 28.12
N PHE D 192 -12.58 17.68 27.59
CA PHE D 192 -13.61 17.07 28.42
C PHE D 192 -13.25 15.67 28.92
N ALA D 193 -12.50 14.91 28.12
CA ALA D 193 -12.08 13.57 28.51
C ALA D 193 -11.10 13.68 29.68
N LYS D 194 -10.27 14.73 29.65
CA LYS D 194 -9.27 14.96 30.68
C LYS D 194 -9.82 14.97 32.12
N VAL D 195 -10.98 15.60 32.31
CA VAL D 195 -11.64 15.65 33.62
C VAL D 195 -12.44 14.40 33.94
N LEU D 196 -12.86 13.68 32.89
CA LEU D 196 -13.63 12.45 33.07
C LEU D 196 -12.76 11.40 33.71
N GLU D 197 -13.37 10.56 34.54
CA GLU D 197 -12.68 9.40 35.12
C GLU D 197 -12.38 8.35 34.07
N LEU D 198 -11.24 7.67 34.23
CA LEU D 198 -10.74 6.71 33.23
C LEU D 198 -11.80 5.72 32.79
N ASP D 199 -12.60 5.28 33.76
CA ASP D 199 -13.70 4.34 33.54
C ASP D 199 -14.79 4.85 32.60
N ASN D 200 -14.86 6.17 32.45
CA ASN D 200 -15.86 6.77 31.60
C ASN D 200 -15.28 7.15 30.26
N VAL D 201 -14.03 7.60 30.25
CA VAL D 201 -13.34 7.90 28.98
C VAL D 201 -13.54 6.72 28.03
N LYS D 202 -13.27 5.51 28.52
CA LYS D 202 -13.42 4.30 27.72
C LYS D 202 -14.89 4.07 27.35
N SER D 203 -15.76 4.20 28.34
CA SER D 203 -17.17 3.84 28.18
C SER D 203 -17.95 4.85 27.38
N GLU D 204 -17.62 6.11 27.55
CA GLU D 204 -18.46 7.19 27.05
C GLU D 204 -17.72 8.10 26.05
N ILE D 205 -16.48 8.47 26.35
CA ILE D 205 -15.74 9.29 25.40
C ILE D 205 -15.45 8.49 24.12
N ILE D 206 -14.76 7.36 24.22
CA ILE D 206 -14.38 6.57 23.04
C ILE D 206 -15.51 6.49 21.99
N PRO D 207 -16.73 6.06 22.39
CA PRO D 207 -17.79 6.11 21.40
C PRO D 207 -18.06 7.51 20.86
N MET D 208 -18.40 8.46 21.73
CA MET D 208 -18.66 9.81 21.23
C MET D 208 -17.42 10.43 20.56
N PHE D 209 -16.30 9.72 20.59
CA PHE D 209 -15.13 10.08 19.82
C PHE D 209 -15.15 9.44 18.45
N SER D 210 -15.36 8.12 18.40
CA SER D 210 -15.31 7.36 17.16
C SER D 210 -16.52 7.63 16.27
N ASN D 211 -17.58 8.16 16.88
CA ASN D 211 -18.70 8.69 16.11
C ASN D 211 -18.30 10.01 15.45
N LEU D 212 -17.91 11.00 16.26
CA LEU D 212 -17.46 12.28 15.76
C LEU D 212 -16.39 12.09 14.72
N ALA D 213 -15.56 11.08 14.89
CA ALA D 213 -14.47 10.86 13.97
C ALA D 213 -14.94 10.24 12.66
N SER D 214 -16.22 9.86 12.63
CA SER D 214 -16.80 9.29 11.43
C SER D 214 -17.98 10.11 10.92
N ASP D 215 -18.02 11.38 11.32
CA ASP D 215 -19.12 12.28 10.94
C ASP D 215 -19.23 12.43 9.42
N GLU D 216 -20.41 12.83 8.94
CA GLU D 216 -20.54 13.05 7.50
C GLU D 216 -19.82 14.30 7.03
N GLN D 217 -19.77 15.32 7.89
CA GLN D 217 -19.01 16.52 7.57
C GLN D 217 -17.53 16.30 7.84
N ASP D 218 -16.67 16.45 6.82
CA ASP D 218 -15.23 16.33 7.06
C ASP D 218 -14.73 17.45 7.95
N SER D 219 -15.49 18.54 7.97
CA SER D 219 -15.20 19.65 8.83
C SER D 219 -15.34 19.29 10.29
N VAL D 220 -16.03 18.19 10.57
CA VAL D 220 -16.16 17.67 11.95
C VAL D 220 -15.09 16.61 12.22
N ARG D 221 -14.87 15.74 11.25
CA ARG D 221 -13.95 14.62 11.40
C ARG D 221 -12.53 15.06 11.72
N LEU D 222 -11.97 15.93 10.89
CA LEU D 222 -10.61 16.41 11.10
C LEU D 222 -10.44 16.99 12.50
N LEU D 223 -11.55 17.44 13.09
CA LEU D 223 -11.58 17.96 14.46
C LEU D 223 -11.45 16.87 15.54
N ALA D 224 -11.95 15.69 15.25
CA ALA D 224 -11.83 14.57 16.15
C ALA D 224 -10.43 13.95 16.14
N VAL D 225 -9.69 14.14 15.04
CA VAL D 225 -8.30 13.70 14.99
C VAL D 225 -7.51 14.36 16.11
N GLU D 226 -7.84 15.62 16.41
CA GLU D 226 -7.20 16.40 17.46
C GLU D 226 -7.57 15.88 18.83
N ALA D 227 -8.86 15.63 19.03
CA ALA D 227 -9.33 15.00 20.26
C ALA D 227 -8.49 13.77 20.55
N CYS D 228 -8.16 13.01 19.50
CA CYS D 228 -7.41 11.78 19.64
C CYS D 228 -6.09 11.97 20.37
N VAL D 229 -5.39 13.06 20.05
CA VAL D 229 -4.16 13.38 20.74
C VAL D 229 -4.42 13.42 22.25
N ASN D 230 -5.50 14.10 22.64
CA ASN D 230 -5.87 14.16 24.06
C ASN D 230 -6.38 12.86 24.68
N ILE D 231 -7.27 12.16 23.98
CA ILE D 231 -7.81 10.90 24.48
C ILE D 231 -6.73 9.84 24.59
N ALA D 232 -5.86 9.78 23.60
CA ALA D 232 -4.84 8.72 23.53
C ALA D 232 -3.88 8.79 24.71
N GLN D 233 -3.56 10.02 25.14
CA GLN D 233 -2.69 10.27 26.28
C GLN D 233 -3.19 9.59 27.55
N LEU D 234 -4.51 9.53 27.70
CA LEU D 234 -5.18 9.07 28.92
C LEU D 234 -5.16 7.55 29.12
N LEU D 235 -5.10 6.81 28.03
CA LEU D 235 -5.32 5.35 28.04
C LEU D 235 -4.07 4.49 27.95
N PRO D 236 -4.01 3.42 28.74
CA PRO D 236 -2.88 2.49 28.76
C PRO D 236 -2.75 1.79 27.43
N GLN D 237 -1.50 1.48 27.06
CA GLN D 237 -1.18 0.87 25.76
C GLN D 237 -2.16 -0.20 25.28
N GLU D 238 -2.59 -1.08 26.19
CA GLU D 238 -3.61 -2.10 25.85
C GLU D 238 -4.92 -1.43 25.44
N ASP D 239 -5.57 -0.75 26.37
CA ASP D 239 -6.85 -0.09 26.14
C ASP D 239 -6.86 0.73 24.85
N LEU D 240 -5.69 1.18 24.42
CA LEU D 240 -5.55 1.90 23.15
C LEU D 240 -5.77 0.99 21.95
N GLU D 241 -4.92 -0.05 21.86
CA GLU D 241 -4.82 -0.85 20.65
C GLU D 241 -6.16 -1.43 20.25
N ALA D 242 -7.10 -1.42 21.18
CA ALA D 242 -8.42 -1.95 20.91
C ALA D 242 -9.52 -0.89 20.74
N LEU D 243 -9.29 0.33 21.23
CA LEU D 243 -10.35 1.36 21.20
C LEU D 243 -10.04 2.62 20.39
N VAL D 244 -8.86 3.20 20.62
CA VAL D 244 -8.44 4.43 19.96
C VAL D 244 -7.85 4.12 18.58
N MET D 245 -6.96 3.13 18.53
CA MET D 245 -6.16 2.92 17.33
C MET D 245 -6.90 2.70 16.02
N PRO D 246 -8.00 1.91 16.01
CA PRO D 246 -8.65 1.73 14.73
C PRO D 246 -9.26 3.03 14.19
N THR D 247 -9.79 3.85 15.08
CA THR D 247 -10.41 5.10 14.65
C THR D 247 -9.40 6.06 14.06
N LEU D 248 -8.22 6.15 14.67
CA LEU D 248 -7.16 6.99 14.12
C LEU D 248 -6.55 6.35 12.90
N ARG D 249 -6.52 5.03 12.88
CA ARG D 249 -5.98 4.31 11.74
C ARG D 249 -6.84 4.60 10.51
N GLN D 250 -8.16 4.69 10.74
CA GLN D 250 -9.13 5.09 9.71
C GLN D 250 -9.02 6.58 9.39
N ALA D 251 -8.67 7.39 10.39
CA ALA D 251 -8.45 8.82 10.18
C ALA D 251 -7.36 9.07 9.13
N ALA D 252 -6.28 8.30 9.20
CA ALA D 252 -5.14 8.52 8.33
C ALA D 252 -5.43 8.20 6.87
N GLU D 253 -6.44 7.35 6.63
CA GLU D 253 -6.81 6.92 5.27
C GLU D 253 -8.10 7.58 4.81
N ASP D 254 -8.55 8.59 5.55
CA ASP D 254 -9.83 9.25 5.34
C ASP D 254 -10.05 9.77 3.90
N LYS D 255 -11.31 9.73 3.47
CA LYS D 255 -11.75 10.10 2.12
C LYS D 255 -11.21 11.44 1.71
N SER D 256 -11.01 12.35 2.67
CA SER D 256 -10.58 13.71 2.34
C SER D 256 -9.23 14.07 2.92
N TRP D 257 -8.43 14.76 2.11
CA TRP D 257 -7.14 15.26 2.56
C TRP D 257 -7.20 16.02 3.88
N ARG D 258 -8.30 16.72 4.14
CA ARG D 258 -8.38 17.56 5.34
C ARG D 258 -8.11 16.76 6.61
N VAL D 259 -8.75 15.61 6.72
CA VAL D 259 -8.57 14.75 7.88
C VAL D 259 -7.15 14.24 7.85
N ARG D 260 -6.71 13.78 6.69
CA ARG D 260 -5.36 13.31 6.53
C ARG D 260 -4.36 14.37 6.97
N TYR D 261 -4.56 15.62 6.55
CA TYR D 261 -3.69 16.70 6.96
C TYR D 261 -3.60 16.77 8.48
N MET D 262 -4.78 16.76 9.12
CA MET D 262 -4.85 16.89 10.58
C MET D 262 -4.14 15.80 11.34
N VAL D 263 -4.05 14.62 10.74
CA VAL D 263 -3.19 13.57 11.25
C VAL D 263 -1.74 14.03 11.08
N ALA D 264 -1.25 14.10 9.86
CA ALA D 264 0.13 14.51 9.63
C ALA D 264 0.51 15.73 10.49
N ASP D 265 -0.42 16.66 10.69
CA ASP D 265 -0.11 17.82 11.50
C ASP D 265 0.04 17.47 12.98
N LYS D 266 -0.86 16.65 13.50
CA LYS D 266 -0.77 16.23 14.90
C LYS D 266 0.01 14.91 15.08
N PHE D 267 0.82 14.57 14.08
CA PHE D 267 1.44 13.24 13.99
C PHE D 267 2.41 12.90 15.11
N THR D 268 3.41 13.75 15.30
CA THR D 268 4.36 13.58 16.40
C THR D 268 3.65 13.76 17.72
N GLU D 269 2.62 14.62 17.76
CA GLU D 269 1.78 14.73 18.94
C GLU D 269 1.18 13.37 19.32
N LEU D 270 0.81 12.60 18.30
CA LEU D 270 0.19 11.28 18.48
C LEU D 270 1.21 10.21 18.73
N GLN D 271 2.41 10.39 18.18
CA GLN D 271 3.50 9.44 18.36
C GLN D 271 3.88 9.34 19.82
N LYS D 272 3.94 10.51 20.47
CA LYS D 272 4.33 10.64 21.88
C LYS D 272 3.26 10.05 22.80
N ALA D 273 2.01 10.27 22.45
CA ALA D 273 0.86 9.77 23.21
C ALA D 273 0.75 8.27 23.09
N VAL D 274 0.46 7.81 21.88
CA VAL D 274 0.29 6.39 21.59
C VAL D 274 1.43 5.52 22.13
N GLY D 275 2.67 5.94 21.94
CA GLY D 275 3.80 5.25 22.56
C GLY D 275 4.57 4.32 21.64
N PRO D 276 5.90 4.20 21.87
CA PRO D 276 6.85 3.68 20.88
C PRO D 276 6.43 2.32 20.37
N GLU D 277 5.88 1.50 21.27
CA GLU D 277 5.34 0.19 20.93
C GLU D 277 4.42 0.29 19.71
N ILE D 278 3.37 1.10 19.83
CA ILE D 278 2.38 1.22 18.76
C ILE D 278 2.90 2.10 17.64
N THR D 279 3.72 3.10 18.00
CA THR D 279 4.33 3.98 17.02
C THR D 279 5.04 3.15 15.94
N LYS D 280 5.87 2.23 16.38
CA LYS D 280 6.66 1.37 15.49
C LYS D 280 5.80 0.46 14.65
N THR D 281 4.71 -0.01 15.21
CA THR D 281 3.90 -1.02 14.57
C THR D 281 2.83 -0.43 13.63
N ASP D 282 2.28 0.73 13.98
CA ASP D 282 1.18 1.33 13.22
C ASP D 282 1.42 2.73 12.66
N LEU D 283 2.22 3.52 13.35
CA LEU D 283 2.41 4.90 12.92
C LEU D 283 3.45 5.02 11.82
N VAL D 284 4.56 4.29 11.94
CA VAL D 284 5.61 4.33 10.93
C VAL D 284 5.07 4.11 9.52
N PRO D 285 4.30 3.03 9.29
CA PRO D 285 3.71 2.79 7.97
C PRO D 285 2.76 3.90 7.54
N ALA D 286 1.94 4.36 8.49
CA ALA D 286 1.02 5.45 8.24
C ALA D 286 1.77 6.72 7.83
N PHE D 287 2.92 6.94 8.47
CA PHE D 287 3.72 8.12 8.22
C PHE D 287 4.29 8.06 6.82
N GLN D 288 4.70 6.88 6.40
CA GLN D 288 5.17 6.69 5.04
C GLN D 288 4.06 7.06 4.05
N ASN D 289 2.85 6.58 4.31
CA ASN D 289 1.70 6.91 3.48
C ASN D 289 1.38 8.40 3.42
N LEU D 290 1.68 9.10 4.50
CA LEU D 290 1.47 10.54 4.55
C LEU D 290 2.58 11.32 3.84
N MET D 291 3.82 10.83 3.93
CA MET D 291 4.92 11.41 3.17
C MET D 291 4.68 11.20 1.68
N LYS D 292 3.79 10.27 1.36
CA LYS D 292 3.49 9.90 -0.01
C LYS D 292 2.05 10.22 -0.41
N ASP D 293 1.43 11.18 0.28
CA ASP D 293 0.02 11.45 0.05
C ASP D 293 -0.24 12.08 -1.30
N CYS D 294 -1.43 11.84 -1.84
CA CYS D 294 -1.77 12.27 -3.19
C CYS D 294 -2.10 13.77 -3.27
N GLU D 295 -2.50 14.37 -2.16
CA GLU D 295 -2.62 15.82 -2.10
C GLU D 295 -1.37 16.41 -1.46
N ALA D 296 -0.77 17.41 -2.12
CA ALA D 296 0.54 17.90 -1.74
C ALA D 296 0.64 18.53 -0.36
N GLU D 297 -0.48 19.08 0.14
CA GLU D 297 -0.46 19.77 1.42
C GLU D 297 -0.13 18.81 2.53
N VAL D 298 -0.65 17.59 2.42
CA VAL D 298 -0.42 16.57 3.42
C VAL D 298 1.06 16.27 3.50
N ARG D 299 1.66 16.01 2.35
CA ARG D 299 3.10 15.76 2.24
C ARG D 299 3.91 16.85 2.94
N ALA D 300 3.58 18.11 2.67
CA ALA D 300 4.24 19.23 3.32
C ALA D 300 4.07 19.15 4.83
N ALA D 301 2.86 18.87 5.27
CA ALA D 301 2.56 18.78 6.69
C ALA D 301 3.30 17.59 7.33
N ALA D 302 3.48 16.53 6.57
CA ALA D 302 4.17 15.36 7.07
C ALA D 302 5.67 15.61 7.03
N SER D 303 6.10 16.59 6.25
CA SER D 303 7.52 16.84 6.09
C SER D 303 8.17 17.62 7.23
N HIS D 304 7.49 18.65 7.75
CA HIS D 304 7.97 19.36 8.95
C HIS D 304 8.21 18.35 10.07
N LYS D 305 7.43 17.27 10.08
CA LYS D 305 7.43 16.32 11.17
C LYS D 305 8.51 15.24 11.10
N VAL D 306 9.39 15.30 10.10
CA VAL D 306 10.38 14.23 9.89
C VAL D 306 11.45 14.12 11.00
N LYS D 307 12.28 15.16 11.15
CA LYS D 307 13.30 15.21 12.20
C LYS D 307 12.68 14.99 13.58
N GLU D 308 11.47 15.52 13.75
CA GLU D 308 10.72 15.38 14.99
C GLU D 308 10.39 13.90 15.27
N PHE D 309 9.77 13.24 14.30
CA PHE D 309 9.26 11.87 14.44
C PHE D 309 10.38 10.84 14.43
N CYS D 310 11.50 11.15 13.78
CA CYS D 310 12.65 10.27 13.80
C CYS D 310 13.31 10.31 15.16
N GLU D 311 13.42 11.51 15.71
CA GLU D 311 14.01 11.73 17.02
C GLU D 311 13.35 10.86 18.09
N ASN D 312 12.02 10.82 18.11
CA ASN D 312 11.27 10.12 19.13
C ASN D 312 11.24 8.61 18.98
N LEU D 313 11.80 8.10 17.88
CA LEU D 313 11.85 6.65 17.67
C LEU D 313 12.60 5.92 18.78
N SER D 314 11.92 4.95 19.38
CA SER D 314 12.47 4.12 20.45
C SER D 314 13.96 3.86 20.28
N ALA D 315 14.72 4.21 21.31
CA ALA D 315 16.20 4.20 21.27
C ALA D 315 16.82 3.00 20.56
N ASP D 316 16.47 1.80 21.02
CA ASP D 316 17.19 0.58 20.64
C ASP D 316 17.20 0.30 19.14
N CYS D 317 16.05 0.46 18.50
CA CYS D 317 15.92 0.19 17.08
C CYS D 317 15.32 1.39 16.40
N ARG D 318 16.16 2.36 16.04
CA ARG D 318 15.74 3.58 15.37
C ARG D 318 16.70 4.03 14.30
N GLU D 319 17.97 3.66 14.47
CA GLU D 319 18.93 3.83 13.38
C GLU D 319 18.40 2.96 12.27
N ASN D 320 17.81 1.82 12.64
CA ASN D 320 17.24 0.91 11.67
C ASN D 320 16.02 1.49 10.97
N VAL D 321 14.96 1.74 11.74
CA VAL D 321 13.71 2.20 11.14
C VAL D 321 13.81 3.52 10.34
N ILE D 322 14.73 4.43 10.72
CA ILE D 322 15.04 5.57 9.87
C ILE D 322 15.66 5.02 8.60
N MET D 323 16.81 4.39 8.76
CA MET D 323 17.62 3.94 7.62
C MET D 323 16.81 3.12 6.64
N THR D 324 15.93 2.26 7.15
CA THR D 324 15.22 1.29 6.34
C THR D 324 13.80 1.69 5.90
N GLN D 325 13.08 2.40 6.74
CA GLN D 325 11.68 2.74 6.46
C GLN D 325 11.42 4.24 6.22
N ILE D 326 12.16 5.11 6.89
CA ILE D 326 11.98 6.55 6.71
C ILE D 326 12.86 7.06 5.57
N LEU D 327 14.17 6.79 5.68
CA LEU D 327 15.16 7.37 4.75
C LEU D 327 14.82 7.25 3.26
N PRO D 328 14.27 6.10 2.81
CA PRO D 328 13.97 6.01 1.39
C PRO D 328 12.85 6.96 0.99
N CYS D 329 11.96 7.26 1.94
CA CYS D 329 10.93 8.26 1.70
C CYS D 329 11.49 9.69 1.78
N ILE D 330 12.35 9.96 2.76
CA ILE D 330 13.06 11.25 2.80
C ILE D 330 13.67 11.50 1.44
N LYS D 331 14.47 10.55 0.93
CA LYS D 331 15.19 10.75 -0.32
C LYS D 331 14.29 10.70 -1.53
N GLU D 332 12.98 10.76 -1.29
CA GLU D 332 12.02 10.86 -2.37
C GLU D 332 11.28 12.19 -2.30
N LEU D 333 11.25 12.79 -1.12
CA LEU D 333 10.64 14.10 -0.92
C LEU D 333 11.50 15.19 -1.52
N VAL D 334 12.83 15.05 -1.36
CA VAL D 334 13.79 15.96 -1.98
C VAL D 334 13.51 16.14 -3.48
N SER D 335 12.89 15.16 -4.10
CA SER D 335 12.61 15.19 -5.53
C SER D 335 11.20 15.66 -5.83
N ASP D 336 10.42 15.93 -4.79
CA ASP D 336 8.99 16.25 -4.94
C ASP D 336 8.79 17.47 -5.81
N ALA D 337 7.69 17.46 -6.56
CA ALA D 337 7.43 18.52 -7.53
C ALA D 337 6.88 19.78 -6.89
N ASN D 338 6.39 19.68 -5.66
CA ASN D 338 5.81 20.85 -5.00
C ASN D 338 6.86 21.69 -4.27
N GLN D 339 7.01 22.95 -4.68
CA GLN D 339 7.98 23.87 -4.08
C GLN D 339 7.82 23.99 -2.56
N HIS D 340 6.65 23.65 -2.04
CA HIS D 340 6.38 23.83 -0.60
C HIS D 340 6.72 22.61 0.25
N VAL D 341 6.49 21.43 -0.30
CA VAL D 341 6.89 20.18 0.35
C VAL D 341 8.40 20.14 0.44
N LYS D 342 9.07 20.43 -0.68
CA LYS D 342 10.52 20.48 -0.70
C LYS D 342 11.06 21.36 0.39
N SER D 343 10.62 22.61 0.41
CA SER D 343 11.13 23.56 1.40
C SER D 343 10.87 23.06 2.81
N ALA D 344 9.66 22.55 3.05
CA ALA D 344 9.29 22.04 4.38
C ALA D 344 10.37 21.08 4.86
N LEU D 345 10.57 19.99 4.13
CA LEU D 345 11.59 19.01 4.47
C LEU D 345 12.95 19.69 4.51
N ALA D 346 13.24 20.51 3.52
CA ALA D 346 14.54 21.16 3.45
C ALA D 346 14.91 21.80 4.79
N SER D 347 13.89 22.20 5.57
CA SER D 347 14.12 22.82 6.87
C SER D 347 14.67 21.87 7.96
N VAL D 348 13.94 20.80 8.22
CA VAL D 348 14.26 19.92 9.32
C VAL D 348 15.29 18.84 8.97
N ILE D 349 15.39 18.50 7.68
CA ILE D 349 16.26 17.41 7.21
C ILE D 349 17.68 17.42 7.81
N MET D 350 18.24 18.61 7.99
CA MET D 350 19.61 18.76 8.50
C MET D 350 19.79 18.24 9.94
N GLY D 351 18.79 18.50 10.78
CA GLY D 351 18.81 18.11 12.18
C GLY D 351 18.67 16.61 12.35
N LEU D 352 18.45 15.92 11.25
CA LEU D 352 18.41 14.45 11.22
C LEU D 352 19.81 13.89 11.42
N SER D 353 20.80 14.78 11.38
CA SER D 353 22.21 14.42 11.42
C SER D 353 22.70 13.87 12.78
N PRO D 354 22.44 14.59 13.89
CA PRO D 354 22.88 14.05 15.18
C PRO D 354 22.11 12.79 15.58
N ILE D 355 21.00 12.54 14.90
CA ILE D 355 20.19 11.35 15.16
C ILE D 355 20.84 10.16 14.47
N LEU D 356 21.20 10.34 13.20
CA LEU D 356 21.83 9.30 12.40
C LEU D 356 23.33 9.12 12.65
N GLY D 357 23.94 10.16 13.23
CA GLY D 357 25.35 10.07 13.62
C GLY D 357 26.36 10.53 12.58
N LYS D 358 27.62 10.37 12.96
CA LYS D 358 28.74 10.95 12.22
C LYS D 358 29.02 10.22 10.91
N ASP D 359 28.92 8.89 10.93
CA ASP D 359 29.21 8.10 9.74
C ASP D 359 28.07 8.17 8.73
N ASN D 360 26.85 7.91 9.20
CA ASN D 360 25.64 7.91 8.37
C ASN D 360 25.30 9.24 7.69
N THR D 361 25.56 10.35 8.37
CA THR D 361 25.34 11.68 7.79
C THR D 361 26.18 11.84 6.52
N ILE D 362 27.43 11.39 6.60
CA ILE D 362 28.34 11.47 5.46
C ILE D 362 27.86 10.60 4.31
N GLU D 363 27.41 9.39 4.63
CA GLU D 363 27.09 8.41 3.60
C GLU D 363 25.75 8.62 2.89
N HIS D 364 24.72 9.06 3.62
CA HIS D 364 23.36 9.11 3.08
C HIS D 364 22.66 10.47 3.14
N LEU D 365 22.95 11.25 4.17
CA LEU D 365 22.28 12.54 4.34
C LEU D 365 22.91 13.65 3.51
N LEU D 366 24.19 13.49 3.19
CA LEU D 366 24.98 14.57 2.59
C LEU D 366 24.73 14.81 1.10
N PRO D 367 24.52 13.75 0.30
CA PRO D 367 24.20 13.97 -1.11
C PRO D 367 22.82 14.57 -1.25
N LEU D 368 21.98 14.32 -0.25
CA LEU D 368 20.68 14.97 -0.15
C LEU D 368 20.91 16.45 0.06
N PHE D 369 21.68 16.80 1.10
CA PHE D 369 21.98 18.19 1.41
C PHE D 369 22.47 18.96 0.18
N LEU D 370 23.30 18.30 -0.63
CA LEU D 370 23.79 18.87 -1.88
C LEU D 370 22.66 19.15 -2.83
N ALA D 371 21.81 18.15 -3.08
CA ALA D 371 20.65 18.32 -3.95
C ALA D 371 19.76 19.47 -3.46
N GLN D 372 19.47 19.47 -2.16
CA GLN D 372 18.72 20.51 -1.49
C GLN D 372 19.38 21.86 -1.68
N LEU D 373 20.72 21.85 -1.62
CA LEU D 373 21.51 23.07 -1.65
C LEU D 373 21.58 23.64 -3.07
N LYS D 374 21.39 22.77 -4.06
CA LYS D 374 21.46 23.15 -5.47
C LYS D 374 20.07 23.31 -6.08
N ASP D 375 19.05 23.42 -5.25
CA ASP D 375 17.67 23.49 -5.71
C ASP D 375 17.40 24.73 -6.55
N GLU D 376 16.36 24.67 -7.38
CA GLU D 376 15.90 25.84 -8.11
C GLU D 376 15.20 26.82 -7.16
N CYS D 377 14.20 26.32 -6.43
CA CYS D 377 13.42 27.14 -5.49
C CYS D 377 14.31 27.83 -4.47
N PRO D 378 14.15 29.15 -4.29
CA PRO D 378 15.02 29.85 -3.37
C PRO D 378 14.61 29.52 -1.96
N GLU D 379 13.32 29.59 -1.69
CA GLU D 379 12.78 29.23 -0.40
C GLU D 379 13.51 28.00 0.14
N VAL D 380 13.76 27.02 -0.73
CA VAL D 380 14.44 25.76 -0.38
C VAL D 380 15.88 25.96 0.07
N ARG D 381 16.66 26.73 -0.69
CA ARG D 381 18.09 26.83 -0.47
C ARG D 381 18.42 27.62 0.76
N LEU D 382 17.69 28.71 0.96
CA LEU D 382 17.80 29.50 2.17
C LEU D 382 17.44 28.66 3.42
N ASN D 383 16.52 27.71 3.26
CA ASN D 383 16.12 26.81 4.34
C ASN D 383 17.21 25.83 4.77
N ILE D 384 18.00 25.35 3.82
CA ILE D 384 19.08 24.42 4.11
C ILE D 384 20.28 25.15 4.71
N ILE D 385 20.64 26.30 4.12
CA ILE D 385 21.75 27.12 4.62
C ILE D 385 21.69 27.33 6.13
N SER D 386 20.48 27.61 6.64
CA SER D 386 20.32 28.03 8.03
C SER D 386 20.94 27.06 9.01
N ASN D 387 20.52 25.80 8.92
CA ASN D 387 20.97 24.79 9.86
C ASN D 387 22.24 24.06 9.40
N LEU D 388 23.27 24.84 9.08
CA LEU D 388 24.57 24.30 8.67
C LEU D 388 25.47 23.98 9.86
N ASP D 389 25.31 24.74 10.95
CA ASP D 389 26.12 24.51 12.13
C ASP D 389 25.81 23.16 12.73
N CYS D 390 24.59 22.67 12.47
CA CYS D 390 24.14 21.37 12.96
C CYS D 390 24.92 20.20 12.36
N VAL D 391 25.38 20.36 11.12
CA VAL D 391 26.23 19.37 10.48
C VAL D 391 27.67 19.55 10.94
N ASN D 392 28.10 20.81 10.98
CA ASN D 392 29.46 21.16 11.40
C ASN D 392 29.74 20.73 12.83
N GLU D 393 28.67 20.43 13.58
CA GLU D 393 28.79 19.93 14.94
C GLU D 393 28.92 18.41 14.92
N VAL D 394 28.28 17.78 13.95
CA VAL D 394 28.23 16.31 13.86
C VAL D 394 29.40 15.76 13.06
N ILE D 395 29.79 16.46 12.01
CA ILE D 395 31.06 16.16 11.37
C ILE D 395 32.05 17.27 11.65
N GLY D 396 33.31 16.88 11.86
CA GLY D 396 34.38 17.85 12.01
C GLY D 396 34.44 18.73 10.79
N ILE D 397 34.86 19.98 10.99
CA ILE D 397 35.00 20.96 9.90
C ILE D 397 35.76 20.42 8.68
N ARG D 398 36.70 19.50 8.92
CA ARG D 398 37.44 18.80 7.86
C ARG D 398 36.50 18.34 6.74
N GLN D 399 35.50 17.53 7.10
CA GLN D 399 34.58 16.92 6.14
C GLN D 399 33.57 17.91 5.58
N LEU D 400 33.22 18.91 6.38
CA LEU D 400 32.36 20.01 5.96
C LEU D 400 33.10 20.88 4.94
N SER D 401 34.42 20.97 5.12
CA SER D 401 35.27 21.80 4.30
C SER D 401 35.46 21.24 2.89
N GLN D 402 35.44 19.92 2.75
CA GLN D 402 35.66 19.32 1.43
C GLN D 402 34.36 18.99 0.69
N SER D 403 33.25 18.93 1.40
CA SER D 403 31.99 18.54 0.79
C SER D 403 31.00 19.67 0.56
N LEU D 404 30.81 20.52 1.57
CA LEU D 404 29.81 21.59 1.50
C LEU D 404 30.41 22.98 1.26
N LEU D 405 31.72 23.09 1.46
CA LEU D 405 32.40 24.37 1.26
C LEU D 405 32.39 24.78 -0.22
N PRO D 406 32.56 23.82 -1.15
CA PRO D 406 32.43 24.18 -2.56
C PRO D 406 31.04 24.74 -2.88
N ALA D 407 30.02 24.16 -2.27
CA ALA D 407 28.66 24.65 -2.45
C ALA D 407 28.48 26.04 -1.85
N ILE D 408 28.94 26.26 -0.63
CA ILE D 408 28.79 27.58 0.02
C ILE D 408 29.60 28.66 -0.71
N VAL D 409 30.77 28.28 -1.22
CA VAL D 409 31.57 29.14 -2.07
C VAL D 409 30.78 29.49 -3.33
N GLU D 410 30.22 28.47 -3.99
CA GLU D 410 29.39 28.67 -5.19
C GLU D 410 28.09 29.43 -4.88
N LEU D 411 27.61 29.31 -3.64
CA LEU D 411 26.33 29.88 -3.25
C LEU D 411 26.49 31.24 -2.57
N ALA D 412 27.73 31.70 -2.43
CA ALA D 412 27.97 33.02 -1.86
C ALA D 412 27.79 34.10 -2.92
N GLU D 413 27.75 33.67 -4.18
CA GLU D 413 27.37 34.55 -5.27
C GLU D 413 26.09 34.04 -5.91
N ASP D 414 25.10 33.75 -5.06
CA ASP D 414 23.81 33.22 -5.51
C ASP D 414 22.93 34.31 -6.12
N ALA D 415 22.10 33.89 -7.07
CA ALA D 415 21.16 34.76 -7.78
C ALA D 415 20.32 35.65 -6.86
N LYS D 416 19.68 35.04 -5.87
CA LYS D 416 18.83 35.78 -4.95
C LYS D 416 19.68 36.39 -3.85
N TRP D 417 19.45 37.66 -3.53
CA TRP D 417 20.28 38.32 -2.52
C TRP D 417 20.01 37.75 -1.14
N ARG D 418 18.74 37.44 -0.88
CA ARG D 418 18.37 36.93 0.43
C ARG D 418 19.03 35.62 0.77
N VAL D 419 19.36 34.84 -0.25
CA VAL D 419 20.27 33.72 -0.09
C VAL D 419 21.64 34.27 0.26
N ARG D 420 22.30 34.94 -0.69
CA ARG D 420 23.62 35.51 -0.44
C ARG D 420 23.76 36.02 0.98
N LEU D 421 22.78 36.81 1.44
CA LEU D 421 22.81 37.31 2.80
C LEU D 421 23.10 36.18 3.77
N ALA D 422 22.29 35.11 3.71
CA ALA D 422 22.42 33.98 4.63
C ALA D 422 23.80 33.31 4.68
N ILE D 423 24.61 33.46 3.64
CA ILE D 423 26.02 33.01 3.69
C ILE D 423 26.88 34.01 4.45
N ILE D 424 26.78 35.28 4.09
CA ILE D 424 27.43 36.34 4.86
C ILE D 424 27.08 36.22 6.34
N GLU D 425 25.81 35.94 6.60
CA GLU D 425 25.25 35.77 7.93
C GLU D 425 25.99 34.69 8.73
N TYR D 426 26.71 33.86 8.01
CA TYR D 426 27.28 32.64 8.54
C TYR D 426 28.81 32.67 8.54
N MET D 427 29.40 33.51 7.68
CA MET D 427 30.86 33.59 7.48
C MET D 427 31.76 33.61 8.70
N PRO D 428 31.47 34.47 9.69
CA PRO D 428 32.45 34.58 10.76
C PRO D 428 32.64 33.23 11.41
N LEU D 429 31.53 32.60 11.78
CA LEU D 429 31.54 31.29 12.42
C LEU D 429 32.36 30.27 11.61
N LEU D 430 32.14 30.24 10.30
CA LEU D 430 32.80 29.29 9.40
C LEU D 430 34.28 29.60 9.19
N ALA D 431 34.67 30.84 9.42
CA ALA D 431 36.08 31.20 9.39
C ALA D 431 36.75 30.69 10.68
N GLY D 432 36.14 30.99 11.81
CA GLY D 432 36.65 30.56 13.12
C GLY D 432 36.57 29.06 13.35
N GLN D 433 35.89 28.35 12.47
CA GLN D 433 35.68 26.90 12.60
C GLN D 433 36.95 26.14 12.25
N LEU D 434 37.33 26.17 10.98
CA LEU D 434 38.72 25.96 10.58
C LEU D 434 39.03 27.05 9.58
N GLY D 435 40.18 27.65 9.77
CA GLY D 435 40.54 28.86 9.08
C GLY D 435 41.28 29.74 10.05
N VAL D 436 42.03 29.10 10.96
CA VAL D 436 43.01 29.79 11.83
C VAL D 436 43.66 30.84 10.94
N GLU D 437 44.17 30.41 9.78
CA GLU D 437 44.29 31.25 8.59
C GLU D 437 44.25 30.48 7.26
N PHE D 438 43.05 30.01 6.94
CA PHE D 438 42.71 29.35 5.68
C PHE D 438 41.85 30.33 4.89
N PHE D 439 41.14 31.16 5.65
CA PHE D 439 40.32 32.24 5.12
C PHE D 439 41.14 33.22 4.28
N ASP D 440 42.30 33.61 4.80
CA ASP D 440 43.18 34.56 4.12
C ASP D 440 43.44 34.23 2.66
N GLU D 441 43.74 32.95 2.39
CA GLU D 441 44.18 32.53 1.07
C GLU D 441 43.14 31.73 0.27
N LYS D 442 41.92 31.63 0.78
CA LYS D 442 40.87 30.88 0.07
C LYS D 442 39.48 31.50 0.12
N LEU D 443 39.18 32.22 1.20
CA LEU D 443 37.83 32.78 1.38
C LEU D 443 37.76 34.31 1.36
N ASN D 444 38.86 34.97 1.74
CA ASN D 444 38.90 36.42 1.81
C ASN D 444 38.23 37.11 0.61
N SER D 445 38.56 36.63 -0.59
CA SER D 445 37.99 37.16 -1.83
C SER D 445 36.50 37.39 -1.68
N LEU D 446 35.77 36.30 -1.44
CA LEU D 446 34.32 36.36 -1.26
C LEU D 446 33.89 37.46 -0.31
N CYS D 447 34.50 37.50 0.88
CA CYS D 447 34.11 38.44 1.92
C CYS D 447 34.26 39.88 1.48
N MET D 448 35.41 40.16 0.85
CA MET D 448 35.72 41.49 0.36
C MET D 448 34.81 41.80 -0.82
N ALA D 449 34.87 40.98 -1.87
CA ALA D 449 34.01 41.11 -3.03
C ALA D 449 32.52 41.32 -2.71
N TRP D 450 32.07 40.91 -1.53
CA TRP D 450 30.67 41.16 -1.12
C TRP D 450 30.43 42.65 -0.91
N LEU D 451 31.43 43.34 -0.36
CA LEU D 451 31.28 44.74 -0.01
C LEU D 451 30.83 45.55 -1.23
N VAL D 452 31.10 45.03 -2.41
CA VAL D 452 30.84 45.74 -3.65
C VAL D 452 29.57 45.24 -4.33
N ASP D 453 28.77 44.49 -3.59
CA ASP D 453 27.57 43.83 -4.12
C ASP D 453 26.50 44.83 -4.53
N HIS D 454 25.68 44.43 -5.49
CA HIS D 454 24.73 45.34 -6.12
C HIS D 454 23.60 45.85 -5.19
N VAL D 455 23.14 44.99 -4.30
CA VAL D 455 22.03 45.35 -3.43
C VAL D 455 22.52 45.77 -2.06
N TYR D 456 22.14 46.98 -1.65
CA TYR D 456 22.62 47.60 -0.41
C TYR D 456 22.62 46.70 0.82
N ALA D 457 21.62 45.84 0.93
CA ALA D 457 21.47 44.96 2.09
C ALA D 457 22.73 44.14 2.37
N ILE D 458 23.33 43.60 1.30
CA ILE D 458 24.55 42.81 1.38
C ILE D 458 25.78 43.69 1.67
N ARG D 459 25.85 44.82 0.98
CA ARG D 459 26.82 45.86 1.29
C ARG D 459 26.90 46.07 2.82
N GLU D 460 25.73 46.20 3.45
CA GLU D 460 25.61 46.45 4.89
C GLU D 460 25.98 45.21 5.68
N ALA D 461 25.56 44.05 5.18
CA ALA D 461 25.81 42.78 5.85
C ALA D 461 27.29 42.42 5.79
N ALA D 462 27.95 42.81 4.70
CA ALA D 462 29.37 42.57 4.52
C ALA D 462 30.21 43.51 5.38
N THR D 463 29.82 44.77 5.43
CA THR D 463 30.45 45.77 6.29
C THR D 463 30.40 45.31 7.74
N SER D 464 29.22 44.91 8.19
CA SER D 464 29.06 44.40 9.54
C SER D 464 29.86 43.10 9.75
N ASN D 465 29.94 42.28 8.70
CA ASN D 465 30.72 41.03 8.74
C ASN D 465 32.20 41.27 9.03
N LEU D 466 32.75 42.35 8.48
CA LEU D 466 34.14 42.72 8.69
C LEU D 466 34.43 42.89 10.18
N LYS D 467 33.69 43.77 10.83
CA LYS D 467 33.79 43.97 12.28
C LYS D 467 33.88 42.63 12.98
N LYS D 468 32.86 41.80 12.78
CA LYS D 468 32.78 40.48 13.40
C LYS D 468 34.01 39.61 13.13
N LEU D 469 34.47 39.58 11.88
CA LEU D 469 35.56 38.68 11.53
C LEU D 469 36.93 39.32 11.77
N VAL D 470 36.93 40.53 12.31
CA VAL D 470 38.13 41.09 12.94
C VAL D 470 38.08 40.66 14.40
N GLU D 471 36.87 40.59 14.92
CA GLU D 471 36.56 40.30 16.32
C GLU D 471 36.92 38.87 16.71
N LYS D 472 37.22 38.04 15.72
CA LYS D 472 37.74 36.69 16.00
C LYS D 472 38.89 36.30 15.06
N PHE D 473 39.68 37.31 14.68
CA PHE D 473 40.92 37.08 13.93
C PHE D 473 42.04 38.00 14.38
N GLY D 474 41.67 39.18 14.89
CA GLY D 474 42.64 40.08 15.50
C GLY D 474 42.76 41.46 14.88
N LYS D 475 43.27 42.41 15.67
CA LYS D 475 43.43 43.80 15.26
C LYS D 475 44.60 43.97 14.29
N GLU D 476 45.67 43.22 14.53
CA GLU D 476 46.85 43.21 13.65
C GLU D 476 46.48 42.67 12.27
N TRP D 477 45.51 41.75 12.27
CA TRP D 477 45.02 41.12 11.06
C TRP D 477 44.21 42.09 10.20
N ALA D 478 43.43 42.94 10.87
CA ALA D 478 42.65 43.96 10.18
C ALA D 478 43.56 44.86 9.35
N HIS D 479 44.61 45.36 10.01
CA HIS D 479 45.62 46.20 9.38
C HIS D 479 46.43 45.44 8.32
N ALA D 480 46.44 44.11 8.43
CA ALA D 480 47.19 43.27 7.50
C ALA D 480 46.54 43.18 6.12
N THR D 481 45.30 42.70 6.06
CA THR D 481 44.70 42.32 4.78
C THR D 481 43.22 42.66 4.60
N ILE D 482 42.69 43.53 5.47
CA ILE D 482 41.34 44.09 5.29
C ILE D 482 41.37 45.58 4.93
N ILE D 483 41.83 46.41 5.85
CA ILE D 483 41.85 47.86 5.68
C ILE D 483 42.50 48.30 4.34
N PRO D 484 43.66 47.71 3.98
CA PRO D 484 44.30 48.07 2.71
C PRO D 484 43.37 47.86 1.51
N LYS D 485 42.60 46.78 1.54
CA LYS D 485 41.63 46.50 0.49
C LYS D 485 40.37 47.37 0.63
N VAL D 486 39.95 47.60 1.88
CA VAL D 486 38.74 48.40 2.18
C VAL D 486 38.90 49.86 1.75
N LEU D 487 40.05 50.45 2.05
CA LEU D 487 40.32 51.85 1.70
C LEU D 487 40.22 52.11 0.20
N ALA D 488 40.79 51.23 -0.61
CA ALA D 488 40.73 51.35 -2.07
C ALA D 488 39.30 51.47 -2.65
N MET D 489 38.29 51.25 -1.81
CA MET D 489 36.89 51.57 -2.15
C MET D 489 36.71 53.06 -2.38
N SER D 490 37.59 53.86 -1.78
CA SER D 490 37.61 55.31 -2.00
C SER D 490 37.49 55.65 -3.49
N GLY D 491 37.94 54.72 -4.34
CA GLY D 491 37.80 54.78 -5.79
C GLY D 491 36.39 55.16 -6.21
N ASP D 492 36.23 56.47 -6.35
CA ASP D 492 34.95 57.15 -6.56
C ASP D 492 33.77 56.37 -7.19
N PRO D 493 33.82 56.07 -8.51
CA PRO D 493 32.64 56.06 -9.35
C PRO D 493 31.28 56.25 -8.65
N ASN D 494 30.67 55.17 -8.15
CA ASN D 494 29.36 55.26 -7.48
C ASN D 494 29.51 55.80 -6.07
N TYR D 495 28.77 56.85 -5.75
CA TYR D 495 28.74 57.37 -4.38
C TYR D 495 28.28 56.28 -3.43
N LEU D 496 27.55 55.33 -3.99
CA LEU D 496 27.07 54.14 -3.27
C LEU D 496 28.19 53.23 -2.77
N HIS D 497 29.18 52.96 -3.63
CA HIS D 497 30.33 52.19 -3.18
C HIS D 497 31.22 53.05 -2.30
N ARG D 498 31.39 54.29 -2.72
CA ARG D 498 32.24 55.22 -2.01
C ARG D 498 31.80 55.34 -0.55
N MET D 499 30.50 55.44 -0.31
CA MET D 499 29.98 55.52 1.05
C MET D 499 30.25 54.23 1.83
N THR D 500 30.46 53.11 1.13
CA THR D 500 30.74 51.84 1.83
C THR D 500 32.06 51.89 2.62
N THR D 501 33.09 52.50 2.05
CA THR D 501 34.36 52.73 2.75
C THR D 501 34.10 53.43 4.06
N LEU D 502 33.41 54.56 3.98
CA LEU D 502 32.96 55.29 5.16
C LEU D 502 32.26 54.35 6.13
N PHE D 503 31.26 53.61 5.63
CA PHE D 503 30.47 52.68 6.45
C PHE D 503 31.28 51.54 7.05
N CYS D 504 32.34 51.13 6.35
CA CYS D 504 33.31 50.20 6.92
C CYS D 504 34.13 50.89 7.98
N ILE D 505 34.74 52.02 7.60
CA ILE D 505 35.66 52.70 8.50
C ILE D 505 35.03 52.84 9.87
N ASN D 506 33.83 53.43 9.93
CA ASN D 506 33.22 53.72 11.22
C ASN D 506 32.63 52.50 11.94
N VAL D 507 32.92 51.32 11.40
CA VAL D 507 32.65 50.06 12.08
C VAL D 507 33.94 49.42 12.59
N LEU D 508 35.03 49.64 11.88
CA LEU D 508 36.29 49.09 12.30
C LEU D 508 36.95 49.98 13.36
N SER D 509 36.46 51.22 13.47
CA SER D 509 36.90 52.12 14.55
C SER D 509 36.66 51.48 15.90
N GLU D 510 35.60 50.66 15.99
CA GLU D 510 35.28 49.85 17.17
C GLU D 510 36.41 48.85 17.42
N VAL D 511 36.30 47.68 16.81
CA VAL D 511 37.22 46.56 17.06
C VAL D 511 38.71 46.89 16.93
N CYS D 512 39.09 47.61 15.88
CA CYS D 512 40.50 47.96 15.64
C CYS D 512 41.00 48.98 16.67
N GLY D 513 40.10 49.37 17.57
CA GLY D 513 40.35 50.30 18.67
C GLY D 513 41.57 51.22 18.68
N GLN D 514 42.26 51.18 19.82
CA GLN D 514 43.29 52.16 20.20
C GLN D 514 44.24 52.63 19.07
N ASP D 515 43.69 53.50 18.23
CA ASP D 515 44.48 54.33 17.30
C ASP D 515 45.09 53.61 16.07
N ILE D 516 44.63 52.40 15.78
CA ILE D 516 44.90 51.79 14.47
C ILE D 516 44.13 52.64 13.47
N THR D 517 42.90 52.97 13.86
CA THR D 517 42.06 54.00 13.24
C THR D 517 42.84 55.26 12.89
N THR D 518 43.65 55.72 13.84
CA THR D 518 44.41 56.96 13.72
C THR D 518 45.41 56.97 12.56
N LYS D 519 46.13 55.87 12.37
CA LYS D 519 47.22 55.83 11.37
C LYS D 519 46.75 55.49 9.97
N HIS D 520 45.67 54.73 9.84
CA HIS D 520 45.20 54.29 8.52
C HIS D 520 43.78 54.76 8.15
N MET D 521 42.85 54.62 9.09
CA MET D 521 41.45 54.92 8.79
C MET D 521 41.13 56.42 8.69
N LEU D 522 41.41 57.19 9.73
CA LEU D 522 41.12 58.63 9.75
C LEU D 522 41.54 59.39 8.49
N PRO D 523 42.80 59.23 8.04
CA PRO D 523 43.23 60.00 6.87
C PRO D 523 42.26 59.90 5.68
N THR D 524 41.83 58.69 5.33
CA THR D 524 40.88 58.57 4.24
C THR D 524 39.59 59.35 4.55
N VAL D 525 39.00 59.12 5.72
CA VAL D 525 37.76 59.81 6.10
C VAL D 525 37.92 61.29 5.78
N LEU D 526 39.10 61.82 6.10
CA LEU D 526 39.37 63.23 5.99
C LEU D 526 39.51 63.66 4.54
N ARG D 527 40.19 62.84 3.74
CA ARG D 527 40.40 63.18 2.33
C ARG D 527 39.09 63.21 1.55
N MET D 528 38.04 62.63 2.13
CA MET D 528 36.77 62.45 1.43
C MET D 528 35.82 63.64 1.58
N ALA D 529 36.15 64.57 2.49
CA ALA D 529 35.31 65.73 2.75
C ALA D 529 35.25 66.70 1.55
N GLY D 530 36.02 66.39 0.52
CA GLY D 530 36.06 67.22 -0.68
C GLY D 530 35.27 66.63 -1.82
N ASP D 531 34.75 65.42 -1.59
CA ASP D 531 33.98 64.70 -2.60
C ASP D 531 32.85 65.58 -3.16
N PRO D 532 32.70 65.60 -4.49
CA PRO D 532 31.70 66.43 -5.16
C PRO D 532 30.27 66.18 -4.70
N VAL D 533 30.02 65.00 -4.11
CA VAL D 533 28.66 64.58 -3.76
C VAL D 533 28.37 64.79 -2.28
N ALA D 534 27.33 65.59 -2.02
CA ALA D 534 26.88 65.93 -0.67
C ALA D 534 26.66 64.71 0.23
N ASN D 535 25.95 63.72 -0.28
CA ASN D 535 25.76 62.50 0.46
C ASN D 535 27.08 61.98 1.02
N VAL D 536 28.12 61.89 0.19
CA VAL D 536 29.43 61.48 0.68
C VAL D 536 29.84 62.43 1.80
N ARG D 537 29.72 63.72 1.51
CA ARG D 537 30.19 64.75 2.43
C ARG D 537 29.53 64.73 3.80
N PHE D 538 28.19 64.75 3.86
CA PHE D 538 27.54 64.70 5.16
C PHE D 538 27.81 63.35 5.83
N ASN D 539 28.12 62.35 5.01
CA ASN D 539 28.46 61.06 5.57
C ASN D 539 29.91 60.97 6.03
N VAL D 540 30.71 62.00 5.75
CA VAL D 540 32.06 62.15 6.32
C VAL D 540 31.98 62.86 7.67
N ALA D 541 31.12 63.88 7.74
CA ALA D 541 30.81 64.55 9.00
C ALA D 541 30.27 63.52 9.98
N LYS D 542 29.22 62.82 9.54
CA LYS D 542 28.63 61.71 10.28
C LYS D 542 29.73 60.75 10.74
N SER D 543 30.53 60.29 9.79
CA SER D 543 31.54 59.26 10.06
C SER D 543 32.61 59.68 11.05
N LEU D 544 32.95 60.97 11.08
CA LEU D 544 33.94 61.47 12.05
C LEU D 544 33.37 61.44 13.47
N GLN D 545 32.08 61.76 13.59
CA GLN D 545 31.40 61.80 14.89
C GLN D 545 31.34 60.41 15.51
N LYS D 546 31.13 59.40 14.66
CA LYS D 546 31.06 58.01 15.09
C LYS D 546 32.42 57.49 15.54
N ILE D 547 33.48 57.95 14.88
CA ILE D 547 34.83 57.54 15.23
C ILE D 547 35.50 58.52 16.19
N GLY D 548 34.87 59.66 16.41
CA GLY D 548 35.40 60.70 17.31
C GLY D 548 35.95 60.21 18.64
N PRO D 549 35.08 59.66 19.51
CA PRO D 549 35.51 59.08 20.79
C PRO D 549 36.68 58.09 20.70
N ILE D 550 36.90 57.49 19.53
CA ILE D 550 38.01 56.54 19.37
C ILE D 550 39.35 57.26 19.21
N LEU D 551 39.31 58.49 18.69
CA LEU D 551 40.50 59.33 18.55
C LEU D 551 40.96 59.87 19.92
N ASP D 552 42.21 60.35 19.98
CA ASP D 552 42.74 60.91 21.22
C ASP D 552 42.32 62.37 21.42
N ASN D 553 42.72 62.93 22.57
CA ASN D 553 42.39 64.31 22.95
C ASN D 553 42.91 65.39 22.01
N SER D 554 44.03 65.10 21.33
CA SER D 554 44.80 66.12 20.60
C SER D 554 44.94 65.88 19.08
N THR D 555 44.16 64.96 18.54
CA THR D 555 44.04 64.78 17.09
C THR D 555 42.70 65.33 16.61
N LEU D 556 41.63 64.90 17.28
CA LEU D 556 40.28 65.37 16.95
C LEU D 556 40.14 66.87 17.27
N GLN D 557 41.15 67.42 17.94
CA GLN D 557 41.23 68.84 18.22
C GLN D 557 42.09 69.54 17.17
N SER D 558 42.96 68.77 16.49
CA SER D 558 43.92 69.34 15.55
C SER D 558 43.56 69.10 14.09
N GLU D 559 43.16 67.87 13.78
CA GLU D 559 42.88 67.47 12.39
C GLU D 559 41.38 67.35 12.08
N VAL D 560 40.62 66.82 13.04
CA VAL D 560 39.18 66.62 12.85
C VAL D 560 38.38 67.92 13.00
N LYS D 561 38.65 68.67 14.06
CA LYS D 561 37.95 69.94 14.33
C LYS D 561 37.89 70.93 13.13
N PRO D 562 39.05 71.23 12.47
CA PRO D 562 38.98 72.21 11.37
C PRO D 562 38.28 71.72 10.09
N ILE D 563 38.34 70.41 9.83
CA ILE D 563 37.67 69.79 8.68
C ILE D 563 36.17 69.79 8.90
N LEU D 564 35.75 69.41 10.11
CA LEU D 564 34.34 69.44 10.49
C LEU D 564 33.80 70.87 10.47
N GLU D 565 34.65 71.82 10.82
CA GLU D 565 34.34 73.25 10.68
C GLU D 565 34.25 73.68 9.20
N LYS D 566 35.17 73.19 8.37
CA LYS D 566 35.12 73.48 6.94
C LYS D 566 33.75 73.14 6.38
N LEU D 567 33.23 71.98 6.76
CA LEU D 567 31.93 71.52 6.27
C LEU D 567 30.81 72.46 6.71
N THR D 568 30.65 72.63 8.02
CA THR D 568 29.56 73.43 8.59
C THR D 568 29.25 74.72 7.81
N GLN D 569 30.31 75.43 7.45
CA GLN D 569 30.17 76.74 6.82
C GLN D 569 29.92 76.65 5.30
N ASP D 570 29.54 75.48 4.81
CA ASP D 570 29.39 75.28 3.36
C ASP D 570 28.04 74.78 2.83
N GLN D 571 28.04 74.35 1.57
CA GLN D 571 26.86 74.39 0.71
C GLN D 571 25.63 73.54 1.07
N ASP D 572 25.72 72.22 0.88
CA ASP D 572 24.52 71.39 0.77
C ASP D 572 23.73 71.19 2.05
N VAL D 573 22.49 71.67 1.99
CA VAL D 573 21.53 71.71 3.10
C VAL D 573 21.75 70.72 4.25
N ASP D 574 21.93 69.44 3.93
CA ASP D 574 22.17 68.42 4.96
C ASP D 574 23.59 68.45 5.50
N VAL D 575 24.57 68.44 4.60
CA VAL D 575 25.99 68.46 4.98
C VAL D 575 26.29 69.47 6.06
N LYS D 576 25.63 70.63 5.99
CA LYS D 576 25.76 71.67 7.01
C LYS D 576 25.36 71.11 8.37
N TYR D 577 24.10 70.69 8.50
CA TYR D 577 23.57 70.17 9.77
C TYR D 577 24.40 69.03 10.34
N PHE D 578 24.67 68.03 9.50
CA PHE D 578 25.33 66.81 9.96
C PHE D 578 26.78 67.01 10.36
N ALA D 579 27.37 68.11 9.91
CA ALA D 579 28.67 68.52 10.40
C ALA D 579 28.50 69.26 11.72
N GLN D 580 27.63 70.28 11.73
CA GLN D 580 27.45 71.16 12.88
C GLN D 580 26.99 70.44 14.15
N GLU D 581 26.20 69.37 13.99
CA GLU D 581 25.78 68.57 15.14
C GLU D 581 26.79 67.46 15.45
N ALA D 582 27.77 67.28 14.57
CA ALA D 582 28.91 66.43 14.84
C ALA D 582 29.97 67.20 15.63
N LEU D 583 29.80 68.52 15.69
CA LEU D 583 30.61 69.38 16.55
C LEU D 583 29.94 69.49 17.92
N THR D 584 28.68 69.06 17.96
CA THR D 584 27.94 68.96 19.20
C THR D 584 28.44 67.75 19.98
N VAL D 585 28.19 66.56 19.43
CA VAL D 585 28.48 65.29 20.09
C VAL D 585 29.94 65.13 20.45
N LEU D 586 30.82 65.77 19.69
CA LEU D 586 32.26 65.65 19.90
C LEU D 586 32.85 66.67 20.89
N SER D 587 32.02 67.09 21.85
CA SER D 587 32.42 67.97 22.94
C SER D 587 33.12 69.25 22.46
N LEU D 588 33.01 69.54 21.17
CA LEU D 588 33.59 70.74 20.56
C LEU D 588 32.62 71.93 20.56
N ALA D 589 32.74 72.81 19.56
CA ALA D 589 32.00 74.09 19.51
C ALA D 589 32.38 75.08 20.63
N ILE E 1 -29.11 1.68 -27.76
CA ILE E 1 -28.29 2.69 -27.03
C ILE E 1 -26.86 2.74 -27.57
N ARG E 2 -26.64 2.08 -28.71
CA ARG E 2 -25.40 2.23 -29.46
C ARG E 2 -25.72 3.04 -30.72
N ASP E 3 -24.84 2.97 -31.74
CA ASP E 3 -25.10 3.58 -33.05
C ASP E 3 -25.66 2.55 -34.03
N VAL E 4 -26.98 2.59 -34.19
CA VAL E 4 -27.76 1.54 -34.88
C VAL E 4 -27.72 0.19 -34.14
N PRO E 5 -28.12 0.18 -32.84
CA PRO E 5 -28.14 -1.03 -32.02
C PRO E 5 -29.32 -1.93 -32.37
N PRO E 6 -29.31 -3.21 -31.94
CA PRO E 6 -30.38 -4.14 -32.37
C PRO E 6 -31.74 -3.87 -31.72
N ALA E 7 -32.58 -4.90 -31.69
CA ALA E 7 -33.95 -4.78 -31.21
C ALA E 7 -34.07 -3.93 -29.94
N ASP E 8 -35.07 -3.05 -29.94
CA ASP E 8 -35.37 -2.23 -28.78
C ASP E 8 -35.71 -3.03 -27.51
N GLN E 9 -35.67 -4.36 -27.63
CA GLN E 9 -36.03 -5.26 -26.53
C GLN E 9 -34.87 -5.51 -25.56
N GLU E 10 -33.71 -5.89 -26.10
CA GLU E 10 -32.50 -6.08 -25.28
C GLU E 10 -31.54 -4.90 -25.41
N LYS E 11 -32.10 -3.75 -25.75
CA LYS E 11 -31.34 -2.54 -26.02
C LYS E 11 -31.10 -1.72 -24.74
N LEU E 12 -31.90 -1.98 -23.72
CA LEU E 12 -31.70 -1.37 -22.40
C LEU E 12 -30.40 -1.82 -21.74
N PHE E 13 -30.17 -3.14 -21.71
CA PHE E 13 -28.98 -3.73 -21.11
C PHE E 13 -27.68 -3.11 -21.63
N ILE E 14 -27.67 -2.70 -22.89
CA ILE E 14 -26.45 -2.09 -23.44
C ILE E 14 -26.23 -0.66 -22.93
N GLN E 15 -27.28 -0.03 -22.40
CA GLN E 15 -27.13 1.26 -21.71
C GLN E 15 -26.50 1.04 -20.34
N LYS E 16 -26.97 0.04 -19.61
CA LYS E 16 -26.44 -0.30 -18.30
C LYS E 16 -24.96 -0.60 -18.36
N LEU E 17 -24.53 -1.29 -19.41
CA LEU E 17 -23.12 -1.57 -19.58
C LEU E 17 -22.40 -0.26 -19.83
N ARG E 18 -23.05 0.62 -20.61
CA ARG E 18 -22.48 1.88 -21.05
C ARG E 18 -22.50 2.94 -19.96
N GLN E 19 -23.47 2.82 -19.06
CA GLN E 19 -23.58 3.67 -17.90
C GLN E 19 -22.48 3.31 -16.90
N CYS E 20 -22.18 2.02 -16.82
CA CYS E 20 -21.11 1.51 -15.97
C CYS E 20 -19.76 1.79 -16.62
N CYS E 21 -19.76 1.77 -17.94
CA CYS E 21 -18.60 2.14 -18.73
C CYS E 21 -18.14 3.53 -18.30
N VAL E 22 -19.11 4.43 -18.12
CA VAL E 22 -18.84 5.84 -17.81
C VAL E 22 -18.81 6.15 -16.30
N LEU E 23 -18.37 5.20 -15.49
CA LEU E 23 -17.92 5.52 -14.13
C LEU E 23 -16.53 4.97 -13.82
N PHE E 24 -15.79 4.69 -14.88
CA PHE E 24 -14.38 4.34 -14.75
C PHE E 24 -13.53 5.60 -14.83
N ASP E 25 -13.62 6.46 -13.81
CA ASP E 25 -12.62 7.50 -13.64
C ASP E 25 -11.36 6.85 -13.10
N PHE E 26 -10.24 7.22 -13.71
CA PHE E 26 -9.04 6.37 -13.74
C PHE E 26 -7.84 7.05 -13.09
N VAL E 27 -6.86 7.39 -13.93
CA VAL E 27 -5.83 8.37 -13.59
C VAL E 27 -6.42 9.78 -13.74
N SER E 28 -5.73 10.77 -13.19
CA SER E 28 -6.22 12.12 -13.17
C SER E 28 -6.13 12.78 -14.56
N ASP E 29 -6.63 14.01 -14.65
CA ASP E 29 -6.48 14.84 -15.85
C ASP E 29 -5.45 15.98 -15.70
N PRO E 30 -4.97 16.28 -14.47
CA PRO E 30 -3.77 17.13 -14.34
C PRO E 30 -2.42 16.41 -14.52
N LEU E 31 -2.31 15.16 -14.04
CA LEU E 31 -1.05 14.41 -14.13
C LEU E 31 -0.76 13.89 -15.54
N SER E 32 0.18 12.94 -15.65
CA SER E 32 0.54 12.33 -16.95
C SER E 32 -0.66 11.69 -17.64
N ASP E 33 -1.03 12.25 -18.80
CA ASP E 33 -2.33 12.00 -19.46
C ASP E 33 -2.46 10.61 -20.10
N LEU E 34 -3.46 9.84 -19.65
CA LEU E 34 -3.78 8.53 -20.24
C LEU E 34 -4.36 8.75 -21.63
N LYS E 35 -3.77 8.08 -22.61
CA LYS E 35 -4.05 8.31 -24.04
C LYS E 35 -5.54 8.45 -24.38
N TRP E 36 -6.25 7.32 -24.45
CA TRP E 36 -7.65 7.33 -24.90
C TRP E 36 -8.68 7.21 -23.76
N LYS E 37 -8.89 8.35 -23.09
CA LYS E 37 -10.02 8.55 -22.21
C LYS E 37 -11.16 9.19 -23.00
N GLU E 38 -10.94 9.31 -24.32
CA GLU E 38 -11.94 9.82 -25.26
C GLU E 38 -13.04 8.78 -25.46
N VAL E 39 -12.81 7.58 -24.94
CA VAL E 39 -13.79 6.50 -24.98
C VAL E 39 -15.01 6.92 -24.17
N LYS E 40 -14.79 7.31 -22.92
CA LYS E 40 -15.85 7.79 -22.03
C LYS E 40 -16.50 9.02 -22.63
N ARG E 41 -15.67 10.02 -22.94
CA ARG E 41 -16.12 11.27 -23.55
C ARG E 41 -17.12 11.05 -24.68
N ALA E 42 -16.89 10.01 -25.48
CA ALA E 42 -17.77 9.68 -26.59
C ALA E 42 -19.03 8.99 -26.10
N ALA E 43 -18.83 8.03 -25.22
CA ALA E 43 -19.88 7.16 -24.72
C ALA E 43 -20.98 7.90 -23.95
N LEU E 44 -20.59 8.87 -23.14
CA LEU E 44 -21.60 9.62 -22.39
C LEU E 44 -22.13 10.80 -23.21
N SER E 45 -21.52 11.00 -24.37
CA SER E 45 -22.06 11.97 -25.31
C SER E 45 -23.12 11.29 -26.16
N GLU E 46 -22.97 9.97 -26.32
CA GLU E 46 -23.99 9.12 -26.95
C GLU E 46 -25.22 9.05 -26.07
N MET E 47 -25.01 8.98 -24.76
CA MET E 47 -26.10 8.84 -23.80
C MET E 47 -26.86 10.14 -23.58
N VAL E 48 -26.13 11.25 -23.52
CA VAL E 48 -26.73 12.55 -23.27
C VAL E 48 -27.80 12.84 -24.31
N GLU E 49 -27.52 12.49 -25.56
CA GLU E 49 -28.49 12.69 -26.64
C GLU E 49 -29.18 11.38 -27.02
N TYR E 50 -29.04 10.39 -26.14
CA TYR E 50 -29.82 9.18 -26.28
C TYR E 50 -31.12 9.30 -25.50
N ILE E 51 -31.03 9.86 -24.28
CA ILE E 51 -32.21 10.02 -23.42
C ILE E 51 -33.12 11.15 -23.93
N THR E 52 -32.58 11.95 -24.84
CA THR E 52 -33.32 13.04 -25.48
C THR E 52 -34.27 12.52 -26.55
N HIS E 53 -33.69 11.96 -27.61
CA HIS E 53 -34.42 11.58 -28.82
C HIS E 53 -35.31 10.34 -28.64
N ASN E 54 -35.04 9.56 -27.60
CA ASN E 54 -35.80 8.33 -27.35
C ASN E 54 -36.89 8.46 -26.28
N ARG E 55 -37.99 7.74 -26.47
CA ARG E 55 -39.13 7.74 -25.55
C ARG E 55 -39.23 6.44 -24.74
N ASN E 56 -39.71 6.57 -23.49
CA ASN E 56 -39.81 5.47 -22.51
C ASN E 56 -38.55 4.64 -22.33
N VAL E 57 -37.43 5.34 -22.11
CA VAL E 57 -36.11 4.71 -22.04
C VAL E 57 -35.48 4.77 -20.64
N ILE E 58 -35.75 5.85 -19.91
CA ILE E 58 -35.41 5.92 -18.49
C ILE E 58 -36.34 4.95 -17.72
N THR E 59 -36.04 3.66 -17.80
CA THR E 59 -36.92 2.64 -17.22
C THR E 59 -36.49 2.30 -15.80
N GLU E 60 -37.39 1.65 -15.07
CA GLU E 60 -37.20 1.29 -13.65
C GLU E 60 -35.77 0.91 -13.21
N PRO E 61 -35.11 -0.06 -13.88
CA PRO E 61 -33.80 -0.42 -13.36
C PRO E 61 -32.61 0.45 -13.82
N ILE E 62 -32.89 1.56 -14.51
CA ILE E 62 -31.80 2.43 -14.95
C ILE E 62 -31.62 3.67 -14.07
N TYR E 63 -32.46 3.82 -13.05
CA TYR E 63 -32.28 4.91 -12.10
C TYR E 63 -31.00 4.76 -11.30
N PRO E 64 -30.89 3.70 -10.47
CA PRO E 64 -29.71 3.61 -9.61
C PRO E 64 -28.44 3.64 -10.43
N GLU E 65 -28.53 3.17 -11.67
CA GLU E 65 -27.37 3.17 -12.55
C GLU E 65 -26.90 4.59 -12.87
N VAL E 66 -27.84 5.48 -13.18
CA VAL E 66 -27.53 6.87 -13.48
C VAL E 66 -27.05 7.60 -12.24
N VAL E 67 -27.80 7.51 -11.14
CA VAL E 67 -27.41 8.25 -9.94
C VAL E 67 -26.06 7.74 -9.39
N HIS E 68 -25.77 6.46 -9.58
CA HIS E 68 -24.50 5.93 -9.11
C HIS E 68 -23.31 6.46 -9.87
N MET E 69 -23.39 6.46 -11.20
CA MET E 69 -22.28 6.95 -12.01
C MET E 69 -22.14 8.46 -11.83
N PHE E 70 -23.27 9.15 -11.68
CA PHE E 70 -23.23 10.56 -11.34
C PHE E 70 -22.48 10.73 -10.02
N ALA E 71 -22.86 9.94 -9.02
CA ALA E 71 -22.20 9.96 -7.72
C ALA E 71 -20.69 9.73 -7.82
N VAL E 72 -20.25 8.75 -8.60
CA VAL E 72 -18.82 8.48 -8.68
C VAL E 72 -18.06 9.58 -9.41
N ASN E 73 -18.59 10.03 -10.55
CA ASN E 73 -17.96 11.11 -11.32
C ASN E 73 -17.93 12.45 -10.60
N MET E 74 -18.98 12.74 -9.84
CA MET E 74 -19.18 14.06 -9.25
C MET E 74 -18.67 14.26 -7.84
N PHE E 75 -18.90 13.28 -6.97
CA PHE E 75 -18.59 13.48 -5.58
C PHE E 75 -17.13 13.23 -5.29
N ARG E 76 -16.43 14.29 -4.94
CA ARG E 76 -15.04 14.21 -4.48
C ARG E 76 -14.84 15.25 -3.41
N THR E 77 -13.74 15.18 -2.68
CA THR E 77 -13.50 16.25 -1.73
C THR E 77 -12.65 17.29 -2.41
N LEU E 78 -13.21 18.50 -2.51
CA LEU E 78 -12.62 19.59 -3.25
C LEU E 78 -11.25 19.92 -2.67
N PRO E 79 -10.33 20.38 -3.54
CA PRO E 79 -8.92 20.59 -3.22
C PRO E 79 -8.66 21.94 -2.58
N PRO E 80 -7.52 22.08 -1.89
CA PRO E 80 -7.08 23.32 -1.24
C PRO E 80 -7.35 24.56 -2.09
N SER E 81 -7.74 25.67 -1.48
CA SER E 81 -8.14 26.80 -2.30
C SER E 81 -6.95 27.51 -2.86
N SER E 82 -6.91 27.56 -4.19
CA SER E 82 -5.85 28.22 -4.93
C SER E 82 -5.80 29.72 -4.62
N ASN E 83 -6.53 30.12 -3.60
CA ASN E 83 -6.72 31.54 -3.33
C ASN E 83 -6.42 32.01 -1.92
N PRO E 84 -5.58 33.05 -1.83
CA PRO E 84 -5.14 33.66 -0.59
C PRO E 84 -6.29 34.06 0.30
N THR E 85 -6.18 33.64 1.56
CA THR E 85 -6.99 34.18 2.63
C THR E 85 -6.23 35.36 3.25
N GLY E 86 -6.97 36.39 3.63
CA GLY E 86 -6.38 37.56 4.28
C GLY E 86 -7.33 38.74 4.27
N ALA E 87 -6.92 39.81 4.95
CA ALA E 87 -7.66 41.08 4.93
C ALA E 87 -7.18 41.98 3.79
N GLU E 88 -6.20 41.48 3.05
CA GLU E 88 -5.60 42.19 1.92
C GLU E 88 -6.22 41.78 0.58
N PHE E 89 -7.35 41.09 0.62
CA PHE E 89 -7.91 40.52 -0.59
C PHE E 89 -9.43 40.75 -0.79
N ASP E 90 -9.78 41.03 -2.05
CA ASP E 90 -11.00 41.75 -2.49
C ASP E 90 -12.02 40.79 -3.14
N PRO E 91 -13.25 41.28 -3.48
CA PRO E 91 -14.22 40.64 -4.41
C PRO E 91 -13.63 39.88 -5.62
N GLU E 92 -12.62 40.46 -6.28
CA GLU E 92 -11.72 39.77 -7.21
C GLU E 92 -11.11 38.54 -6.52
N GLU E 93 -11.77 38.17 -5.43
CA GLU E 93 -11.44 37.10 -4.47
C GLU E 93 -10.55 36.00 -5.00
N ASP E 94 -11.00 35.39 -6.08
CA ASP E 94 -10.33 34.25 -6.66
C ASP E 94 -9.85 34.55 -8.06
N GLU E 95 -8.69 34.02 -8.40
CA GLU E 95 -8.41 33.68 -9.79
C GLU E 95 -9.01 32.27 -9.90
N PRO E 96 -10.09 32.12 -10.70
CA PRO E 96 -10.83 30.85 -10.74
C PRO E 96 -9.96 29.74 -11.29
N THR E 97 -9.86 28.64 -10.55
CA THR E 97 -9.15 27.47 -11.05
C THR E 97 -10.16 26.45 -11.54
N LEU E 98 -10.25 26.34 -12.86
CA LEU E 98 -11.23 25.49 -13.54
C LEU E 98 -10.89 24.02 -13.32
N GLU E 99 -11.93 23.19 -13.24
CA GLU E 99 -11.76 21.76 -13.03
C GLU E 99 -11.03 21.09 -14.20
N ALA E 100 -9.77 20.72 -13.96
CA ALA E 100 -8.90 20.20 -15.02
C ALA E 100 -9.47 18.98 -15.74
N ALA E 101 -10.41 18.30 -15.10
CA ALA E 101 -11.03 17.10 -15.66
C ALA E 101 -12.43 17.41 -16.21
N TRP E 102 -12.57 18.56 -16.85
CA TRP E 102 -13.91 19.02 -17.23
C TRP E 102 -14.48 18.45 -18.51
N PRO E 103 -13.63 18.10 -19.49
CA PRO E 103 -14.26 17.56 -20.69
C PRO E 103 -15.24 16.44 -20.33
N HIS E 104 -14.92 15.70 -19.26
CA HIS E 104 -15.73 14.60 -18.78
C HIS E 104 -16.87 15.08 -17.91
N LEU E 105 -16.53 15.77 -16.83
CA LEU E 105 -17.48 16.09 -15.77
C LEU E 105 -18.68 16.86 -16.27
N GLN E 106 -18.47 17.69 -17.28
CA GLN E 106 -19.53 18.51 -17.82
C GLN E 106 -20.60 17.68 -18.52
N LEU E 107 -20.17 16.64 -19.24
CA LEU E 107 -21.12 15.77 -19.89
C LEU E 107 -21.96 15.00 -18.87
N VAL E 108 -21.33 14.60 -17.77
CA VAL E 108 -22.03 13.92 -16.71
C VAL E 108 -23.09 14.85 -16.14
N TYR E 109 -22.71 16.11 -15.93
CA TYR E 109 -23.66 17.13 -15.49
C TYR E 109 -24.79 17.32 -16.49
N GLU E 110 -24.41 17.60 -17.73
CA GLU E 110 -25.36 17.82 -18.82
C GLU E 110 -26.31 16.63 -18.95
N PHE E 111 -25.74 15.43 -18.95
CA PHE E 111 -26.53 14.19 -19.09
C PHE E 111 -27.51 13.96 -17.93
N PHE E 112 -26.99 14.06 -16.71
CA PHE E 112 -27.76 13.78 -15.50
C PHE E 112 -28.94 14.74 -15.37
N LEU E 113 -28.79 15.92 -15.96
CA LEU E 113 -29.82 16.95 -15.91
C LEU E 113 -30.92 16.57 -16.88
N ARG E 114 -30.55 16.36 -18.14
CA ARG E 114 -31.49 15.90 -19.16
C ARG E 114 -32.23 14.65 -18.67
N PHE E 115 -31.66 13.99 -17.66
CA PHE E 115 -32.29 12.86 -17.00
C PHE E 115 -33.31 13.39 -16.02
N LEU E 116 -32.86 14.18 -15.04
CA LEU E 116 -33.77 14.81 -14.07
C LEU E 116 -34.93 15.44 -14.81
N GLU E 117 -34.58 16.16 -15.86
CA GLU E 117 -35.57 16.86 -16.65
C GLU E 117 -35.95 15.98 -17.83
N SER E 118 -36.87 15.05 -17.58
CA SER E 118 -37.34 14.15 -18.61
C SER E 118 -38.82 13.82 -18.42
N PRO E 119 -39.61 13.89 -19.49
CA PRO E 119 -41.02 13.50 -19.44
C PRO E 119 -41.26 12.11 -18.85
N ASP E 120 -40.21 11.30 -18.75
CA ASP E 120 -40.33 9.94 -18.21
C ASP E 120 -39.77 9.78 -16.81
N PHE E 121 -39.27 10.87 -16.23
CA PHE E 121 -38.72 10.87 -14.87
C PHE E 121 -39.78 10.40 -13.88
N GLN E 122 -39.35 9.63 -12.88
CA GLN E 122 -40.25 9.10 -11.85
C GLN E 122 -39.73 9.45 -10.44
N PRO E 123 -40.15 10.61 -9.90
CA PRO E 123 -39.61 11.10 -8.63
C PRO E 123 -39.93 10.20 -7.44
N ASN E 124 -41.10 9.55 -7.46
CA ASN E 124 -41.43 8.59 -6.40
C ASN E 124 -40.67 7.27 -6.57
N ILE E 125 -40.00 7.14 -7.72
CA ILE E 125 -39.15 5.99 -8.01
C ILE E 125 -37.68 6.37 -7.79
N ALA E 126 -37.34 7.61 -8.16
CA ALA E 126 -36.00 8.12 -7.99
C ALA E 126 -35.69 8.47 -6.54
N LYS E 127 -36.73 8.88 -5.80
CA LYS E 127 -36.58 9.34 -4.41
C LYS E 127 -35.82 8.38 -3.52
N LYS E 128 -35.70 7.14 -4.00
CA LYS E 128 -35.04 6.05 -3.31
C LYS E 128 -33.53 6.16 -3.38
N TYR E 129 -33.04 6.73 -4.48
CA TYR E 129 -31.60 6.84 -4.70
C TYR E 129 -31.13 8.27 -4.59
N ILE E 130 -31.90 9.19 -5.14
CA ILE E 130 -31.67 10.61 -4.88
C ILE E 130 -32.27 10.87 -3.50
N ASP E 131 -31.47 10.66 -2.47
CA ASP E 131 -31.97 10.65 -1.11
C ASP E 131 -31.23 11.64 -0.25
N GLN E 132 -31.82 11.91 0.91
CA GLN E 132 -31.20 12.63 2.02
C GLN E 132 -29.65 12.81 1.93
N LYS E 133 -28.92 11.75 1.60
CA LYS E 133 -27.45 11.84 1.58
C LYS E 133 -26.89 12.38 0.28
N PHE E 134 -27.44 11.94 -0.84
CA PHE E 134 -27.01 12.42 -2.16
C PHE E 134 -27.04 13.94 -2.15
N VAL E 135 -28.19 14.51 -1.83
CA VAL E 135 -28.37 15.97 -1.86
C VAL E 135 -27.32 16.72 -1.03
N LEU E 136 -26.96 16.16 0.13
CA LEU E 136 -25.88 16.72 0.95
C LEU E 136 -24.55 16.73 0.19
N GLN E 137 -24.03 15.56 -0.16
CA GLN E 137 -22.86 15.42 -1.04
C GLN E 137 -22.87 16.40 -2.22
N LEU E 138 -24.07 16.66 -2.74
CA LEU E 138 -24.26 17.53 -3.89
C LEU E 138 -23.95 18.95 -3.47
N LEU E 139 -24.61 19.40 -2.39
CA LEU E 139 -24.40 20.73 -1.82
C LEU E 139 -22.93 20.98 -1.58
N GLU E 140 -22.24 19.95 -1.07
CA GLU E 140 -20.82 20.04 -0.75
C GLU E 140 -20.00 20.56 -1.91
N LEU E 141 -20.53 20.40 -3.13
CA LEU E 141 -19.83 20.79 -4.33
C LEU E 141 -19.97 22.28 -4.69
N PHE E 142 -20.93 22.96 -4.07
CA PHE E 142 -21.17 24.38 -4.37
C PHE E 142 -20.00 25.30 -4.01
N ASP E 143 -18.96 24.72 -3.43
CA ASP E 143 -17.80 25.48 -2.99
C ASP E 143 -16.61 25.20 -3.89
N SER E 144 -16.89 24.74 -5.12
CA SER E 144 -15.82 24.45 -6.08
C SER E 144 -15.46 25.70 -6.87
N GLU E 145 -14.17 25.91 -7.08
CA GLU E 145 -13.69 27.10 -7.73
C GLU E 145 -14.12 27.27 -9.20
N ASP E 146 -14.74 26.25 -9.79
CA ASP E 146 -15.04 26.30 -11.21
C ASP E 146 -16.44 26.81 -11.45
N PRO E 147 -16.57 28.04 -11.97
CA PRO E 147 -17.87 28.70 -11.99
C PRO E 147 -18.82 28.09 -13.00
N ARG E 148 -18.27 27.41 -14.00
CA ARG E 148 -19.11 26.58 -14.88
C ARG E 148 -19.79 25.44 -14.11
N GLU E 149 -19.09 24.92 -13.09
CA GLU E 149 -19.56 23.79 -12.30
C GLU E 149 -20.56 24.23 -11.25
N ARG E 150 -20.29 25.35 -10.60
CA ARG E 150 -21.24 25.94 -9.67
C ARG E 150 -22.58 26.20 -10.35
N ASP E 151 -22.53 26.61 -11.61
CA ASP E 151 -23.74 26.92 -12.36
C ASP E 151 -24.54 25.69 -12.73
N PHE E 152 -23.88 24.61 -13.14
CA PHE E 152 -24.58 23.32 -13.34
C PHE E 152 -25.23 22.86 -12.04
N LEU E 153 -24.44 22.89 -10.97
CA LEU E 153 -24.91 22.51 -9.64
C LEU E 153 -26.16 23.27 -9.22
N LYS E 154 -26.27 24.55 -9.62
CA LYS E 154 -27.47 25.37 -9.31
C LYS E 154 -28.68 24.71 -9.94
N THR E 155 -28.84 24.83 -11.25
CA THR E 155 -29.99 24.25 -11.94
C THR E 155 -30.16 22.73 -11.66
N THR E 156 -29.08 22.03 -11.29
CA THR E 156 -29.24 20.64 -10.86
C THR E 156 -30.04 20.58 -9.57
N LEU E 157 -29.56 21.28 -8.55
CA LEU E 157 -30.16 21.23 -7.22
C LEU E 157 -31.55 21.85 -7.26
N HIS E 158 -31.65 22.95 -7.97
CA HIS E 158 -32.92 23.63 -8.16
C HIS E 158 -34.02 22.65 -8.56
N ARG E 159 -33.75 21.93 -9.64
CA ARG E 159 -34.60 20.89 -10.19
C ARG E 159 -34.95 19.87 -9.11
N ILE E 160 -33.92 19.32 -8.46
CA ILE E 160 -34.09 18.30 -7.43
C ILE E 160 -35.03 18.82 -6.35
N TYR E 161 -34.71 19.99 -5.82
CA TYR E 161 -35.61 20.64 -4.87
C TYR E 161 -37.04 20.60 -5.40
N GLY E 162 -37.20 21.03 -6.65
CA GLY E 162 -38.51 21.18 -7.27
C GLY E 162 -39.20 19.87 -7.55
N LYS E 163 -38.44 18.91 -8.10
CA LYS E 163 -38.96 17.59 -8.41
C LYS E 163 -39.31 16.82 -7.14
N PHE E 164 -38.31 16.47 -6.34
CA PHE E 164 -38.66 15.76 -5.13
C PHE E 164 -38.95 16.57 -3.88
N LEU E 165 -40.24 16.59 -3.51
CA LEU E 165 -40.73 17.27 -2.31
C LEU E 165 -40.13 16.78 -0.99
N GLY E 166 -39.91 15.47 -0.88
CA GLY E 166 -39.33 14.89 0.33
C GLY E 166 -38.00 15.53 0.69
N LEU E 167 -37.17 15.75 -0.32
CA LEU E 167 -35.89 16.40 -0.09
C LEU E 167 -36.08 17.90 0.16
N ARG E 168 -37.16 18.45 -0.40
CA ARG E 168 -37.41 19.89 -0.39
C ARG E 168 -37.26 20.52 0.99
N ALA E 169 -37.60 19.75 2.03
CA ALA E 169 -37.58 20.23 3.41
C ALA E 169 -36.17 20.27 3.98
N TYR E 170 -35.45 19.18 3.77
CA TYR E 170 -34.04 19.03 4.16
C TYR E 170 -33.11 19.99 3.44
N ILE E 171 -33.27 20.09 2.13
CA ILE E 171 -32.47 20.99 1.31
C ILE E 171 -32.42 22.37 1.96
N ARG E 172 -33.57 22.85 2.41
CA ARG E 172 -33.67 24.16 3.03
C ARG E 172 -32.80 24.26 4.27
N LYS E 173 -33.00 23.35 5.22
CA LYS E 173 -32.26 23.32 6.49
C LYS E 173 -30.79 23.13 6.18
N GLN E 174 -30.51 22.28 5.20
CA GLN E 174 -29.14 22.04 4.80
C GLN E 174 -28.44 23.32 4.32
N ILE E 175 -28.97 23.93 3.25
CA ILE E 175 -28.38 25.15 2.71
C ILE E 175 -28.44 26.29 3.72
N ASN E 176 -29.04 26.05 4.88
CA ASN E 176 -28.96 26.98 6.01
C ASN E 176 -27.64 26.80 6.72
N ASN E 177 -27.39 25.58 7.18
CA ASN E 177 -26.11 25.24 7.81
C ASN E 177 -24.89 25.70 7.01
N ILE E 178 -25.04 25.79 5.69
CA ILE E 178 -23.95 26.24 4.85
C ILE E 178 -23.79 27.72 5.09
N PHE E 179 -24.89 28.46 4.98
CA PHE E 179 -24.88 29.91 5.20
C PHE E 179 -24.38 30.22 6.60
N TYR E 180 -24.98 29.58 7.60
CA TYR E 180 -24.63 29.79 8.99
C TYR E 180 -23.13 29.63 9.19
N ARG E 181 -22.53 28.66 8.51
CA ARG E 181 -21.09 28.46 8.64
C ARG E 181 -20.36 29.57 7.93
N PHE E 182 -20.94 30.05 6.86
CA PHE E 182 -20.35 31.16 6.15
C PHE E 182 -20.30 32.41 7.04
N ILE E 183 -21.35 32.63 7.82
CA ILE E 183 -21.54 33.90 8.50
C ILE E 183 -20.77 33.99 9.81
N TYR E 184 -20.71 32.90 10.55
CA TYR E 184 -20.11 32.94 11.89
C TYR E 184 -18.79 32.19 12.02
N GLU E 185 -18.58 31.20 11.17
CA GLU E 185 -17.47 30.27 11.35
C GLU E 185 -16.31 30.54 10.38
N THR E 186 -16.62 30.55 9.09
CA THR E 186 -15.61 30.74 8.06
C THR E 186 -16.22 31.68 7.07
N GLU E 187 -15.76 32.93 7.02
CA GLU E 187 -16.35 33.86 6.05
C GLU E 187 -15.79 33.66 4.61
N HIS E 188 -15.78 32.40 4.17
CA HIS E 188 -15.22 31.98 2.88
C HIS E 188 -16.02 30.86 2.22
N HIS E 189 -16.81 31.20 1.20
CA HIS E 189 -17.58 30.19 0.45
C HIS E 189 -17.85 30.55 -1.01
N ASN E 190 -17.28 29.74 -1.91
CA ASN E 190 -17.28 30.04 -3.34
C ASN E 190 -18.62 30.00 -4.06
N GLY E 191 -19.70 29.62 -3.35
CA GLY E 191 -21.01 29.44 -3.98
C GLY E 191 -22.24 30.16 -3.41
N ILE E 192 -22.04 31.04 -2.43
CA ILE E 192 -23.16 31.72 -1.78
C ILE E 192 -24.10 32.31 -2.83
N ALA E 193 -23.53 32.97 -3.82
CA ALA E 193 -24.33 33.60 -4.87
C ALA E 193 -25.23 32.58 -5.53
N GLU E 194 -24.64 31.50 -6.06
CA GLU E 194 -25.39 30.46 -6.74
C GLU E 194 -26.47 29.84 -5.88
N LEU E 195 -26.22 29.73 -4.58
CA LEU E 195 -27.21 29.19 -3.69
C LEU E 195 -28.37 30.16 -3.57
N LEU E 196 -28.10 31.33 -2.97
CA LEU E 196 -29.07 32.44 -2.86
C LEU E 196 -29.93 32.57 -4.11
N GLU E 197 -29.28 32.37 -5.25
CA GLU E 197 -29.89 32.33 -6.57
C GLU E 197 -31.10 31.39 -6.59
N ILE E 198 -30.88 30.12 -6.24
CA ILE E 198 -31.95 29.10 -6.14
C ILE E 198 -33.05 29.59 -5.19
N LEU E 199 -32.65 29.96 -3.97
CA LEU E 199 -33.57 30.45 -2.95
C LEU E 199 -34.41 31.61 -3.45
N GLY E 200 -33.89 32.32 -4.45
CA GLY E 200 -34.63 33.38 -5.11
C GLY E 200 -35.96 32.87 -5.58
N SER E 201 -35.93 31.76 -6.32
CA SER E 201 -37.15 31.18 -6.85
C SER E 201 -37.98 30.52 -5.77
N ILE E 202 -37.35 30.24 -4.63
CA ILE E 202 -38.06 29.61 -3.52
C ILE E 202 -38.83 30.67 -2.73
N ILE E 203 -38.23 31.85 -2.51
CA ILE E 203 -38.99 32.95 -1.90
C ILE E 203 -40.13 33.32 -2.84
N ASN E 204 -39.96 33.02 -4.13
CA ASN E 204 -40.95 33.35 -5.16
C ASN E 204 -42.27 32.57 -5.12
N GLY E 205 -42.59 31.97 -3.98
CA GLY E 205 -43.87 31.29 -3.89
C GLY E 205 -43.94 30.06 -3.03
N PHE E 206 -43.83 30.29 -1.73
CA PHE E 206 -44.51 29.42 -0.78
C PHE E 206 -45.57 30.37 -0.25
N ALA E 207 -46.79 30.21 -0.74
CA ALA E 207 -47.83 31.21 -0.60
C ALA E 207 -48.43 31.32 0.79
N LEU E 208 -49.68 31.79 0.83
CA LEU E 208 -50.51 31.88 2.05
C LEU E 208 -49.89 32.82 3.08
N PRO E 209 -50.42 32.82 4.32
CA PRO E 209 -49.66 33.40 5.43
C PRO E 209 -48.33 32.65 5.59
N LEU E 210 -47.22 33.36 5.39
CA LEU E 210 -45.87 32.81 5.41
C LEU E 210 -45.62 31.90 6.62
N LYS E 211 -45.05 30.72 6.37
CA LYS E 211 -44.70 29.82 7.45
C LYS E 211 -43.44 30.30 8.17
N GLU E 212 -43.49 30.31 9.50
CA GLU E 212 -42.40 30.85 10.36
C GLU E 212 -40.99 30.40 9.95
N GLU E 213 -40.83 29.12 9.61
CA GLU E 213 -39.56 28.58 9.13
C GLU E 213 -38.96 29.46 8.04
N HIS E 214 -39.82 30.15 7.30
CA HIS E 214 -39.39 31.12 6.30
C HIS E 214 -39.15 32.48 6.93
N LYS E 215 -40.13 32.95 7.69
CA LYS E 215 -40.02 34.25 8.38
C LYS E 215 -38.75 34.31 9.23
N ILE E 216 -38.32 33.16 9.76
CA ILE E 216 -37.04 33.04 10.45
C ILE E 216 -35.89 33.17 9.46
N PHE E 217 -35.93 32.33 8.42
CA PHE E 217 -34.87 32.30 7.41
C PHE E 217 -34.48 33.68 6.90
N LEU E 218 -35.46 34.57 6.85
CA LEU E 218 -35.21 35.94 6.44
C LEU E 218 -34.44 36.71 7.51
N LEU E 219 -35.00 36.74 8.72
CA LEU E 219 -34.45 37.58 9.77
C LEU E 219 -33.20 37.02 10.39
N LYS E 220 -32.99 35.71 10.24
CA LYS E 220 -31.93 35.04 10.96
C LYS E 220 -30.81 34.49 10.08
N VAL E 221 -31.06 34.35 8.80
CA VAL E 221 -30.05 33.93 7.86
C VAL E 221 -29.80 35.01 6.82
N LEU E 222 -30.87 35.39 6.11
CA LEU E 222 -30.76 36.36 5.01
C LEU E 222 -30.18 37.70 5.43
N LEU E 223 -30.83 38.38 6.36
CA LEU E 223 -30.31 39.63 6.86
C LEU E 223 -28.85 39.55 7.37
N PRO E 224 -28.55 38.69 8.38
CA PRO E 224 -27.18 38.67 8.93
C PRO E 224 -26.10 38.36 7.90
N LEU E 225 -26.49 37.89 6.72
CA LEU E 225 -25.56 37.83 5.59
C LEU E 225 -25.01 39.20 5.24
N HIS E 226 -25.86 40.23 5.21
CA HIS E 226 -25.42 41.58 4.89
C HIS E 226 -24.19 42.05 5.67
N LYS E 227 -23.88 41.39 6.77
CA LYS E 227 -22.76 41.82 7.59
C LYS E 227 -21.48 41.19 7.12
N VAL E 228 -21.56 40.21 6.22
CA VAL E 228 -20.36 39.56 5.73
C VAL E 228 -19.51 40.53 4.92
N LYS E 229 -18.20 40.30 4.90
CA LYS E 229 -17.27 41.15 4.16
C LYS E 229 -17.36 40.95 2.64
N SER E 230 -17.50 39.69 2.22
CA SER E 230 -17.53 39.33 0.80
C SER E 230 -18.93 39.52 0.20
N LEU E 231 -19.63 40.57 0.61
CA LEU E 231 -21.01 40.81 0.21
C LEU E 231 -21.08 41.21 -1.26
N SER E 232 -20.05 41.94 -1.70
CA SER E 232 -19.95 42.34 -3.10
C SER E 232 -20.24 41.21 -4.05
N VAL E 233 -19.85 39.99 -3.67
CA VAL E 233 -19.93 38.83 -4.56
C VAL E 233 -21.33 38.27 -4.77
N TYR E 234 -22.17 38.32 -3.73
CA TYR E 234 -23.51 37.77 -3.82
C TYR E 234 -24.65 38.78 -3.63
N HIS E 235 -24.30 39.99 -3.22
CA HIS E 235 -25.28 41.01 -2.89
C HIS E 235 -26.45 41.23 -3.86
N PRO E 236 -26.19 41.29 -5.19
CA PRO E 236 -27.37 41.44 -6.04
C PRO E 236 -28.37 40.31 -5.81
N GLN E 237 -27.92 39.05 -5.84
CA GLN E 237 -28.84 37.93 -5.61
C GLN E 237 -29.41 37.89 -4.20
N LEU E 238 -28.65 38.39 -3.23
CA LEU E 238 -29.15 38.53 -1.87
C LEU E 238 -30.29 39.52 -1.87
N ALA E 239 -30.02 40.75 -2.27
CA ALA E 239 -31.00 41.83 -2.22
C ALA E 239 -32.33 41.37 -2.80
N TYR E 240 -32.26 40.56 -3.85
CA TYR E 240 -33.44 39.95 -4.47
C TYR E 240 -34.32 39.23 -3.44
N CYS E 241 -33.76 38.23 -2.75
CA CYS E 241 -34.51 37.48 -1.74
C CYS E 241 -35.04 38.42 -0.67
N VAL E 242 -34.21 39.35 -0.21
CA VAL E 242 -34.66 40.34 0.76
C VAL E 242 -35.85 41.05 0.16
N VAL E 243 -35.69 41.57 -1.07
CA VAL E 243 -36.75 42.35 -1.70
C VAL E 243 -37.83 41.46 -2.31
N GLN E 244 -37.75 40.16 -2.06
CA GLN E 244 -38.75 39.23 -2.51
C GLN E 244 -39.64 38.86 -1.34
N PHE E 245 -39.04 38.73 -0.16
CA PHE E 245 -39.78 38.52 1.07
C PHE E 245 -40.67 39.72 1.36
N LEU E 246 -40.15 40.91 1.14
CA LEU E 246 -40.93 42.13 1.30
C LEU E 246 -42.05 42.17 0.28
N GLU E 247 -41.78 41.64 -0.91
CA GLU E 247 -42.81 41.34 -1.89
C GLU E 247 -43.73 40.32 -1.28
N LYS E 248 -45.02 40.57 -1.39
CA LYS E 248 -46.03 39.76 -0.70
C LYS E 248 -45.57 39.13 0.63
N ASP E 249 -45.12 40.04 1.49
CA ASP E 249 -45.39 40.04 2.92
C ASP E 249 -44.77 41.29 3.51
N SER E 250 -45.53 42.39 3.42
CA SER E 250 -45.05 43.73 3.80
C SER E 250 -44.80 43.87 5.29
N THR E 251 -45.40 43.00 6.10
CA THR E 251 -45.25 43.10 7.54
C THR E 251 -43.84 42.76 8.04
N LEU E 252 -42.97 42.35 7.11
CA LEU E 252 -41.56 42.06 7.41
C LEU E 252 -40.64 43.28 7.27
N THR E 253 -41.19 44.38 6.78
CA THR E 253 -40.40 45.54 6.40
C THR E 253 -39.62 46.16 7.56
N GLU E 254 -40.28 46.37 8.70
CA GLU E 254 -39.59 46.96 9.86
C GLU E 254 -38.30 46.20 10.19
N PRO E 255 -38.40 44.88 10.52
CA PRO E 255 -37.23 44.09 10.86
C PRO E 255 -36.07 44.19 9.86
N VAL E 256 -36.35 44.15 8.57
CA VAL E 256 -35.30 44.18 7.55
C VAL E 256 -34.70 45.58 7.37
N VAL E 257 -35.56 46.59 7.26
CA VAL E 257 -35.08 47.95 7.03
C VAL E 257 -34.37 48.46 8.28
N MET E 258 -34.72 47.90 9.44
CA MET E 258 -34.06 48.25 10.66
C MET E 258 -32.74 47.49 10.78
N ALA E 259 -32.76 46.22 10.38
CA ALA E 259 -31.55 45.40 10.31
C ALA E 259 -30.51 46.08 9.44
N LEU E 260 -30.92 46.42 8.22
CA LEU E 260 -30.04 47.09 7.26
C LEU E 260 -29.43 48.36 7.82
N LEU E 261 -30.22 49.17 8.51
CA LEU E 261 -29.69 50.41 9.06
C LEU E 261 -28.78 50.18 10.27
N LYS E 262 -28.77 48.97 10.81
CA LYS E 262 -27.83 48.62 11.87
C LYS E 262 -26.59 47.89 11.36
N TYR E 263 -26.76 46.90 10.49
CA TYR E 263 -25.62 46.29 9.82
C TYR E 263 -24.94 47.30 8.90
N TRP E 264 -25.32 48.57 9.02
CA TRP E 264 -24.88 49.60 8.09
C TRP E 264 -23.39 49.85 8.18
N PRO E 265 -22.68 49.81 7.03
CA PRO E 265 -21.24 50.00 6.85
C PRO E 265 -20.69 51.20 7.61
N LYS E 266 -19.55 50.99 8.27
CA LYS E 266 -18.86 52.02 9.02
C LYS E 266 -17.64 52.50 8.24
N THR E 267 -16.88 51.55 7.68
CA THR E 267 -15.58 51.85 7.07
C THR E 267 -15.38 51.25 5.68
N HIS E 268 -16.35 50.48 5.20
CA HIS E 268 -16.21 49.83 3.91
C HIS E 268 -17.20 50.42 2.90
N SER E 269 -16.72 51.41 2.15
CA SER E 269 -17.53 52.28 1.24
C SER E 269 -18.46 51.65 0.19
N PRO E 270 -17.95 50.71 -0.63
CA PRO E 270 -18.84 50.09 -1.61
C PRO E 270 -20.02 49.33 -0.99
N LYS E 271 -19.84 48.80 0.23
CA LYS E 271 -20.95 48.15 0.97
C LYS E 271 -22.05 49.17 1.21
N GLU E 272 -21.65 50.39 1.54
CA GLU E 272 -22.61 51.48 1.68
C GLU E 272 -23.40 51.65 0.38
N VAL E 273 -22.72 51.61 -0.76
CA VAL E 273 -23.39 51.80 -2.03
C VAL E 273 -24.27 50.59 -2.36
N MET E 274 -23.95 49.44 -1.76
CA MET E 274 -24.81 48.26 -1.88
C MET E 274 -26.02 48.42 -0.96
N PHE E 275 -25.77 48.85 0.27
CA PHE E 275 -26.84 49.11 1.20
C PHE E 275 -27.79 50.16 0.65
N LEU E 276 -27.26 51.27 0.17
CA LEU E 276 -28.09 52.30 -0.42
C LEU E 276 -28.97 51.74 -1.55
N ASN E 277 -28.34 50.97 -2.45
CA ASN E 277 -28.99 50.45 -3.65
C ASN E 277 -30.09 49.49 -3.28
N GLU E 278 -29.79 48.55 -2.40
CA GLU E 278 -30.76 47.60 -1.91
C GLU E 278 -31.89 48.33 -1.19
N LEU E 279 -31.54 49.25 -0.29
CA LEU E 279 -32.52 50.06 0.44
C LEU E 279 -33.45 50.83 -0.50
N GLU E 280 -32.92 51.26 -1.64
CA GLU E 280 -33.75 51.95 -2.63
C GLU E 280 -34.69 50.96 -3.33
N GLU E 281 -34.20 49.76 -3.64
CA GLU E 281 -35.08 48.78 -4.29
C GLU E 281 -36.14 48.26 -3.33
N ILE E 282 -35.80 48.19 -2.05
CA ILE E 282 -36.77 47.93 -0.98
C ILE E 282 -37.84 49.02 -1.01
N LEU E 283 -37.41 50.28 -1.04
CA LEU E 283 -38.31 51.43 -1.06
C LEU E 283 -39.17 51.42 -2.32
N ASP E 284 -38.62 50.84 -3.40
CA ASP E 284 -39.33 50.67 -4.66
C ASP E 284 -40.56 49.75 -4.59
N VAL E 285 -40.79 49.12 -3.43
CA VAL E 285 -41.87 48.17 -3.27
C VAL E 285 -42.50 48.35 -1.88
N ILE E 286 -42.13 49.42 -1.22
CA ILE E 286 -42.65 49.73 0.10
C ILE E 286 -44.15 50.00 0.01
N GLU E 287 -44.88 49.56 1.02
CA GLU E 287 -46.27 49.97 1.18
C GLU E 287 -46.26 51.33 1.86
N PRO E 288 -47.12 52.26 1.41
CA PRO E 288 -47.25 53.58 2.05
C PRO E 288 -47.37 53.51 3.57
N SER E 289 -48.14 52.53 4.06
CA SER E 289 -48.35 52.28 5.49
C SER E 289 -47.03 51.99 6.23
N GLU E 290 -46.29 50.98 5.76
CA GLU E 290 -45.11 50.50 6.45
C GLU E 290 -43.93 51.47 6.33
N PHE E 291 -44.02 52.39 5.37
CA PHE E 291 -42.98 53.41 5.16
C PHE E 291 -42.83 54.27 6.40
N VAL E 292 -43.96 54.55 7.04
CA VAL E 292 -43.98 55.39 8.22
C VAL E 292 -43.24 54.73 9.38
N LYS E 293 -43.33 53.40 9.45
CA LYS E 293 -42.62 52.66 10.49
C LYS E 293 -41.10 52.87 10.39
N ILE E 294 -40.51 52.51 9.25
CA ILE E 294 -39.08 52.71 9.00
C ILE E 294 -38.91 53.94 8.12
N MET E 295 -39.09 55.10 8.73
CA MET E 295 -39.08 56.39 8.02
C MET E 295 -38.02 57.32 8.59
N GLU E 296 -38.28 57.85 9.78
CA GLU E 296 -37.38 58.75 10.48
C GLU E 296 -35.96 58.20 10.68
N PRO E 297 -35.80 56.90 10.98
CA PRO E 297 -34.45 56.44 11.25
C PRO E 297 -33.67 56.32 9.95
N LEU E 298 -34.41 56.01 8.88
CA LEU E 298 -33.85 55.91 7.53
C LEU E 298 -33.28 57.25 7.06
N PHE E 299 -34.14 58.26 6.94
CA PHE E 299 -33.74 59.56 6.41
C PHE E 299 -32.83 60.34 7.34
N ARG E 300 -32.49 59.77 8.50
CA ARG E 300 -31.50 60.41 9.34
C ARG E 300 -30.16 59.75 9.07
N GLN E 301 -30.20 58.56 8.47
CA GLN E 301 -29.01 57.89 7.95
C GLN E 301 -28.74 58.40 6.54
N LEU E 302 -29.82 58.59 5.77
CA LEU E 302 -29.71 59.14 4.43
C LEU E 302 -29.11 60.53 4.49
N ALA E 303 -29.58 61.33 5.44
CA ALA E 303 -29.07 62.67 5.61
C ALA E 303 -27.58 62.67 5.95
N LYS E 304 -27.12 61.59 6.59
CA LYS E 304 -25.70 61.41 6.85
C LYS E 304 -24.96 61.07 5.56
N CYS E 305 -25.64 60.37 4.65
CA CYS E 305 -25.03 59.95 3.39
C CYS E 305 -24.89 61.07 2.38
N VAL E 306 -25.92 61.89 2.25
CA VAL E 306 -25.91 62.99 1.28
C VAL E 306 -24.76 63.95 1.59
N SER E 307 -24.46 64.09 2.87
CA SER E 307 -23.28 64.84 3.29
C SER E 307 -22.21 63.85 3.64
N SER E 308 -21.63 63.22 2.62
CA SER E 308 -20.52 62.31 2.80
C SER E 308 -19.43 62.61 1.80
N PRO E 309 -18.19 62.82 2.29
CA PRO E 309 -17.07 63.16 1.43
C PRO E 309 -16.91 62.19 0.27
N HIS E 310 -17.41 60.97 0.46
CA HIS E 310 -17.31 59.96 -0.57
C HIS E 310 -18.36 60.19 -1.63
N PHE E 311 -17.90 60.51 -2.84
CA PHE E 311 -18.80 60.91 -3.92
C PHE E 311 -19.72 59.79 -4.40
N GLN E 312 -19.20 58.56 -4.51
CA GLN E 312 -20.01 57.40 -4.88
C GLN E 312 -21.26 57.30 -4.01
N VAL E 313 -21.05 57.44 -2.69
CA VAL E 313 -22.11 57.37 -1.69
C VAL E 313 -23.07 58.54 -1.82
N ALA E 314 -22.51 59.75 -1.83
CA ALA E 314 -23.32 60.95 -1.91
C ALA E 314 -24.20 60.89 -3.14
N GLU E 315 -23.58 60.73 -4.31
CA GLU E 315 -24.31 60.66 -5.59
C GLU E 315 -25.42 59.61 -5.61
N ARG E 316 -25.20 58.49 -4.92
CA ARG E 316 -26.19 57.40 -4.88
C ARG E 316 -27.34 57.72 -3.94
N ALA E 317 -27.02 58.25 -2.77
CA ALA E 317 -28.03 58.54 -1.77
C ALA E 317 -28.90 59.73 -2.18
N LEU E 318 -28.50 60.39 -3.25
CA LEU E 318 -29.21 61.56 -3.73
C LEU E 318 -30.13 61.24 -4.89
N TYR E 319 -29.68 60.38 -5.80
CA TYR E 319 -30.56 59.86 -6.86
C TYR E 319 -31.88 59.32 -6.30
N TYR E 320 -31.99 59.29 -4.97
CA TYR E 320 -33.24 58.99 -4.28
C TYR E 320 -34.29 60.02 -4.69
N TRP E 321 -33.93 61.30 -4.60
CA TRP E 321 -34.80 62.39 -5.02
C TRP E 321 -35.10 62.36 -6.51
N ASN E 322 -34.21 61.75 -7.28
CA ASN E 322 -34.35 61.69 -8.74
C ASN E 322 -35.30 60.64 -9.28
N ASN E 323 -36.03 59.96 -8.39
CA ASN E 323 -37.06 59.03 -8.87
C ASN E 323 -38.41 58.94 -8.14
N GLU E 324 -39.44 58.78 -8.97
CA GLU E 324 -40.82 59.20 -8.69
C GLU E 324 -41.51 58.64 -7.43
N TYR E 325 -41.63 57.31 -7.32
CA TYR E 325 -42.33 56.69 -6.19
C TYR E 325 -41.69 57.16 -4.89
N ILE E 326 -40.37 56.99 -4.82
CA ILE E 326 -39.59 57.35 -3.64
C ILE E 326 -39.95 58.77 -3.23
N MET E 327 -39.94 59.68 -4.21
CA MET E 327 -40.32 61.07 -3.97
C MET E 327 -41.71 61.22 -3.35
N SER E 328 -42.72 60.61 -3.97
CA SER E 328 -44.11 60.72 -3.52
C SER E 328 -44.37 59.98 -2.20
N LEU E 329 -43.33 59.85 -1.40
CA LEU E 329 -43.45 59.37 -0.03
C LEU E 329 -42.82 60.40 0.90
N ILE E 330 -41.76 61.04 0.43
CA ILE E 330 -41.02 62.02 1.21
C ILE E 330 -41.88 63.25 1.46
N SER E 331 -42.30 63.91 0.38
CA SER E 331 -43.12 65.11 0.48
C SER E 331 -44.60 64.79 0.74
N ASP E 332 -44.85 63.54 1.12
CA ASP E 332 -46.09 63.14 1.78
C ASP E 332 -45.99 63.54 3.25
N ASN E 333 -44.81 64.00 3.66
CA ASN E 333 -44.52 64.31 5.05
C ASN E 333 -43.79 65.66 5.27
N ALA E 334 -44.16 66.33 6.35
CA ALA E 334 -43.43 67.49 6.86
C ALA E 334 -42.70 67.07 8.14
N ALA E 335 -42.09 65.90 8.07
CA ALA E 335 -41.33 65.30 9.15
C ALA E 335 -40.03 64.72 8.60
N LYS E 336 -40.04 64.45 7.29
CA LYS E 336 -38.90 63.86 6.59
C LYS E 336 -37.89 64.90 6.12
N ILE E 337 -38.33 66.16 6.01
CA ILE E 337 -37.41 67.26 5.70
C ILE E 337 -37.09 68.13 6.92
N LEU E 338 -37.20 67.54 8.10
CA LEU E 338 -36.59 68.08 9.31
C LEU E 338 -35.15 67.57 9.43
N PRO E 339 -34.92 66.23 9.23
CA PRO E 339 -33.58 65.67 9.39
C PRO E 339 -32.67 65.84 8.19
N ILE E 340 -33.24 66.06 7.00
CA ILE E 340 -32.42 66.20 5.79
C ILE E 340 -32.23 67.67 5.36
N MET E 341 -33.20 68.53 5.66
CA MET E 341 -33.08 69.95 5.27
C MET E 341 -31.99 70.73 6.02
N PHE E 342 -31.14 70.02 6.76
CA PHE E 342 -29.95 70.64 7.33
C PHE E 342 -28.59 70.10 6.83
N PRO E 343 -28.41 68.75 6.70
CA PRO E 343 -27.19 68.25 6.04
C PRO E 343 -27.17 68.47 4.53
N SER E 344 -28.33 68.74 3.92
CA SER E 344 -28.37 69.18 2.53
C SER E 344 -28.59 70.70 2.39
N LEU E 345 -28.18 71.43 3.42
CA LEU E 345 -27.99 72.88 3.34
C LEU E 345 -26.53 73.22 3.62
N TYR E 346 -26.04 72.89 4.81
CA TYR E 346 -24.70 73.31 5.24
C TYR E 346 -23.55 72.50 4.62
N ARG E 347 -23.90 71.49 3.85
CA ARG E 347 -22.94 70.77 3.02
C ARG E 347 -23.29 70.97 1.54
N ASN E 348 -23.58 72.21 1.16
CA ASN E 348 -23.94 72.54 -0.22
C ASN E 348 -22.88 73.36 -0.97
N SER E 349 -22.72 74.64 -0.58
CA SER E 349 -21.92 75.62 -1.35
C SER E 349 -20.49 75.14 -1.71
N LYS E 350 -19.77 74.64 -0.72
CA LYS E 350 -18.44 74.07 -0.92
C LYS E 350 -18.48 72.61 -0.47
N THR E 351 -17.74 72.31 0.60
CA THR E 351 -17.79 71.01 1.33
C THR E 351 -17.89 69.73 0.48
N HIS E 352 -17.54 69.85 -0.80
CA HIS E 352 -17.43 68.68 -1.66
C HIS E 352 -16.57 68.98 -2.87
N TRP E 353 -15.47 68.23 -2.96
CA TRP E 353 -14.48 68.38 -4.02
C TRP E 353 -15.09 68.10 -5.38
N ASN E 354 -15.97 67.11 -5.43
CA ASN E 354 -16.55 66.69 -6.68
C ASN E 354 -17.65 67.64 -7.06
N LYS E 355 -17.38 68.49 -8.05
CA LYS E 355 -18.30 69.55 -8.43
C LYS E 355 -19.51 69.05 -9.23
N THR E 356 -19.89 67.79 -9.04
CA THR E 356 -21.11 67.26 -9.66
C THR E 356 -22.17 66.88 -8.62
N ILE E 357 -21.77 66.34 -7.48
CA ILE E 357 -22.70 66.19 -6.36
C ILE E 357 -22.86 67.54 -5.67
N HIS E 358 -22.04 68.50 -6.10
CA HIS E 358 -22.08 69.87 -5.62
C HIS E 358 -23.39 70.53 -6.05
N GLY E 359 -23.91 70.10 -7.20
CA GLY E 359 -25.15 70.63 -7.73
C GLY E 359 -26.31 69.66 -7.58
N LEU E 360 -26.00 68.38 -7.45
CA LEU E 360 -27.00 67.33 -7.32
C LEU E 360 -27.85 67.52 -6.05
N ILE E 361 -27.18 67.94 -4.99
CA ILE E 361 -27.82 68.36 -3.75
C ILE E 361 -28.65 69.64 -3.98
N TYR E 362 -28.12 70.55 -4.80
CA TYR E 362 -28.80 71.80 -5.14
C TYR E 362 -29.97 71.59 -6.11
N ASN E 363 -30.54 70.39 -6.08
CA ASN E 363 -31.75 70.04 -6.82
C ASN E 363 -32.66 69.21 -5.93
N ALA E 364 -32.09 68.75 -4.82
CA ALA E 364 -32.83 68.03 -3.80
C ALA E 364 -33.44 69.03 -2.85
N LEU E 365 -32.64 70.03 -2.45
CA LEU E 365 -33.13 71.13 -1.64
C LEU E 365 -34.22 71.90 -2.40
N LYS E 366 -34.07 71.97 -3.72
CA LYS E 366 -35.04 72.61 -4.61
C LYS E 366 -36.33 71.81 -4.74
N LEU E 367 -36.22 70.49 -4.73
CA LEU E 367 -37.38 69.60 -4.81
C LEU E 367 -38.18 69.63 -3.50
N PHE E 368 -37.55 70.18 -2.46
CA PHE E 368 -38.19 70.38 -1.17
C PHE E 368 -38.89 71.75 -1.09
N MET E 369 -38.41 72.72 -1.86
CA MET E 369 -39.07 74.03 -1.96
C MET E 369 -40.34 73.89 -2.81
N GLU E 370 -40.26 73.08 -3.87
CA GLU E 370 -41.42 72.75 -4.70
C GLU E 370 -42.48 71.98 -3.91
N MET E 371 -42.09 71.45 -2.75
CA MET E 371 -42.99 70.73 -1.86
C MET E 371 -43.65 71.67 -0.84
N ASN E 372 -44.52 71.10 0.00
CA ASN E 372 -45.41 71.83 0.91
C ASN E 372 -44.81 73.04 1.66
N GLN E 373 -43.88 72.77 2.58
CA GLN E 373 -43.30 73.80 3.45
C GLN E 373 -42.56 74.88 2.66
N LYS E 374 -43.12 76.09 2.65
CA LYS E 374 -42.58 77.20 1.87
C LYS E 374 -41.56 78.04 2.65
N LEU E 375 -41.21 77.60 3.86
CA LEU E 375 -40.32 78.36 4.74
C LEU E 375 -38.90 77.81 4.82
N PHE E 376 -37.94 78.73 4.98
CA PHE E 376 -36.53 78.38 5.18
C PHE E 376 -36.16 78.57 6.65
N ASP E 377 -36.83 77.81 7.51
CA ASP E 377 -36.72 77.95 8.96
C ASP E 377 -35.32 77.64 9.50
N LYS F 4 15.13 73.26 14.16
CA LYS F 4 15.71 73.22 15.54
C LYS F 4 15.03 72.12 16.37
N VAL F 5 14.25 72.53 17.37
CA VAL F 5 13.51 71.60 18.24
C VAL F 5 12.44 70.78 17.48
N PHE F 6 12.42 70.91 16.15
CA PHE F 6 11.46 70.19 15.32
C PHE F 6 12.12 69.12 14.44
N THR F 7 13.36 69.35 14.03
CA THR F 7 14.10 68.33 13.28
C THR F 7 14.29 67.10 14.16
N LYS F 8 14.63 67.35 15.43
CA LYS F 8 14.77 66.29 16.43
C LYS F 8 13.42 65.60 16.73
N GLU F 9 12.35 66.30 16.43
CA GLU F 9 10.99 65.81 16.64
C GLU F 9 10.52 65.02 15.44
N LEU F 10 11.09 65.30 14.29
CA LEU F 10 10.60 64.72 13.04
C LEU F 10 11.20 63.36 12.72
N ASP F 11 12.51 63.21 12.92
CA ASP F 11 13.16 61.93 12.60
C ASP F 11 12.83 60.86 13.64
N GLN F 12 12.06 61.26 14.67
CA GLN F 12 11.41 60.29 15.54
C GLN F 12 10.18 59.75 14.80
N TRP F 13 9.35 60.65 14.28
CA TRP F 13 8.17 60.26 13.48
C TRP F 13 8.58 59.27 12.42
N ILE F 14 9.68 59.58 11.73
CA ILE F 14 10.25 58.71 10.73
C ILE F 14 10.62 57.37 11.37
N GLU F 15 11.48 57.42 12.38
CA GLU F 15 11.93 56.20 13.03
C GLU F 15 10.75 55.43 13.64
N GLN F 16 9.62 56.11 13.82
CA GLN F 16 8.39 55.46 14.28
C GLN F 16 7.68 54.73 13.15
N LEU F 17 7.26 55.47 12.13
CA LEU F 17 6.53 54.84 11.04
C LEU F 17 7.44 54.03 10.11
N ASN F 18 8.71 53.91 10.48
CA ASN F 18 9.59 52.91 9.90
C ASN F 18 9.28 51.53 10.45
N GLU F 19 8.75 51.48 11.68
CA GLU F 19 8.26 50.22 12.25
C GLU F 19 6.76 50.04 12.00
N CYS F 20 6.21 50.91 11.16
CA CYS F 20 4.86 50.77 10.58
C CYS F 20 3.73 51.14 11.53
N LYS F 21 4.02 52.05 12.46
CA LYS F 21 2.97 52.64 13.28
C LYS F 21 2.61 53.98 12.69
N GLN F 22 1.36 54.12 12.23
CA GLN F 22 0.85 55.39 11.69
C GLN F 22 1.09 56.57 12.63
N LEU F 23 1.27 57.77 12.06
CA LEU F 23 1.34 58.99 12.85
C LEU F 23 -0.05 59.34 13.42
N SER F 24 -0.08 60.23 14.42
CA SER F 24 -1.35 60.71 14.96
C SER F 24 -2.16 61.44 13.89
N GLU F 25 -3.40 61.78 14.19
CA GLU F 25 -4.19 62.61 13.31
C GLU F 25 -3.57 64.00 13.19
N SER F 26 -3.44 64.69 14.33
CA SER F 26 -2.84 66.03 14.37
C SER F 26 -1.39 66.01 13.92
N GLN F 27 -0.71 64.90 14.18
CA GLN F 27 0.63 64.69 13.67
C GLN F 27 0.66 64.74 12.14
N VAL F 28 -0.24 64.00 11.48
CA VAL F 28 -0.37 64.03 10.03
C VAL F 28 -0.70 65.44 9.57
N LYS F 29 -1.66 66.06 10.27
CA LYS F 29 -2.06 67.45 9.99
C LYS F 29 -0.85 68.37 9.88
N SER F 30 0.00 68.37 10.91
CA SER F 30 1.23 69.18 10.91
C SER F 30 2.17 68.84 9.76
N LEU F 31 2.33 67.54 9.50
CA LEU F 31 3.26 67.04 8.49
C LEU F 31 2.85 67.45 7.09
N CYS F 32 1.53 67.33 6.82
CA CYS F 32 0.94 67.69 5.53
C CYS F 32 1.08 69.16 5.16
N GLU F 33 0.72 70.02 6.11
CA GLU F 33 0.79 71.47 5.93
C GLU F 33 2.23 71.92 5.77
N LYS F 34 3.14 71.31 6.53
CA LYS F 34 4.56 71.62 6.40
C LYS F 34 5.15 71.07 5.12
N ALA F 35 4.65 69.93 4.66
CA ALA F 35 5.02 69.44 3.34
C ALA F 35 4.49 70.41 2.28
N LYS F 36 3.21 70.72 2.38
CA LYS F 36 2.54 71.71 1.53
C LYS F 36 3.48 72.89 1.34
N GLU F 37 4.02 73.39 2.45
CA GLU F 37 4.88 74.55 2.50
C GLU F 37 6.19 74.41 1.69
N ILE F 38 6.71 73.19 1.57
CA ILE F 38 7.99 72.99 0.88
C ILE F 38 7.82 72.43 -0.51
N LEU F 39 6.63 71.89 -0.77
CA LEU F 39 6.24 71.43 -2.11
C LEU F 39 5.77 72.57 -2.97
N THR F 40 5.03 73.51 -2.38
CA THR F 40 4.51 74.66 -3.11
C THR F 40 5.64 75.53 -3.65
N LYS F 41 6.86 75.24 -3.23
CA LYS F 41 8.02 75.91 -3.80
C LYS F 41 8.48 75.14 -5.02
N GLU F 42 8.52 73.82 -4.87
CA GLU F 42 8.90 72.92 -5.93
C GLU F 42 8.19 73.27 -7.26
N SER F 43 8.97 73.34 -8.33
CA SER F 43 8.46 73.73 -9.65
C SER F 43 7.70 72.63 -10.37
N ASN F 44 6.81 73.05 -11.27
CA ASN F 44 5.98 72.18 -12.11
C ASN F 44 6.77 71.05 -12.74
N VAL F 45 7.91 71.41 -13.33
CA VAL F 45 8.94 70.43 -13.67
C VAL F 45 10.05 70.58 -12.63
N GLN F 46 10.30 69.48 -11.92
CA GLN F 46 11.20 69.52 -10.79
C GLN F 46 12.54 69.02 -11.25
N GLU F 47 13.53 69.92 -11.20
CA GLU F 47 14.87 69.55 -11.58
C GLU F 47 15.57 68.89 -10.43
N VAL F 48 16.09 67.70 -10.68
CA VAL F 48 16.68 66.86 -9.65
C VAL F 48 18.14 66.53 -9.97
N ARG F 49 19.03 66.86 -9.02
CA ARG F 49 20.47 66.75 -9.19
C ARG F 49 20.95 65.28 -9.21
N CYS F 50 22.14 65.08 -9.79
CA CYS F 50 22.49 63.81 -10.42
C CYS F 50 22.42 62.46 -9.70
N PRO F 51 23.37 62.13 -8.80
CA PRO F 51 23.29 60.77 -8.31
C PRO F 51 21.97 60.62 -7.60
N VAL F 52 21.11 59.77 -8.15
CA VAL F 52 19.79 59.52 -7.61
C VAL F 52 19.28 58.24 -8.21
N THR F 53 18.86 57.33 -7.36
CA THR F 53 18.15 56.15 -7.82
C THR F 53 16.67 56.54 -7.85
N VAL F 54 15.94 56.08 -8.87
CA VAL F 54 14.54 56.51 -9.10
C VAL F 54 13.58 55.33 -9.07
N CYS F 55 12.41 55.51 -8.45
CA CYS F 55 11.43 54.42 -8.32
C CYS F 55 10.07 54.79 -8.84
N GLY F 56 9.33 53.76 -9.25
CA GLY F 56 7.95 53.90 -9.70
C GLY F 56 6.88 53.59 -8.67
N ASP F 57 5.74 53.08 -9.15
CA ASP F 57 4.60 52.77 -8.29
C ASP F 57 4.98 51.94 -7.07
N VAL F 58 4.20 52.13 -6.01
CA VAL F 58 4.58 51.65 -4.71
C VAL F 58 3.29 51.24 -3.97
N HIS F 59 2.19 51.90 -4.30
CA HIS F 59 0.80 51.45 -4.00
C HIS F 59 0.53 50.78 -2.64
N GLY F 60 1.09 51.38 -1.60
CA GLY F 60 0.76 51.04 -0.22
C GLY F 60 1.42 49.78 0.27
N GLN F 61 2.28 49.20 -0.57
CA GLN F 61 3.03 47.99 -0.22
C GLN F 61 4.19 48.37 0.69
N PHE F 62 3.85 48.91 1.88
CA PHE F 62 4.84 49.36 2.85
C PHE F 62 5.99 48.37 2.96
N HIS F 63 5.69 47.12 3.32
CA HIS F 63 6.74 46.12 3.51
C HIS F 63 7.61 45.95 2.26
N ASP F 64 7.01 46.02 1.08
CA ASP F 64 7.78 45.94 -0.15
C ASP F 64 8.44 47.28 -0.45
N LEU F 65 7.93 48.36 0.15
CA LEU F 65 8.61 49.65 0.06
C LEU F 65 9.85 49.59 0.91
N MET F 66 9.75 48.91 2.06
CA MET F 66 10.91 48.69 2.93
C MET F 66 11.97 47.93 2.13
N GLU F 67 11.52 46.91 1.41
CA GLU F 67 12.42 46.13 0.57
C GLU F 67 13.15 47.04 -0.41
N LEU F 68 12.38 47.85 -1.13
CA LEU F 68 12.95 48.87 -2.01
C LEU F 68 14.10 49.58 -1.28
N PHE F 69 13.86 50.03 -0.05
CA PHE F 69 14.91 50.67 0.76
C PHE F 69 16.09 49.75 1.10
N ARG F 70 15.79 48.47 1.32
CA ARG F 70 16.85 47.50 1.68
C ARG F 70 17.70 47.14 0.46
N ILE F 71 17.19 47.47 -0.73
CA ILE F 71 17.90 47.28 -1.99
C ILE F 71 18.74 48.50 -2.35
N GLY F 72 18.11 49.67 -2.36
CA GLY F 72 18.76 50.89 -2.82
C GLY F 72 19.52 51.68 -1.76
N GLY F 73 19.44 51.24 -0.51
CA GLY F 73 20.00 52.01 0.60
C GLY F 73 18.91 52.86 1.22
N LYS F 74 19.08 53.24 2.48
CA LYS F 74 18.02 53.96 3.20
C LYS F 74 18.08 55.41 2.79
N SER F 75 17.22 56.24 3.36
CA SER F 75 17.23 57.65 3.04
C SER F 75 18.57 58.28 3.50
N PRO F 76 18.61 59.59 3.81
CA PRO F 76 19.63 60.51 3.30
C PRO F 76 20.77 59.86 2.55
N ASP F 77 21.31 58.78 3.10
CA ASP F 77 22.47 58.11 2.57
C ASP F 77 22.40 57.81 1.07
N THR F 78 21.22 57.46 0.57
CA THR F 78 21.04 57.42 -0.89
C THR F 78 19.90 58.34 -1.31
N ASN F 79 20.10 59.02 -2.43
CA ASN F 79 19.13 59.98 -2.93
C ASN F 79 18.05 59.28 -3.76
N TYR F 80 16.78 59.56 -3.48
CA TYR F 80 15.68 58.90 -4.19
C TYR F 80 14.77 59.85 -4.97
N LEU F 81 14.03 59.29 -5.93
CA LEU F 81 13.11 60.05 -6.77
C LEU F 81 11.91 59.20 -7.16
N PHE F 82 10.82 59.37 -6.40
CA PHE F 82 9.60 58.54 -6.54
C PHE F 82 8.64 59.14 -7.54
N MET F 83 8.16 58.33 -8.48
CA MET F 83 7.41 58.88 -9.60
C MET F 83 5.91 58.72 -9.39
N GLY F 84 5.46 58.88 -8.15
CA GLY F 84 4.04 58.86 -7.85
C GLY F 84 3.43 57.48 -7.65
N ASP F 85 2.11 57.48 -7.56
CA ASP F 85 1.31 56.32 -7.16
C ASP F 85 1.82 55.74 -5.86
N TYR F 86 1.59 56.48 -4.78
CA TYR F 86 1.92 55.97 -3.46
C TYR F 86 0.73 55.33 -2.75
N VAL F 87 -0.45 55.92 -2.91
CA VAL F 87 -1.54 55.68 -1.98
C VAL F 87 -2.40 54.48 -2.17
N ASN F 88 -3.04 54.32 -3.33
CA ASN F 88 -4.19 53.44 -3.39
C ASN F 88 -3.93 51.94 -3.27
N ARG F 89 -4.95 51.15 -3.55
CA ARG F 89 -5.02 49.75 -3.08
C ARG F 89 -3.72 48.95 -3.08
N GLY F 90 -3.62 48.04 -2.10
CA GLY F 90 -2.36 47.61 -1.51
C GLY F 90 -2.59 48.01 -0.07
N TYR F 91 -2.01 47.29 0.89
CA TYR F 91 -2.55 47.26 2.28
C TYR F 91 -2.30 48.46 3.14
N TYR F 92 -1.10 49.01 3.10
CA TYR F 92 -0.74 50.04 4.07
C TYR F 92 -0.64 51.40 3.41
N SER F 93 -1.68 51.71 2.63
CA SER F 93 -1.89 53.01 2.00
C SER F 93 -1.42 54.16 2.90
N VAL F 94 -1.95 54.22 4.14
CA VAL F 94 -1.54 55.24 5.13
C VAL F 94 -0.02 55.24 5.33
N GLU F 95 0.48 54.42 6.25
CA GLU F 95 1.90 54.40 6.60
C GLU F 95 2.83 54.74 5.42
N THR F 96 2.56 54.10 4.27
CA THR F 96 3.36 54.26 3.06
C THR F 96 3.50 55.73 2.67
N VAL F 97 2.36 56.37 2.40
CA VAL F 97 2.38 57.76 1.93
C VAL F 97 2.87 58.74 3.01
N THR F 98 2.58 58.45 4.27
CA THR F 98 3.02 59.36 5.32
C THR F 98 4.53 59.23 5.65
N LEU F 99 5.11 58.05 5.42
CA LEU F 99 6.54 57.88 5.60
C LEU F 99 7.28 58.64 4.53
N LEU F 100 6.87 58.43 3.28
CA LEU F 100 7.46 59.10 2.13
C LEU F 100 7.33 60.63 2.16
N VAL F 101 6.20 61.13 2.66
CA VAL F 101 6.05 62.56 2.86
C VAL F 101 6.95 63.01 4.01
N ALA F 102 6.91 62.27 5.12
CA ALA F 102 7.78 62.56 6.28
C ALA F 102 9.23 62.60 5.87
N LEU F 103 9.59 61.76 4.91
CA LEU F 103 10.93 61.75 4.35
C LEU F 103 11.23 63.02 3.57
N LYS F 104 10.25 63.52 2.81
CA LYS F 104 10.41 64.75 2.07
C LYS F 104 10.62 65.96 2.97
N VAL F 105 9.65 66.26 3.83
CA VAL F 105 9.76 67.45 4.66
C VAL F 105 10.96 67.38 5.62
N ARG F 106 11.46 66.18 5.89
CA ARG F 106 12.69 66.07 6.68
C ARG F 106 13.91 66.31 5.80
N TYR F 107 14.08 65.47 4.79
CA TYR F 107 15.21 65.60 3.89
C TYR F 107 14.72 66.09 2.55
N ARG F 108 14.89 67.39 2.32
CA ARG F 108 14.25 68.08 1.20
C ARG F 108 14.99 67.87 -0.12
N GLU F 109 16.22 68.35 -0.21
CA GLU F 109 17.04 68.20 -1.41
C GLU F 109 17.60 66.78 -1.55
N ARG F 110 16.94 65.81 -0.95
CA ARG F 110 17.55 64.51 -0.79
C ARG F 110 16.59 63.38 -1.19
N ILE F 111 15.30 63.71 -1.30
CA ILE F 111 14.34 62.86 -2.00
C ILE F 111 13.34 63.71 -2.77
N THR F 112 12.69 63.09 -3.75
CA THR F 112 11.78 63.82 -4.64
C THR F 112 10.58 62.95 -5.08
N ILE F 113 9.40 63.39 -4.69
CA ILE F 113 8.15 62.64 -4.93
C ILE F 113 7.22 63.40 -5.88
N LEU F 114 6.50 62.66 -6.71
CA LEU F 114 5.78 63.26 -7.83
C LEU F 114 4.34 62.81 -7.82
N ARG F 115 3.45 63.64 -8.35
CA ARG F 115 2.04 63.24 -8.46
C ARG F 115 1.85 61.96 -9.31
N GLY F 116 1.09 61.01 -8.78
CA GLY F 116 0.65 59.86 -9.56
C GLY F 116 -0.85 59.86 -9.85
N ASN F 117 -1.26 59.24 -10.96
CA ASN F 117 -2.69 59.09 -11.33
C ASN F 117 -3.59 58.68 -10.15
N HIS F 118 -3.00 58.08 -9.13
CA HIS F 118 -3.75 57.70 -7.94
C HIS F 118 -3.89 58.80 -6.92
N GLU F 119 -2.98 59.79 -6.91
CA GLU F 119 -3.04 60.81 -5.87
C GLU F 119 -4.15 61.79 -6.23
N SER F 120 -5.38 61.32 -6.08
CA SER F 120 -6.53 62.05 -6.58
C SER F 120 -7.76 61.72 -5.78
N ARG F 121 -8.41 62.78 -5.31
CA ARG F 121 -9.66 62.66 -4.59
C ARG F 121 -10.54 61.58 -5.21
N GLN F 122 -10.69 61.60 -6.53
CA GLN F 122 -11.68 60.74 -7.16
C GLN F 122 -11.25 59.29 -7.22
N ILE F 123 -10.06 59.05 -7.78
CA ILE F 123 -9.44 57.72 -7.79
C ILE F 123 -9.35 57.18 -6.36
N THR F 124 -8.73 57.95 -5.47
CA THR F 124 -8.48 57.58 -4.08
C THR F 124 -9.74 57.03 -3.39
N GLN F 125 -10.89 57.57 -3.76
CA GLN F 125 -12.14 57.19 -3.14
C GLN F 125 -12.73 55.94 -3.74
N VAL F 126 -12.12 55.45 -4.82
CA VAL F 126 -12.70 54.34 -5.56
C VAL F 126 -11.89 53.07 -5.37
N TYR F 127 -10.56 53.23 -5.43
CA TYR F 127 -9.65 52.15 -5.13
C TYR F 127 -9.36 52.10 -3.62
N GLY F 128 -8.13 52.14 -3.16
CA GLY F 128 -7.91 51.89 -1.71
C GLY F 128 -8.05 53.00 -0.65
N PHE F 129 -7.17 53.99 -0.79
CA PHE F 129 -6.74 54.90 0.27
C PHE F 129 -7.79 55.47 1.22
N TYR F 130 -8.75 56.19 0.68
CA TYR F 130 -9.77 56.84 1.51
C TYR F 130 -10.33 55.88 2.56
N ASP F 131 -10.92 54.77 2.09
CA ASP F 131 -11.50 53.75 2.96
C ASP F 131 -10.58 53.30 4.09
N GLU F 132 -9.31 53.08 3.78
CA GLU F 132 -8.33 52.69 4.78
C GLU F 132 -8.14 53.76 5.84
N CYS F 133 -8.12 55.03 5.44
CA CYS F 133 -8.03 56.15 6.38
C CYS F 133 -9.17 56.05 7.36
N LEU F 134 -10.37 55.77 6.87
CA LEU F 134 -11.51 55.56 7.74
C LEU F 134 -11.25 54.40 8.67
N ARG F 135 -10.66 53.33 8.15
CA ARG F 135 -10.39 52.13 8.95
C ARG F 135 -9.25 52.36 9.94
N LYS F 136 -8.29 53.20 9.57
CA LYS F 136 -7.11 53.44 10.41
C LYS F 136 -7.26 54.63 11.37
N TYR F 137 -8.09 55.61 11.01
CA TYR F 137 -8.20 56.84 11.81
C TYR F 137 -9.59 57.14 12.34
N GLY F 138 -10.62 56.63 11.67
CA GLY F 138 -11.97 56.70 12.23
C GLY F 138 -12.86 57.78 11.64
N ASN F 139 -12.30 58.97 11.46
CA ASN F 139 -13.00 60.03 10.74
C ASN F 139 -12.59 59.96 9.28
N ALA F 140 -12.35 61.11 8.67
CA ALA F 140 -11.93 61.17 7.27
C ALA F 140 -10.96 62.31 6.99
N ASN F 141 -10.50 62.98 8.05
CA ASN F 141 -9.60 64.14 7.93
C ASN F 141 -8.20 63.80 7.44
N VAL F 142 -7.59 62.78 8.03
CA VAL F 142 -6.30 62.28 7.60
C VAL F 142 -6.31 61.98 6.10
N TRP F 143 -7.49 61.92 5.51
CA TRP F 143 -7.61 61.76 4.07
C TRP F 143 -7.64 63.10 3.39
N LYS F 144 -8.51 63.99 3.90
CA LYS F 144 -8.60 65.36 3.38
C LYS F 144 -7.24 66.02 3.42
N TYR F 145 -6.54 65.88 4.55
CA TYR F 145 -5.21 66.45 4.70
C TYR F 145 -4.28 65.91 3.62
N PHE F 146 -4.28 64.59 3.43
CA PHE F 146 -3.38 64.02 2.47
C PHE F 146 -3.68 64.47 1.04
N THR F 147 -4.95 64.38 0.65
CA THR F 147 -5.35 64.70 -0.72
C THR F 147 -5.16 66.18 -1.06
N ASP F 148 -5.45 67.06 -0.10
CA ASP F 148 -5.15 68.47 -0.26
C ASP F 148 -3.70 68.61 -0.65
N LEU F 149 -2.81 68.03 0.16
CA LEU F 149 -1.37 68.03 -0.12
C LEU F 149 -1.03 67.50 -1.51
N PHE F 150 -1.60 66.35 -1.88
CA PHE F 150 -1.38 65.78 -3.21
C PHE F 150 -1.38 66.84 -4.32
N ASP F 151 -2.38 67.71 -4.30
CA ASP F 151 -2.46 68.82 -5.26
C ASP F 151 -1.13 69.54 -5.43
N TYR F 152 -0.41 69.72 -4.32
CA TYR F 152 0.83 70.49 -4.34
C TYR F 152 2.02 69.74 -4.93
N LEU F 153 1.89 68.42 -5.06
CA LEU F 153 2.94 67.61 -5.67
C LEU F 153 3.42 68.18 -7.01
N PRO F 154 4.74 68.11 -7.29
CA PRO F 154 5.19 68.45 -8.63
C PRO F 154 4.73 67.40 -9.66
N LEU F 155 4.49 67.86 -10.89
CA LEU F 155 3.95 67.04 -11.99
C LEU F 155 4.96 66.18 -12.74
N THR F 156 6.24 66.49 -12.63
CA THR F 156 7.20 65.87 -13.52
C THR F 156 8.65 66.21 -13.17
N ALA F 157 9.43 65.15 -12.87
CA ALA F 157 10.86 65.27 -12.54
C ALA F 157 11.77 65.42 -13.77
N LEU F 158 12.83 66.25 -13.68
CA LEU F 158 13.86 66.34 -14.73
C LEU F 158 15.30 66.16 -14.23
N VAL F 159 15.80 64.94 -14.33
CA VAL F 159 17.11 64.58 -13.81
C VAL F 159 18.24 65.05 -14.72
N ASP F 160 19.18 65.77 -14.13
CA ASP F 160 20.45 66.21 -14.75
C ASP F 160 20.33 66.78 -16.18
N GLY F 161 19.30 67.57 -16.41
CA GLY F 161 19.08 68.16 -17.73
C GLY F 161 18.36 67.25 -18.69
N GLN F 162 18.73 65.97 -18.70
CA GLN F 162 18.34 65.06 -19.77
C GLN F 162 17.28 63.99 -19.45
N ILE F 163 17.27 63.46 -18.23
CA ILE F 163 16.30 62.39 -17.98
C ILE F 163 14.95 62.87 -17.44
N PHE F 164 14.01 63.01 -18.35
CA PHE F 164 12.67 63.44 -18.04
C PHE F 164 11.77 62.31 -17.39
N CYS F 165 11.17 62.59 -16.23
CA CYS F 165 10.44 61.57 -15.48
C CYS F 165 9.02 61.95 -15.11
N LEU F 166 8.06 61.38 -15.84
CA LEU F 166 6.64 61.41 -15.47
C LEU F 166 6.32 60.23 -14.63
N HIS F 167 5.13 60.26 -14.07
CA HIS F 167 4.49 59.05 -13.68
C HIS F 167 3.97 58.39 -14.95
N GLY F 168 3.08 59.09 -15.64
CA GLY F 168 2.36 58.54 -16.82
C GLY F 168 3.06 58.64 -18.17
N GLY F 169 2.88 59.75 -18.86
CA GLY F 169 3.62 59.93 -20.11
C GLY F 169 3.46 61.22 -20.86
N LEU F 170 3.36 61.05 -22.17
CA LEU F 170 3.31 62.16 -23.10
C LEU F 170 1.89 62.57 -23.43
N SER F 171 1.71 63.83 -23.79
CA SER F 171 0.39 64.35 -24.11
C SER F 171 0.38 65.21 -25.35
N PRO F 172 -0.62 65.03 -26.23
CA PRO F 172 -0.77 65.83 -27.42
C PRO F 172 -0.92 67.32 -27.09
N SER F 173 -1.01 67.62 -25.79
CA SER F 173 -1.19 69.00 -25.36
C SER F 173 0.06 69.66 -24.77
N ILE F 174 1.21 69.00 -24.88
CA ILE F 174 2.49 69.60 -24.48
C ILE F 174 3.65 69.11 -25.34
N ASP F 175 4.38 70.07 -25.94
CA ASP F 175 5.48 69.76 -26.87
C ASP F 175 6.88 70.10 -26.34
N THR F 176 7.07 71.34 -25.90
CA THR F 176 8.29 71.73 -25.22
C THR F 176 8.11 71.35 -23.77
N LEU F 177 9.16 71.52 -22.97
CA LEU F 177 9.03 71.32 -21.54
C LEU F 177 8.28 72.47 -20.91
N ASP F 178 8.62 73.69 -21.34
CA ASP F 178 7.98 74.91 -20.86
C ASP F 178 6.45 74.84 -20.91
N HIS F 179 5.91 74.04 -21.82
CA HIS F 179 4.47 73.84 -21.85
C HIS F 179 3.96 73.30 -20.53
N ILE F 180 4.67 72.35 -19.93
CA ILE F 180 4.20 71.80 -18.67
C ILE F 180 4.62 72.66 -17.51
N ARG F 181 5.52 73.60 -17.77
CA ARG F 181 5.95 74.50 -16.72
C ARG F 181 4.85 75.53 -16.48
N ALA F 182 4.35 76.13 -17.56
CA ALA F 182 3.35 77.18 -17.45
C ALA F 182 2.02 76.63 -17.00
N LEU F 183 1.97 75.32 -16.74
CA LEU F 183 0.76 74.66 -16.32
C LEU F 183 0.44 74.97 -14.88
N ASP F 184 -0.83 75.23 -14.58
CA ASP F 184 -1.25 75.32 -13.19
C ASP F 184 -1.50 73.91 -12.70
N ARG F 185 -0.72 73.48 -11.71
CA ARG F 185 -0.85 72.09 -11.24
C ARG F 185 -1.50 71.95 -9.87
N LEU F 186 -1.74 73.09 -9.23
CA LEU F 186 -2.46 73.16 -7.97
C LEU F 186 -3.95 72.94 -8.19
N GLN F 187 -4.33 71.65 -8.24
CA GLN F 187 -5.65 71.20 -8.68
C GLN F 187 -5.77 69.72 -8.39
N GLU F 188 -7.02 69.26 -8.29
CA GLU F 188 -7.31 67.83 -8.37
C GLU F 188 -7.19 67.44 -9.83
N VAL F 189 -6.52 66.32 -10.09
CA VAL F 189 -6.26 65.85 -11.46
C VAL F 189 -7.51 65.82 -12.34
N PRO F 190 -7.51 66.59 -13.44
CA PRO F 190 -8.65 66.68 -14.34
C PRO F 190 -8.85 65.39 -15.14
N HIS F 191 -10.04 65.22 -15.70
CA HIS F 191 -10.32 64.09 -16.59
C HIS F 191 -9.68 64.30 -17.97
N GLU F 192 -9.85 65.49 -18.53
CA GLU F 192 -9.18 65.86 -19.79
C GLU F 192 -7.86 66.60 -19.55
N GLY F 193 -7.08 66.76 -20.62
CA GLY F 193 -6.04 67.81 -20.66
C GLY F 193 -4.64 67.49 -20.17
N PRO F 194 -3.68 68.37 -20.51
CA PRO F 194 -2.26 68.08 -20.40
C PRO F 194 -1.90 67.54 -19.04
N MET F 195 -2.31 68.21 -17.98
CA MET F 195 -1.95 67.78 -16.64
C MET F 195 -2.30 66.34 -16.50
N CYS F 196 -3.57 66.02 -16.72
CA CYS F 196 -4.08 64.66 -16.71
C CYS F 196 -3.22 63.75 -17.57
N ASP F 197 -3.12 64.08 -18.86
CA ASP F 197 -2.29 63.34 -19.81
C ASP F 197 -0.92 62.93 -19.26
N LEU F 198 -0.16 63.91 -18.77
CA LEU F 198 1.12 63.67 -18.11
C LEU F 198 1.13 62.50 -17.15
N LEU F 199 0.05 62.30 -16.42
CA LEU F 199 0.04 61.18 -15.53
C LEU F 199 -1.18 60.31 -15.72
N TRP F 200 -1.46 59.92 -16.96
CA TRP F 200 -2.43 58.82 -17.20
C TRP F 200 -2.01 57.96 -18.39
N SER F 201 -1.30 58.60 -19.33
CA SER F 201 -1.03 58.03 -20.65
C SER F 201 0.15 57.05 -20.65
N ASP F 202 -0.05 55.88 -21.23
CA ASP F 202 1.02 54.90 -21.41
C ASP F 202 1.51 54.95 -22.86
N PRO F 203 2.79 54.57 -23.09
CA PRO F 203 3.27 54.37 -24.46
C PRO F 203 2.83 53.01 -24.99
N ASP F 204 2.50 52.94 -26.29
CA ASP F 204 2.20 51.64 -26.85
C ASP F 204 2.93 51.35 -28.14
N ASP F 205 2.65 50.17 -28.69
CA ASP F 205 3.27 49.68 -29.91
C ASP F 205 2.43 50.11 -31.11
N ARG F 206 1.60 51.13 -30.93
CA ARG F 206 0.72 51.57 -32.00
C ARG F 206 1.35 52.57 -32.99
N GLY F 207 1.64 53.80 -32.54
CA GLY F 207 2.22 54.78 -33.45
C GLY F 207 1.28 55.92 -33.83
N GLY F 208 1.76 57.14 -33.61
CA GLY F 208 0.89 58.31 -33.49
C GLY F 208 0.39 58.35 -32.05
N TRP F 209 -0.55 59.25 -31.79
CA TRP F 209 -1.30 59.23 -30.55
C TRP F 209 -2.44 58.28 -30.76
N GLY F 210 -2.89 57.65 -29.68
CA GLY F 210 -4.03 56.74 -29.77
C GLY F 210 -4.96 56.82 -28.58
N ILE F 211 -6.20 56.37 -28.77
CA ILE F 211 -7.16 56.36 -27.68
C ILE F 211 -6.80 55.38 -26.56
N SER F 212 -6.44 55.92 -25.39
CA SER F 212 -6.04 55.12 -24.23
C SER F 212 -7.17 54.25 -23.77
N PRO F 213 -6.86 52.99 -23.43
CA PRO F 213 -7.89 52.06 -22.96
C PRO F 213 -8.28 52.31 -21.50
N ARG F 214 -7.45 53.03 -20.76
CA ARG F 214 -7.79 53.44 -19.40
C ARG F 214 -9.02 54.28 -19.38
N GLY F 215 -9.06 55.29 -20.25
CA GLY F 215 -10.23 56.17 -20.35
C GLY F 215 -9.90 57.55 -19.86
N ALA F 216 -8.62 57.88 -19.99
CA ALA F 216 -8.09 59.19 -19.67
C ALA F 216 -6.67 59.09 -20.16
N GLY F 217 -6.18 60.14 -20.79
CA GLY F 217 -4.83 60.07 -21.33
C GLY F 217 -4.82 59.45 -22.72
N TYR F 218 -3.63 59.37 -23.31
CA TYR F 218 -3.50 58.88 -24.67
C TYR F 218 -2.42 57.82 -24.70
N THR F 219 -2.54 56.89 -25.62
CA THR F 219 -1.43 56.01 -25.87
C THR F 219 -0.53 56.76 -26.87
N PHE F 220 0.79 56.74 -26.62
CA PHE F 220 1.74 57.33 -27.57
C PHE F 220 2.72 56.33 -28.14
N GLY F 221 2.82 56.32 -29.46
CA GLY F 221 3.76 55.45 -30.18
C GLY F 221 5.18 55.94 -30.06
N GLN F 222 6.11 55.12 -30.52
CA GLN F 222 7.51 55.49 -30.50
C GLN F 222 7.71 56.75 -31.30
N ASP F 223 7.23 56.76 -32.55
CA ASP F 223 7.49 57.87 -33.45
C ASP F 223 7.30 59.20 -32.74
N ILE F 224 6.27 59.27 -31.90
CA ILE F 224 6.07 60.42 -31.03
C ILE F 224 7.19 60.56 -30.00
N SER F 225 7.32 59.64 -29.05
CA SER F 225 8.27 59.83 -27.96
C SER F 225 9.67 60.02 -28.48
N GLU F 226 9.94 59.49 -29.65
CA GLU F 226 11.20 59.66 -30.31
C GLU F 226 11.33 61.13 -30.70
N THR F 227 10.23 61.67 -31.20
CA THR F 227 10.15 63.02 -31.73
C THR F 227 10.13 64.05 -30.60
N PHE F 228 9.68 63.63 -29.42
CA PHE F 228 9.61 64.49 -28.25
C PHE F 228 10.94 64.58 -27.55
N ASN F 229 11.71 63.50 -27.56
CA ASN F 229 13.02 63.48 -26.93
C ASN F 229 13.93 64.45 -27.62
N HIS F 230 14.11 64.24 -28.92
CA HIS F 230 14.69 65.25 -29.77
C HIS F 230 13.76 66.44 -29.65
N ALA F 231 14.29 67.66 -29.83
CA ALA F 231 13.53 68.88 -29.57
C ALA F 231 13.00 68.90 -28.13
N ASN F 232 13.91 68.55 -27.22
CA ASN F 232 13.77 68.69 -25.78
C ASN F 232 15.08 68.28 -25.12
N GLY F 233 16.13 68.14 -25.93
CA GLY F 233 17.46 67.73 -25.49
C GLY F 233 17.51 66.46 -24.64
N LEU F 234 16.34 65.93 -24.26
CA LEU F 234 16.26 64.72 -23.45
C LEU F 234 16.89 63.53 -24.15
N THR F 235 17.17 62.50 -23.38
CA THR F 235 17.84 61.35 -23.90
C THR F 235 17.14 60.11 -23.39
N LEU F 236 16.09 60.31 -22.58
CA LEU F 236 15.28 59.22 -22.04
C LEU F 236 14.06 59.74 -21.28
N VAL F 237 12.92 59.10 -21.50
CA VAL F 237 11.72 59.35 -20.71
C VAL F 237 11.54 58.23 -19.66
N SER F 238 11.71 58.57 -18.39
CA SER F 238 11.56 57.57 -17.32
C SER F 238 10.19 57.64 -16.70
N ARG F 239 9.42 56.58 -16.86
CA ARG F 239 8.02 56.59 -16.46
C ARG F 239 7.71 55.48 -15.43
N ALA F 240 6.42 55.23 -15.18
CA ALA F 240 5.98 54.23 -14.22
C ALA F 240 4.55 53.89 -14.59
N HIS F 241 3.59 54.06 -13.67
CA HIS F 241 2.15 54.06 -13.97
C HIS F 241 1.61 52.76 -14.53
N GLN F 242 2.46 51.99 -15.19
CA GLN F 242 2.06 50.81 -15.94
C GLN F 242 2.82 49.61 -15.42
N LEU F 243 2.13 48.55 -14.98
CA LEU F 243 2.82 47.41 -14.35
C LEU F 243 3.56 46.62 -15.40
N VAL F 244 4.85 46.45 -15.19
CA VAL F 244 5.67 45.67 -16.08
C VAL F 244 6.25 44.48 -15.33
N MET F 245 5.80 43.30 -15.74
CA MET F 245 6.10 42.03 -15.06
C MET F 245 7.53 41.86 -14.60
N GLU F 246 8.48 42.02 -15.51
CA GLU F 246 9.91 41.80 -15.19
C GLU F 246 10.56 43.04 -14.60
N GLY F 247 9.85 43.71 -13.70
CA GLY F 247 10.39 44.84 -12.96
C GLY F 247 10.28 46.16 -13.68
N TYR F 248 10.78 46.20 -14.89
CA TYR F 248 10.88 47.44 -15.62
C TYR F 248 11.00 47.15 -17.11
N ASN F 249 10.35 47.96 -17.94
CA ASN F 249 10.40 47.71 -19.36
C ASN F 249 11.25 48.70 -20.09
N TRP F 250 11.99 48.21 -21.07
CA TRP F 250 12.92 49.06 -21.79
C TRP F 250 12.33 49.51 -23.14
N CYS F 251 11.03 49.28 -23.28
CA CYS F 251 10.18 50.04 -24.20
C CYS F 251 10.78 50.62 -25.50
N HIS F 252 10.38 51.84 -25.86
CA HIS F 252 10.33 52.26 -27.29
C HIS F 252 11.47 51.80 -28.20
N ASP F 253 12.39 52.68 -28.56
CA ASP F 253 13.65 52.19 -29.04
C ASP F 253 14.33 51.94 -27.72
N ARG F 254 14.92 52.99 -27.17
CA ARG F 254 15.10 53.10 -25.73
C ARG F 254 15.00 54.59 -25.44
N ASN F 255 13.88 55.15 -25.89
CA ASN F 255 13.49 56.52 -25.64
C ASN F 255 12.59 56.63 -24.42
N VAL F 256 12.02 55.50 -24.02
CA VAL F 256 11.07 55.47 -22.92
C VAL F 256 11.42 54.25 -22.08
N VAL F 257 11.52 54.43 -20.77
CA VAL F 257 11.69 53.31 -19.85
C VAL F 257 10.66 53.38 -18.74
N THR F 258 9.97 52.26 -18.52
CA THR F 258 8.97 52.13 -17.46
C THR F 258 9.59 51.45 -16.25
N ILE F 259 9.38 51.99 -15.06
CA ILE F 259 9.91 51.40 -13.86
C ILE F 259 8.75 51.12 -12.92
N PHE F 260 8.70 49.92 -12.35
CA PHE F 260 7.61 49.58 -11.46
C PHE F 260 8.16 49.02 -10.16
N SER F 261 7.83 49.67 -9.04
CA SER F 261 8.47 49.38 -7.75
C SER F 261 7.58 48.66 -6.74
N ALA F 262 6.48 48.07 -7.20
CA ALA F 262 5.61 47.30 -6.31
C ALA F 262 5.46 45.89 -6.83
N PRO F 263 6.01 44.91 -6.11
CA PRO F 263 6.00 43.52 -6.51
C PRO F 263 4.63 42.86 -6.35
N ASN F 264 4.60 41.53 -6.38
CA ASN F 264 3.35 40.79 -6.19
C ASN F 264 2.72 40.99 -4.82
N TYR F 265 1.40 40.81 -4.78
CA TYR F 265 0.57 40.36 -3.60
C TYR F 265 -0.92 40.67 -3.77
N CYS F 266 -1.30 41.95 -3.64
CA CYS F 266 -2.52 42.45 -4.26
C CYS F 266 -2.22 43.62 -5.22
N TYR F 267 -0.93 43.85 -5.45
CA TYR F 267 -0.46 43.84 -6.83
C TYR F 267 -0.06 42.39 -7.04
N ARG F 268 -1.14 41.60 -7.25
CA ARG F 268 -1.29 40.17 -7.03
C ARG F 268 -0.80 39.37 -8.22
N CYS F 269 -1.22 39.80 -9.40
CA CYS F 269 -0.55 39.48 -10.64
C CYS F 269 0.96 39.41 -10.36
N GLY F 270 1.49 38.20 -10.33
CA GLY F 270 2.83 37.94 -9.79
C GLY F 270 4.03 38.57 -10.50
N ASN F 271 4.09 39.91 -10.50
CA ASN F 271 5.16 40.61 -11.18
C ASN F 271 6.49 40.56 -10.43
N GLN F 272 7.26 41.63 -10.54
CA GLN F 272 8.60 41.75 -9.99
C GLN F 272 8.91 43.23 -10.08
N ALA F 273 9.45 43.80 -9.01
CA ALA F 273 9.66 45.23 -8.99
C ALA F 273 11.06 45.55 -9.44
N ALA F 274 11.29 46.77 -9.90
CA ALA F 274 12.66 47.23 -10.16
C ALA F 274 12.86 48.68 -9.78
N ILE F 275 14.12 49.08 -9.65
CA ILE F 275 14.44 50.50 -9.54
C ILE F 275 15.64 50.81 -10.43
N MET F 276 15.83 52.09 -10.70
CA MET F 276 16.86 52.54 -11.61
C MET F 276 17.88 53.46 -10.93
N GLU F 277 19.08 52.96 -10.77
CA GLU F 277 20.11 53.78 -10.21
C GLU F 277 20.79 54.50 -11.35
N LEU F 278 20.68 55.83 -11.33
CA LEU F 278 21.51 56.72 -12.15
C LEU F 278 22.65 57.24 -11.28
N ASP F 279 23.88 56.93 -11.67
CA ASP F 279 25.06 57.22 -10.87
C ASP F 279 25.59 58.65 -11.06
N ASP F 280 26.67 58.97 -10.36
CA ASP F 280 27.31 60.29 -10.39
C ASP F 280 27.45 60.93 -11.80
N THR F 281 27.56 60.07 -12.82
CA THR F 281 27.80 60.52 -14.19
C THR F 281 26.71 60.02 -15.18
N LEU F 282 25.51 59.87 -14.64
CA LEU F 282 24.28 59.63 -15.40
C LEU F 282 24.20 58.29 -16.18
N LYS F 283 25.20 57.43 -15.97
CA LYS F 283 25.14 56.04 -16.40
C LYS F 283 24.00 55.38 -15.64
N TYR F 284 23.15 54.63 -16.34
CA TYR F 284 22.01 53.97 -15.68
C TYR F 284 22.25 52.50 -15.34
N SER F 285 21.62 52.03 -14.25
CA SER F 285 21.68 50.63 -13.83
C SER F 285 20.38 50.19 -13.14
N PHE F 286 19.91 48.98 -13.45
CA PHE F 286 18.62 48.54 -12.89
C PHE F 286 18.78 47.48 -11.82
N LEU F 287 18.20 47.71 -10.66
CA LEU F 287 18.05 46.65 -9.66
C LEU F 287 16.62 46.20 -9.69
N GLN F 288 16.42 44.89 -9.86
CA GLN F 288 15.11 44.27 -9.77
C GLN F 288 14.92 43.68 -8.39
N PHE F 289 13.68 43.32 -8.06
CA PHE F 289 13.44 42.58 -6.84
C PHE F 289 12.00 42.11 -6.64
N ASP F 290 11.89 40.88 -6.15
CA ASP F 290 10.64 40.28 -5.75
C ASP F 290 10.32 40.78 -4.36
N PRO F 291 9.13 40.44 -3.85
CA PRO F 291 8.59 41.06 -2.67
C PRO F 291 9.11 40.48 -1.36
N ALA F 292 9.19 41.34 -0.34
CA ALA F 292 9.60 41.00 1.01
C ALA F 292 8.90 39.77 1.55
N PRO F 293 9.62 39.00 2.39
CA PRO F 293 9.11 37.76 2.97
C PRO F 293 8.02 38.00 4.02
N ARG F 294 7.26 36.95 4.33
CA ARG F 294 6.11 37.04 5.23
C ARG F 294 6.42 37.81 6.53
N DAL G 1 -9.92 -49.08 5.16
CA DAL G 1 -10.76 -47.85 5.08
CB DAL G 1 -12.19 -48.18 5.43
C DAL G 1 -10.69 -47.11 3.74
O DAL G 1 -11.53 -46.22 3.51
N LEU G 2 -9.75 -47.42 2.86
CA LEU G 2 -9.70 -46.61 1.64
C LEU G 2 -10.65 -47.01 0.50
C ACB G 3 -12.01 -49.40 -1.09
O ACB G 3 -11.07 -50.21 -0.62
OXT ACB G 3 -12.65 -49.58 -2.23
CA ACB G 3 -12.40 -48.17 -0.23
N ACB G 3 -11.62 -48.05 1.01
CB ACB G 3 -13.88 -48.28 0.13
CG ACB G 3 -14.11 -49.69 0.67
OD1 ACB G 3 -13.43 -49.99 1.71
C4 ACB G 3 -14.23 -47.24 1.18
N ARG G 4 -14.87 -50.50 0.11
CA ARG G 4 -14.48 -51.74 0.81
C ARG G 4 -14.23 -52.96 -0.08
C1 1ZN G 5 -19.91 -56.58 -8.92
O1 1ZN G 5 -19.01 -55.47 -8.76
C2 1ZN G 5 -18.13 -55.63 -7.64
C3 1ZN G 5 -16.68 -55.69 -8.16
C4 1ZN G 5 -16.54 -56.61 -9.34
C5 1ZN G 5 -16.25 -56.09 -10.60
C6 1ZN G 5 -16.12 -56.98 -11.66
C7 1ZN G 5 -16.29 -58.35 -11.48
C8 1ZN G 5 -16.60 -58.85 -10.22
C9 1ZN G 5 -16.73 -57.97 -9.15
C10 1ZN G 5 -18.30 -54.45 -6.68
C11 1ZN G 5 -19.76 -54.32 -6.24
C12 1ZN G 5 -17.32 -54.52 -5.50
C13 1ZN G 5 -16.29 -53.65 -5.49
C14 1ZN G 5 -16.15 -52.68 -6.65
C15 1ZN G 5 -15.35 -53.54 -4.64
C16 1ZN G 5 -14.57 -52.91 -3.81
CA 1ZN G 5 -13.67 -53.55 -2.76
N 1ZN G 5 -14.16 -53.13 -1.43
C18 1ZN G 5 -12.25 -53.01 -2.93
C19 1ZN G 5 -11.63 -53.35 -4.28
C 1ZN G 5 -11.33 -53.53 -1.82
O 1ZN G 5 -11.21 -54.74 -1.63
N FGA G 6 -11.07 -52.47 -1.19
CA FGA G 6 -10.23 -52.85 -0.07
C FGA G 6 -8.83 -53.16 -0.55
O FGA G 6 -8.36 -54.27 -0.16
CB FGA G 6 -10.19 -51.79 1.05
CG FGA G 6 -9.20 -52.31 2.12
CD FGA G 6 -8.61 -51.23 3.01
OE2 FGA G 6 -8.38 -50.11 2.53
OXT FGA G 6 -8.23 -52.35 -1.30
N DAM G 7 -8.62 -51.41 4.28
CM DAM G 7 -9.62 -52.29 4.92
CA DAM G 7 -7.99 -50.48 5.04
CB DAM G 7 -6.75 -50.69 5.43
C DAM G 7 -8.69 -49.23 5.45
O DAM G 7 -8.12 -48.14 5.31
N DAL H 1 -5.26 42.98 -14.39
CA DAL H 1 -6.65 42.41 -14.40
CB DAL H 1 -7.35 42.69 -15.70
C DAL H 1 -7.53 42.84 -13.22
O DAL H 1 -7.73 42.05 -12.30
N LEU H 2 -8.05 44.08 -13.25
CA LEU H 2 -9.13 44.64 -12.36
C LEU H 2 -8.64 45.79 -11.48
C ACB H 3 -11.47 48.64 -14.16
O ACB H 3 -11.77 49.53 -13.20
OXT ACB H 3 -11.47 48.95 -15.46
CA ACB H 3 -11.12 47.18 -13.74
N ACB H 3 -10.72 47.19 -12.33
CB ACB H 3 -9.97 46.63 -14.58
CG ACB H 3 -8.81 47.64 -14.45
OD1 ACB H 3 -8.64 48.29 -13.37
C4 ACB H 3 -9.59 45.23 -14.05
N ARG H 4 -9.01 47.99 -15.72
CA ARG H 4 -8.00 48.72 -16.51
C ARG H 4 -7.65 50.13 -16.00
C1 1ZN H 5 -12.33 60.03 -15.86
O1 1ZN H 5 -12.40 58.84 -15.07
C2 1ZN H 5 -11.24 58.04 -15.26
C3 1ZN H 5 -10.28 58.12 -14.07
C4 1ZN H 5 -9.89 59.54 -13.72
C5 1ZN H 5 -10.42 60.17 -12.58
C6 1ZN H 5 -10.05 61.48 -12.28
C7 1ZN H 5 -9.15 62.17 -13.10
C8 1ZN H 5 -8.63 61.54 -14.23
C9 1ZN H 5 -9.00 60.23 -14.54
C10 1ZN H 5 -11.78 56.62 -15.46
C11 1ZN H 5 -12.59 56.65 -16.74
C12 1ZN H 5 -10.72 55.53 -15.52
C13 1ZN H 5 -10.51 54.80 -14.41
C14 1ZN H 5 -11.31 55.07 -13.17
C15 1ZN H 5 -9.68 53.87 -14.27
C16 1ZN H 5 -9.08 52.80 -13.92
CA 1ZN H 5 -7.82 52.18 -14.47
N 1ZN H 5 -8.26 50.98 -15.16
C18 1ZN H 5 -6.98 51.79 -13.25
C19 1ZN H 5 -6.67 53.05 -12.42
C 1ZN H 5 -5.69 51.04 -13.56
O 1ZN H 5 -4.64 51.64 -13.79
N FGA H 6 -5.80 49.89 -13.01
CA FGA H 6 -4.72 48.99 -13.35
C FGA H 6 -3.62 49.10 -12.34
O FGA H 6 -2.47 49.33 -12.78
CB FGA H 6 -5.11 47.51 -13.42
CG FGA H 6 -3.88 46.74 -13.98
CD FGA H 6 -3.47 45.46 -13.25
OE2 FGA H 6 -4.07 45.12 -12.22
OXT FGA H 6 -3.91 48.94 -11.12
N DAM H 7 -2.96 44.64 -14.11
CM DAM H 7 -2.59 44.79 -15.53
CA DAM H 7 -3.03 43.39 -13.64
CB DAM H 7 -1.90 42.83 -13.22
C DAM H 7 -4.32 42.63 -13.60
O DAM H 7 -4.45 41.80 -12.70
MN MN I . -6.76 -57.12 -2.60
MN MN J . -7.69 -59.21 -3.84
MN MN K . -0.40 52.53 -10.63
MN MN L . -0.33 54.97 -12.42
#